data_6NS6
#
_entry.id   6NS6
#
_cell.length_a   73.007
_cell.length_b   94.769
_cell.length_c   105.076
_cell.angle_alpha   90.00
_cell.angle_beta   106.16
_cell.angle_gamma   90.00
#
_symmetry.space_group_name_H-M   'P 1 21 1'
#
loop_
_entity.id
_entity.type
_entity.pdbx_description
1 polymer lipoxygenase
2 non-polymer 'FE (II) ION'
3 water water
#
_entity_poly.entity_id   1
_entity_poly.type   'polypeptide(L)'
_entity_poly.pdbx_seq_one_letter_code
;MGRDPNSSSVDKLAAALEHHHHHHMSAVASHVVPPRSKLDSILSSGLEHNIDHDPLEVWDKGVFLNELLKQGIALSTNEN
GTLDGELVADEGLKKGSYKGTRLALTEIYSILEDAAVSHFDKRGYEPIFPVKRELDLKKRIYQWSDGTDGYPPHLKVDGN
DEANLPADERQSKPGSARSEGVGQIFDMQETAFVSKIAQAVSFIIPKDIDHENTPYKGPTLADVEKFNKAQFPKTDGDAS
NQDNLNKAADIMKGRNIGEYDDWYSDARFAQQHFSGVNPSTIETASQDKIKEYISEAQKQGLDKVKAILEDGKDILIQDY
SYFREATGATNEQIFQNTVYELKGTTPTGKTTSRYAAASVVIFQLHEDGRLHPLAITLDYKGSLDNSITIFNRRLSPDDT
CDIAEKEDWPWRYAKTVAQTADWARHEVATHLVDTHMIEEAIIVATNRIIPEGELLYEILSPHWFRTLSLNAAARKLLVP
GVIARIAGFGPTSPSLDFKGNNAFKLIDWSYKNFNFQDKYIPNDLKKRGFDIKGDKSGKYKNYPYANDMYLLWGIIRNFV
KTVIESQYTSDHVVQKDPYIGGWCKEIQTNGQIPTFPTITTVEQLIDAVTMCIHTASPQHTAVNYLQDYYYSFVPAKPPA
LCTPLPQDLSALQGYTEKDLTAALPIGTEDMKWKDWLLAAQLPELLSYKVQQDYNLITYAKSLYNVNKNRTITENTKFNC
KTIKKAAADFYSHLKSAGVEFENYSKGQTAGTVEYPVLQPETTAISILI
;
_entity_poly.pdbx_strand_id   A,B
#
loop_
_chem_comp.id
_chem_comp.type
_chem_comp.name
_chem_comp.formula
FE2 non-polymer 'FE (II) ION' 'Fe 2'
#
# COMPACT_ATOMS: atom_id res chain seq x y z
N VAL A 33 -28.51 26.23 -18.30
CA VAL A 33 -27.11 26.68 -18.04
C VAL A 33 -26.14 25.65 -18.63
N PRO A 34 -25.67 25.83 -19.88
CA PRO A 34 -24.87 24.80 -20.54
C PRO A 34 -23.46 24.64 -19.97
N PRO A 35 -22.76 23.52 -20.30
CA PRO A 35 -21.35 23.32 -19.93
C PRO A 35 -20.42 24.47 -20.33
N ARG A 36 -20.65 25.07 -21.51
CA ARG A 36 -19.96 26.30 -21.98
C ARG A 36 -19.83 27.26 -20.80
N SER A 37 -20.97 27.69 -20.24
CA SER A 37 -21.09 28.64 -19.10
C SER A 37 -20.44 28.02 -17.85
N LYS A 38 -20.87 26.80 -17.48
CA LYS A 38 -20.48 26.11 -16.23
C LYS A 38 -18.95 26.18 -16.07
N LEU A 39 -18.23 25.96 -17.17
CA LEU A 39 -16.74 26.02 -17.21
C LEU A 39 -16.30 27.48 -17.01
N ASP A 40 -16.84 28.39 -17.81
CA ASP A 40 -16.44 29.83 -17.80
C ASP A 40 -16.69 30.41 -16.40
N SER A 41 -17.89 30.20 -15.85
CA SER A 41 -18.31 30.75 -14.53
C SER A 41 -17.48 30.15 -13.39
N ILE A 42 -16.67 29.12 -13.68
CA ILE A 42 -15.70 28.54 -12.71
C ILE A 42 -14.31 29.15 -12.94
N LEU A 43 -13.90 29.31 -14.21
CA LEU A 43 -12.62 29.96 -14.55
C LEU A 43 -12.71 31.46 -14.23
N SER A 44 -13.74 32.13 -14.74
CA SER A 44 -14.02 33.58 -14.50
C SER A 44 -13.97 33.90 -13.01
N SER A 45 -14.89 33.31 -12.24
CA SER A 45 -15.18 33.63 -10.81
C SER A 45 -13.93 33.44 -9.93
N GLY A 46 -13.88 34.16 -8.81
CA GLY A 46 -12.89 33.96 -7.75
C GLY A 46 -12.97 32.56 -7.20
N LEU A 47 -11.83 32.00 -6.77
CA LEU A 47 -11.71 30.60 -6.27
C LEU A 47 -12.68 30.37 -5.11
N GLU A 48 -13.56 29.37 -5.25
CA GLU A 48 -14.57 29.02 -4.22
C GLU A 48 -13.89 28.30 -3.05
N HIS A 49 -12.74 27.64 -3.29
CA HIS A 49 -12.04 26.77 -2.31
C HIS A 49 -10.58 27.20 -2.18
N ASN A 50 -10.12 27.44 -0.94
CA ASN A 50 -8.74 27.88 -0.61
C ASN A 50 -7.88 26.64 -0.33
N ILE A 51 -6.87 26.40 -1.16
CA ILE A 51 -5.98 25.20 -1.06
C ILE A 51 -5.38 25.10 0.34
N ASP A 52 -5.19 26.24 1.03
CA ASP A 52 -4.51 26.31 2.35
C ASP A 52 -5.40 25.75 3.46
N HIS A 53 -6.73 25.82 3.31
CA HIS A 53 -7.69 25.23 4.29
C HIS A 53 -7.56 23.70 4.31
N ASP A 54 -7.21 23.09 3.16
CA ASP A 54 -7.00 21.63 3.01
C ASP A 54 -5.50 21.34 3.17
N PRO A 55 -5.07 20.79 4.33
CA PRO A 55 -3.65 20.47 4.53
C PRO A 55 -3.19 19.25 3.70
N LEU A 56 -1.94 19.26 3.23
CA LEU A 56 -1.33 18.15 2.46
C LEU A 56 -1.06 16.96 3.38
N GLU A 57 -1.76 15.84 3.15
CA GLU A 57 -1.73 14.63 4.01
C GLU A 57 -0.69 13.65 3.46
N VAL A 58 -0.66 13.43 2.15
CA VAL A 58 0.29 12.50 1.46
C VAL A 58 0.69 13.05 0.10
N TRP A 59 1.89 12.70 -0.36
CA TRP A 59 2.56 13.24 -1.56
C TRP A 59 2.08 12.53 -2.83
N ASP A 60 1.95 13.27 -3.94
CA ASP A 60 2.07 12.70 -5.29
C ASP A 60 3.54 12.30 -5.46
N LYS A 61 3.81 10.99 -5.49
CA LYS A 61 5.18 10.43 -5.55
C LYS A 61 5.91 11.00 -6.76
N GLY A 62 5.19 11.25 -7.84
CA GLY A 62 5.72 11.80 -9.10
C GLY A 62 6.17 13.23 -8.95
N VAL A 63 5.33 14.08 -8.35
CA VAL A 63 5.66 15.50 -8.00
C VAL A 63 6.91 15.51 -7.12
N PHE A 64 6.92 14.65 -6.11
CA PHE A 64 7.96 14.60 -5.05
C PHE A 64 9.28 14.05 -5.61
N LEU A 65 9.23 13.19 -6.63
CA LEU A 65 10.46 12.70 -7.28
C LEU A 65 11.06 13.85 -8.10
N ASN A 66 10.21 14.67 -8.74
CA ASN A 66 10.62 15.90 -9.46
C ASN A 66 11.33 16.86 -8.49
N GLU A 67 10.80 17.02 -7.28
CA GLU A 67 11.32 18.01 -6.31
C GLU A 67 12.68 17.53 -5.79
N LEU A 68 12.81 16.24 -5.45
CA LEU A 68 14.10 15.66 -5.00
C LEU A 68 15.15 15.81 -6.10
N LEU A 69 14.74 15.79 -7.37
CA LEU A 69 15.65 16.01 -8.53
C LEU A 69 15.92 17.52 -8.66
N LYS A 70 14.85 18.32 -8.71
CA LYS A 70 14.92 19.81 -8.75
C LYS A 70 15.93 20.31 -7.71
N GLN A 71 15.88 19.76 -6.50
CA GLN A 71 16.72 20.22 -5.35
C GLN A 71 18.07 19.48 -5.35
N GLY A 72 18.30 18.57 -6.29
CA GLY A 72 19.57 17.84 -6.46
C GLY A 72 19.81 16.83 -5.34
N ILE A 73 18.75 16.42 -4.63
CA ILE A 73 18.80 15.28 -3.67
C ILE A 73 18.59 14.00 -4.49
N ALA A 74 19.67 13.55 -5.15
CA ALA A 74 19.67 12.39 -6.07
C ALA A 74 21.09 11.85 -6.19
N LEU A 75 21.26 10.65 -6.73
CA LEU A 75 22.59 10.03 -6.96
C LEU A 75 23.18 10.62 -8.26
N SER A 76 24.41 11.10 -8.20
CA SER A 76 25.16 11.64 -9.36
C SER A 76 25.81 10.47 -10.12
N THR A 77 26.00 10.62 -11.44
CA THR A 77 26.57 9.58 -12.33
C THR A 77 27.50 10.21 -13.38
N ASN A 78 28.49 9.42 -13.82
CA ASN A 78 29.52 9.84 -14.81
C ASN A 78 28.95 9.69 -16.24
N GLU A 79 29.75 10.06 -17.23
CA GLU A 79 29.48 9.84 -18.68
C GLU A 79 28.97 8.40 -18.87
N ASN A 80 29.73 7.42 -18.38
CA ASN A 80 29.45 5.97 -18.58
C ASN A 80 28.23 5.53 -17.76
N GLY A 81 27.69 6.38 -16.88
CA GLY A 81 26.38 6.19 -16.24
C GLY A 81 26.45 5.36 -14.95
N THR A 82 27.65 5.03 -14.49
CA THR A 82 27.90 4.32 -13.20
C THR A 82 27.86 5.35 -12.06
N LEU A 83 27.62 4.90 -10.82
CA LEU A 83 27.46 5.78 -9.63
C LEU A 83 28.80 6.40 -9.24
N ASP A 84 28.77 7.67 -8.82
CA ASP A 84 29.91 8.38 -8.18
C ASP A 84 30.16 7.77 -6.80
N GLY A 85 29.14 7.78 -5.95
CA GLY A 85 29.24 7.55 -4.50
C GLY A 85 28.90 8.82 -3.76
N GLU A 86 28.90 9.96 -4.46
CA GLU A 86 28.41 11.27 -3.95
C GLU A 86 27.05 11.58 -4.56
N LEU A 87 26.34 12.53 -3.96
CA LEU A 87 25.01 13.04 -4.44
C LEU A 87 25.25 14.17 -5.44
N VAL A 88 24.17 14.63 -6.09
CA VAL A 88 24.22 15.70 -7.12
C VAL A 88 24.54 17.03 -6.41
N ALA A 89 23.66 17.49 -5.52
CA ALA A 89 23.82 18.76 -4.78
C ALA A 89 24.97 18.62 -3.77
N ASP A 90 25.78 19.66 -3.61
CA ASP A 90 26.92 19.70 -2.64
C ASP A 90 26.39 20.10 -1.26
N GLU A 91 25.37 20.97 -1.22
CA GLU A 91 24.80 21.55 0.03
C GLU A 91 23.34 21.15 0.17
N GLY A 92 22.78 21.33 1.38
CA GLY A 92 21.40 20.95 1.73
C GLY A 92 20.38 22.01 1.34
N LEU A 93 19.19 21.94 1.93
CA LEU A 93 18.08 22.90 1.70
C LEU A 93 18.26 24.09 2.64
N LYS A 94 17.83 25.28 2.21
CA LYS A 94 17.99 26.54 2.98
C LYS A 94 16.82 26.71 3.96
N LYS A 95 15.62 27.02 3.45
CA LYS A 95 14.43 27.18 4.32
C LYS A 95 13.40 26.10 3.99
N GLY A 96 12.59 25.72 4.99
CA GLY A 96 11.45 24.80 4.87
C GLY A 96 10.44 25.02 5.98
N SER A 97 9.38 24.22 6.01
CA SER A 97 8.34 24.21 7.07
C SER A 97 8.45 22.90 7.87
N TYR A 98 8.24 22.96 9.19
CA TYR A 98 8.10 21.77 10.05
C TYR A 98 7.12 20.79 9.39
N LYS A 99 5.89 21.26 9.13
CA LYS A 99 4.81 20.51 8.46
C LYS A 99 5.34 19.87 7.16
N GLY A 100 5.98 20.67 6.30
CA GLY A 100 6.47 20.24 4.97
C GLY A 100 7.64 19.28 5.07
N THR A 101 8.56 19.51 5.99
CA THR A 101 9.81 18.71 6.17
C THR A 101 9.47 17.37 6.84
N ARG A 102 8.56 17.41 7.82
CA ARG A 102 8.01 16.20 8.48
C ARG A 102 7.49 15.25 7.41
N LEU A 103 6.70 15.77 6.47
CA LEU A 103 6.17 14.97 5.34
C LEU A 103 7.32 14.49 4.46
N ALA A 104 8.26 15.38 4.12
CA ALA A 104 9.37 15.08 3.18
C ALA A 104 10.25 13.95 3.73
N LEU A 105 10.43 13.86 5.05
CA LEU A 105 11.22 12.76 5.67
C LEU A 105 10.41 11.46 5.57
N THR A 106 9.16 11.48 6.04
CA THR A 106 8.22 10.33 5.99
C THR A 106 8.39 9.68 4.60
N GLU A 107 8.26 10.48 3.55
CA GLU A 107 8.29 10.02 2.14
C GLU A 107 9.68 9.49 1.78
N ILE A 108 10.73 10.32 1.85
CA ILE A 108 12.09 9.89 1.43
C ILE A 108 12.40 8.54 2.11
N TYR A 109 12.00 8.36 3.38
CA TYR A 109 12.28 7.11 4.13
C TYR A 109 11.49 5.95 3.53
N SER A 110 10.26 6.18 3.07
CA SER A 110 9.43 5.17 2.37
C SER A 110 10.16 4.77 1.08
N ILE A 111 10.56 5.75 0.27
CA ILE A 111 11.27 5.51 -1.02
C ILE A 111 12.51 4.65 -0.74
N LEU A 112 13.17 4.93 0.38
CA LEU A 112 14.40 4.22 0.79
C LEU A 112 14.09 2.75 1.08
N GLU A 113 12.94 2.47 1.71
CA GLU A 113 12.53 1.08 2.06
C GLU A 113 12.14 0.36 0.77
N ASP A 114 11.50 1.05 -0.18
CA ASP A 114 11.17 0.50 -1.51
C ASP A 114 12.47 0.08 -2.19
N ALA A 115 13.46 0.98 -2.22
CA ALA A 115 14.81 0.71 -2.76
C ALA A 115 15.36 -0.58 -2.14
N ALA A 116 15.31 -0.67 -0.80
CA ALA A 116 15.85 -1.81 -0.01
C ALA A 116 15.17 -3.10 -0.45
N VAL A 117 13.85 -3.07 -0.65
CA VAL A 117 13.02 -4.24 -1.04
C VAL A 117 13.44 -4.69 -2.45
N SER A 118 13.53 -3.74 -3.39
CA SER A 118 13.91 -4.00 -4.81
C SER A 118 15.33 -4.57 -4.87
N HIS A 119 16.18 -4.16 -3.93
CA HIS A 119 17.60 -4.60 -3.88
C HIS A 119 17.66 -6.06 -3.42
N PHE A 120 17.05 -6.35 -2.27
CA PHE A 120 17.02 -7.70 -1.65
C PHE A 120 16.31 -8.67 -2.59
N ASP A 121 15.50 -8.15 -3.51
CA ASP A 121 14.89 -8.94 -4.61
C ASP A 121 15.98 -9.29 -5.61
N LYS A 122 16.74 -8.29 -6.07
CA LYS A 122 17.84 -8.45 -7.06
C LYS A 122 18.91 -9.39 -6.48
N ARG A 123 19.40 -9.11 -5.27
CA ARG A 123 20.43 -9.93 -4.57
C ARG A 123 19.83 -11.26 -4.10
N GLY A 124 18.51 -11.45 -4.26
CA GLY A 124 17.81 -12.70 -3.93
C GLY A 124 17.79 -12.99 -2.43
N TYR A 125 18.11 -12.00 -1.58
CA TYR A 125 18.05 -12.13 -0.11
C TYR A 125 16.60 -12.43 0.28
N GLU A 126 15.65 -11.67 -0.28
CA GLU A 126 14.19 -11.90 -0.17
C GLU A 126 13.58 -11.78 -1.56
N PRO A 127 13.48 -12.87 -2.36
CA PRO A 127 13.00 -12.76 -3.73
C PRO A 127 11.49 -12.50 -3.72
N ILE A 128 11.03 -11.55 -4.55
CA ILE A 128 9.60 -11.16 -4.70
C ILE A 128 8.84 -12.37 -5.25
N PHE A 129 9.22 -12.83 -6.45
CA PHE A 129 8.70 -14.08 -7.06
C PHE A 129 9.38 -15.26 -6.37
N PRO A 130 8.69 -16.39 -6.12
CA PRO A 130 9.29 -17.47 -5.35
C PRO A 130 10.36 -18.14 -6.23
N VAL A 131 11.33 -18.77 -5.58
CA VAL A 131 12.42 -19.54 -6.25
C VAL A 131 12.84 -20.66 -5.29
N LYS A 132 12.78 -21.92 -5.74
CA LYS A 132 13.34 -23.05 -4.98
C LYS A 132 14.87 -22.88 -4.99
N ARG A 133 15.48 -22.89 -3.81
CA ARG A 133 16.96 -22.85 -3.65
C ARG A 133 17.36 -23.90 -2.62
N GLU A 134 18.32 -24.76 -2.98
CA GLU A 134 18.85 -25.82 -2.10
C GLU A 134 19.68 -25.16 -0.99
N LEU A 135 19.51 -25.64 0.25
CA LEU A 135 20.28 -25.19 1.45
C LEU A 135 21.70 -24.80 1.05
N ASP A 136 22.38 -25.67 0.28
CA ASP A 136 23.80 -25.50 -0.14
C ASP A 136 23.98 -24.14 -0.81
N LEU A 137 22.98 -23.69 -1.60
CA LEU A 137 23.00 -22.37 -2.29
C LEU A 137 22.73 -21.25 -1.28
N LYS A 138 21.75 -21.41 -0.39
CA LYS A 138 21.27 -20.36 0.54
C LYS A 138 22.37 -19.98 1.53
N LYS A 139 23.34 -20.87 1.81
CA LYS A 139 24.53 -20.58 2.65
C LYS A 139 25.43 -19.58 1.91
N ARG A 140 25.43 -19.62 0.57
CA ARG A 140 26.27 -18.75 -0.28
C ARG A 140 25.58 -17.39 -0.49
N ILE A 141 24.28 -17.29 -0.23
CA ILE A 141 23.49 -16.04 -0.40
C ILE A 141 23.35 -15.34 0.97
N TYR A 142 22.86 -16.07 1.97
CA TYR A 142 22.61 -15.56 3.35
C TYR A 142 23.92 -15.66 4.13
N GLN A 143 24.73 -14.61 4.10
CA GLN A 143 26.08 -14.59 4.73
C GLN A 143 26.15 -13.46 5.77
N TRP A 144 26.86 -13.73 6.87
CA TRP A 144 26.97 -12.82 8.05
C TRP A 144 27.84 -11.59 7.73
N SER A 145 27.43 -10.42 8.20
CA SER A 145 28.29 -9.21 8.30
C SER A 145 29.38 -9.51 9.34
N ASP A 146 30.42 -8.66 9.38
CA ASP A 146 31.70 -8.93 10.08
C ASP A 146 31.92 -7.94 11.24
N GLY A 147 30.97 -7.03 11.48
CA GLY A 147 31.05 -6.05 12.59
C GLY A 147 31.64 -4.72 12.16
N THR A 148 32.32 -4.69 11.00
CA THR A 148 32.85 -3.47 10.34
C THR A 148 31.87 -2.29 10.52
N ASP A 149 30.60 -2.51 10.14
CA ASP A 149 29.50 -1.50 10.15
C ASP A 149 29.27 -0.93 11.56
N GLY A 150 29.68 -1.66 12.62
CA GLY A 150 29.51 -1.27 14.03
C GLY A 150 28.26 -1.90 14.62
N TYR A 151 27.53 -2.67 13.83
CA TYR A 151 26.29 -3.38 14.25
C TYR A 151 26.61 -4.82 14.62
N PRO A 152 25.67 -5.53 15.30
CA PRO A 152 25.84 -6.94 15.61
C PRO A 152 25.80 -7.84 14.38
N PRO A 153 25.85 -9.18 14.56
CA PRO A 153 25.85 -10.11 13.44
C PRO A 153 24.54 -10.09 12.65
N HIS A 154 24.56 -9.53 11.44
CA HIS A 154 23.36 -9.42 10.56
C HIS A 154 23.75 -9.76 9.13
N LEU A 155 22.76 -10.10 8.30
CA LEU A 155 22.91 -10.36 6.85
C LEU A 155 23.86 -9.32 6.24
N LYS A 156 24.81 -9.78 5.41
CA LYS A 156 25.73 -8.87 4.68
C LYS A 156 24.98 -8.24 3.52
N VAL A 157 25.36 -7.03 3.11
CA VAL A 157 24.63 -6.25 2.07
C VAL A 157 25.60 -5.88 0.95
N ASP A 158 25.34 -6.39 -0.26
CA ASP A 158 26.08 -6.05 -1.51
C ASP A 158 25.42 -4.82 -2.12
N SER A 195 25.90 6.16 5.30
CA SER A 195 26.55 7.49 5.35
C SER A 195 26.14 8.32 4.13
N LYS A 196 26.37 7.79 2.91
CA LYS A 196 26.05 8.48 1.62
C LYS A 196 24.56 8.82 1.58
N ILE A 197 23.69 7.93 2.07
CA ILE A 197 22.22 8.16 2.15
C ILE A 197 21.93 9.18 3.26
N ALA A 198 22.45 8.93 4.46
CA ALA A 198 22.28 9.79 5.66
C ALA A 198 22.52 11.25 5.28
N GLN A 199 23.39 11.49 4.29
CA GLN A 199 23.61 12.82 3.68
C GLN A 199 22.28 13.34 3.13
N ALA A 200 21.62 12.55 2.30
CA ALA A 200 20.38 12.92 1.56
C ALA A 200 19.26 13.35 2.53
N VAL A 201 19.15 12.70 3.68
CA VAL A 201 18.04 12.99 4.65
C VAL A 201 18.36 14.31 5.35
N SER A 202 19.64 14.59 5.63
CA SER A 202 20.08 15.89 6.19
C SER A 202 19.67 17.00 5.21
N PHE A 203 19.97 16.80 3.93
CA PHE A 203 19.69 17.76 2.83
C PHE A 203 18.19 18.09 2.79
N ILE A 204 17.33 17.16 3.19
CA ILE A 204 15.85 17.36 3.29
C ILE A 204 15.55 18.31 4.45
N ILE A 205 16.28 18.19 5.56
CA ILE A 205 16.06 19.02 6.78
C ILE A 205 16.73 20.37 6.55
N PRO A 206 15.98 21.49 6.43
CA PRO A 206 16.58 22.78 6.07
C PRO A 206 17.59 23.30 7.11
N LYS A 207 18.33 24.34 6.73
CA LYS A 207 19.22 25.13 7.63
C LYS A 207 18.40 25.68 8.80
N ASP A 208 17.23 26.27 8.50
CA ASP A 208 16.31 26.85 9.50
C ASP A 208 14.89 26.93 8.91
N ILE A 209 13.86 26.90 9.74
CA ILE A 209 12.44 26.83 9.28
C ILE A 209 11.63 27.99 9.88
N ASP A 210 10.49 28.29 9.25
CA ASP A 210 9.47 29.24 9.78
C ASP A 210 8.89 28.65 11.06
N HIS A 211 9.07 29.34 12.19
CA HIS A 211 8.70 28.88 13.55
C HIS A 211 7.23 29.17 13.86
N GLU A 212 6.52 29.92 13.00
CA GLU A 212 5.12 30.36 13.27
C GLU A 212 4.17 29.19 13.00
N ASN A 213 3.28 28.91 13.96
CA ASN A 213 2.30 27.78 13.92
C ASN A 213 3.06 26.45 13.79
N THR A 214 4.13 26.28 14.57
CA THR A 214 4.81 24.97 14.80
C THR A 214 4.46 24.50 16.20
N PRO A 215 4.60 23.18 16.49
CA PRO A 215 4.26 22.62 17.80
C PRO A 215 5.31 22.78 18.91
N TYR A 216 6.45 23.40 18.60
CA TYR A 216 7.58 23.61 19.54
C TYR A 216 7.72 25.11 19.86
N LYS A 217 7.00 25.99 19.15
CA LYS A 217 7.16 27.47 19.26
C LYS A 217 7.15 27.85 20.74
N GLY A 218 6.06 27.54 21.43
CA GLY A 218 5.84 27.90 22.85
C GLY A 218 5.69 29.42 23.01
N PRO A 219 6.62 30.11 23.68
CA PRO A 219 7.78 29.49 24.33
C PRO A 219 7.55 28.82 25.69
N THR A 220 6.30 28.54 26.11
CA THR A 220 5.97 27.90 27.42
C THR A 220 5.13 26.63 27.21
N LEU A 221 5.10 25.78 28.24
CA LEU A 221 4.37 24.48 28.24
C LEU A 221 2.93 24.71 27.79
N ALA A 222 2.21 25.60 28.49
CA ALA A 222 0.80 25.94 28.20
C ALA A 222 0.63 26.21 26.70
N ASP A 223 1.61 26.90 26.09
CA ASP A 223 1.57 27.32 24.66
C ASP A 223 1.58 26.09 23.76
N VAL A 224 2.56 25.21 23.93
CA VAL A 224 2.75 23.99 23.08
C VAL A 224 1.64 22.99 23.39
N GLU A 225 1.20 22.91 24.66
CA GLU A 225 0.04 22.08 25.09
C GLU A 225 -1.19 22.51 24.27
N LYS A 226 -1.43 23.82 24.17
CA LYS A 226 -2.57 24.41 23.41
C LYS A 226 -2.48 24.03 21.94
N PHE A 227 -1.27 24.07 21.35
CA PHE A 227 -1.01 23.71 19.94
C PHE A 227 -1.24 22.21 19.75
N ASN A 228 -0.59 21.41 20.59
CA ASN A 228 -0.64 19.92 20.56
C ASN A 228 -2.09 19.45 20.47
N LYS A 229 -2.94 19.97 21.36
CA LYS A 229 -4.38 19.59 21.45
C LYS A 229 -5.12 19.99 20.17
N ALA A 230 -4.72 21.11 19.55
CA ALA A 230 -5.41 21.71 18.38
C ALA A 230 -5.29 20.78 17.16
N GLN A 231 -4.20 20.02 17.05
CA GLN A 231 -3.90 19.21 15.84
C GLN A 231 -4.80 17.97 15.78
N PHE A 232 -5.43 17.57 16.88
CA PHE A 232 -6.26 16.34 16.95
C PHE A 232 -7.43 16.48 15.96
N PRO A 233 -7.82 15.39 15.27
CA PRO A 233 -9.04 15.37 14.46
C PRO A 233 -10.33 15.75 15.19
N LYS A 234 -11.27 16.38 14.48
CA LYS A 234 -12.69 16.55 14.93
C LYS A 234 -13.37 15.18 14.96
N THR A 235 -14.62 15.13 15.45
CA THR A 235 -15.43 13.89 15.63
C THR A 235 -15.50 13.10 14.31
N ALA A 249 -8.91 2.88 19.19
CA ALA A 249 -7.56 2.32 18.95
C ALA A 249 -6.91 3.03 17.74
N ASP A 250 -7.63 3.12 16.63
CA ASP A 250 -7.28 3.92 15.43
C ASP A 250 -7.63 5.39 15.70
N ILE A 251 -8.65 5.63 16.51
CA ILE A 251 -9.04 6.98 17.06
C ILE A 251 -7.93 7.45 17.99
N MET A 252 -7.49 6.58 18.91
CA MET A 252 -6.32 6.77 19.80
C MET A 252 -5.12 7.22 18.95
N LYS A 253 -4.84 6.48 17.87
CA LYS A 253 -3.75 6.75 16.89
C LYS A 253 -3.78 8.24 16.50
N GLY A 254 -4.97 8.81 16.28
CA GLY A 254 -5.17 10.21 15.85
C GLY A 254 -4.50 11.21 16.78
N ARG A 255 -4.49 10.94 18.10
CA ARG A 255 -4.05 11.91 19.14
C ARG A 255 -2.78 11.39 19.83
N ASN A 256 -2.38 12.03 20.94
CA ASN A 256 -1.25 11.58 21.78
C ASN A 256 -1.59 11.83 23.25
N ILE A 257 -0.62 11.62 24.15
CA ILE A 257 -0.86 11.62 25.62
C ILE A 257 -1.26 13.02 26.08
N GLY A 258 -0.88 14.05 25.31
CA GLY A 258 -1.30 15.45 25.55
C GLY A 258 -2.82 15.59 25.70
N GLU A 259 -3.59 14.64 25.15
CA GLU A 259 -5.07 14.61 25.30
C GLU A 259 -5.41 14.70 26.78
N TYR A 260 -4.67 13.98 27.63
CA TYR A 260 -4.76 14.09 29.11
C TYR A 260 -4.05 15.38 29.54
N ASP A 261 -4.70 16.20 30.36
CA ASP A 261 -4.16 17.48 30.86
C ASP A 261 -3.06 17.19 31.89
N ASP A 262 -3.21 16.09 32.65
CA ASP A 262 -2.27 15.67 33.72
C ASP A 262 -1.36 14.56 33.18
N TRP A 263 -0.81 14.75 31.97
CA TRP A 263 0.21 13.85 31.35
C TRP A 263 1.45 13.78 32.26
N TYR A 264 1.81 14.92 32.87
CA TYR A 264 2.98 15.11 33.76
C TYR A 264 2.82 14.33 35.07
N SER A 265 1.61 13.86 35.40
CA SER A 265 1.23 13.33 36.74
C SER A 265 1.96 12.02 37.07
N ASP A 266 2.42 11.90 38.32
CA ASP A 266 2.97 10.66 38.93
C ASP A 266 2.24 9.47 38.31
N ALA A 267 0.91 9.47 38.37
CA ALA A 267 0.02 8.39 37.90
C ALA A 267 0.38 8.01 36.46
N ARG A 268 0.36 8.98 35.54
CA ARG A 268 0.47 8.72 34.08
C ARG A 268 1.93 8.48 33.70
N PHE A 269 2.87 9.16 34.36
CA PHE A 269 4.32 8.93 34.20
C PHE A 269 4.64 7.45 34.44
N ALA A 270 4.20 6.92 35.59
CA ALA A 270 4.52 5.56 36.08
C ALA A 270 3.75 4.50 35.29
N GLN A 271 2.49 4.75 34.94
CA GLN A 271 1.68 3.78 34.16
C GLN A 271 2.38 3.47 32.83
N GLN A 272 3.22 4.37 32.33
CA GLN A 272 4.01 4.17 31.09
C GLN A 272 4.94 2.96 31.23
N HIS A 273 5.24 2.54 32.46
CA HIS A 273 6.17 1.42 32.74
C HIS A 273 5.40 0.09 32.74
N PHE A 274 4.07 0.15 32.75
CA PHE A 274 3.17 -1.03 32.69
C PHE A 274 2.46 -1.15 31.35
N SER A 275 2.05 -0.03 30.73
CA SER A 275 1.18 -0.05 29.53
C SER A 275 1.67 0.94 28.47
N GLY A 276 2.96 1.30 28.52
CA GLY A 276 3.59 2.17 27.52
C GLY A 276 4.26 1.38 26.41
N VAL A 277 5.22 2.00 25.72
CA VAL A 277 5.96 1.36 24.61
C VAL A 277 7.07 0.48 25.19
N ASN A 278 7.35 0.58 26.49
CA ASN A 278 8.45 -0.22 27.12
C ASN A 278 7.98 -0.80 28.44
N PRO A 279 6.99 -1.72 28.42
CA PRO A 279 6.39 -2.28 29.65
C PRO A 279 7.00 -3.59 30.14
N SER A 280 8.18 -3.97 29.64
CA SER A 280 8.76 -5.33 29.80
C SER A 280 10.09 -5.31 30.58
N THR A 281 10.56 -4.14 31.03
CA THR A 281 11.91 -3.99 31.62
C THR A 281 11.83 -3.60 33.11
N ILE A 282 10.70 -3.10 33.60
CA ILE A 282 10.47 -2.88 35.06
C ILE A 282 10.58 -4.24 35.77
N GLU A 283 11.09 -4.26 37.00
CA GLU A 283 11.26 -5.49 37.79
C GLU A 283 11.20 -5.17 39.29
N THR A 284 11.14 -6.20 40.13
CA THR A 284 11.20 -6.04 41.60
C THR A 284 12.59 -5.50 41.95
N ALA A 285 12.66 -4.61 42.94
CA ALA A 285 13.90 -3.91 43.35
C ALA A 285 14.75 -4.85 44.23
N SER A 286 16.03 -5.00 43.89
CA SER A 286 17.01 -5.82 44.63
C SER A 286 17.22 -5.23 46.02
N GLN A 287 17.33 -6.08 47.04
CA GLN A 287 17.66 -5.66 48.43
C GLN A 287 18.82 -4.67 48.40
N ASP A 288 19.87 -4.97 47.63
CA ASP A 288 21.11 -4.16 47.54
C ASP A 288 20.78 -2.70 47.23
N LYS A 289 19.85 -2.45 46.30
CA LYS A 289 19.41 -1.08 45.93
C LYS A 289 18.52 -0.52 47.04
N ILE A 290 17.46 -1.23 47.42
CA ILE A 290 16.52 -0.76 48.49
C ILE A 290 17.34 -0.30 49.70
N LYS A 291 18.41 -1.03 50.05
CA LYS A 291 19.36 -0.61 51.12
C LYS A 291 19.92 0.77 50.75
N GLU A 292 20.56 0.86 49.58
CA GLU A 292 21.17 2.12 49.07
C GLU A 292 20.21 3.29 49.29
N TYR A 293 18.94 3.13 48.87
CA TYR A 293 17.93 4.21 48.89
C TYR A 293 17.51 4.49 50.34
N ILE A 294 17.17 3.46 51.12
CA ILE A 294 16.90 3.61 52.58
C ILE A 294 18.02 4.46 53.18
N SER A 295 19.27 4.14 52.83
CA SER A 295 20.49 4.83 53.32
C SER A 295 20.48 6.29 52.88
N GLU A 296 20.16 6.55 51.61
CA GLU A 296 20.10 7.93 51.06
C GLU A 296 18.92 8.68 51.68
N ALA A 297 17.79 7.99 51.92
CA ALA A 297 16.55 8.58 52.48
C ALA A 297 16.82 9.05 53.91
N GLN A 298 17.57 8.25 54.67
CA GLN A 298 18.01 8.60 56.05
C GLN A 298 18.75 9.95 56.00
N LYS A 299 19.70 10.10 55.06
CA LYS A 299 20.63 11.25 54.97
C LYS A 299 19.83 12.52 54.68
N GLN A 300 18.93 12.50 53.70
CA GLN A 300 18.10 13.68 53.31
C GLN A 300 17.09 13.99 54.43
N GLY A 301 16.77 13.01 55.27
CA GLY A 301 15.96 13.20 56.49
C GLY A 301 14.47 13.02 56.23
N LEU A 302 14.08 11.86 55.70
CA LEU A 302 12.67 11.52 55.38
C LEU A 302 12.31 10.19 56.05
N ASP A 303 11.93 10.26 57.32
CA ASP A 303 11.56 9.10 58.18
C ASP A 303 10.41 8.33 57.53
N LYS A 304 9.49 9.06 56.89
CA LYS A 304 8.32 8.50 56.18
C LYS A 304 8.80 7.52 55.11
N VAL A 305 9.65 7.99 54.19
CA VAL A 305 10.13 7.23 53.00
C VAL A 305 10.92 6.01 53.49
N LYS A 306 11.76 6.23 54.50
CA LYS A 306 12.60 5.17 55.09
C LYS A 306 11.70 4.02 55.53
N ALA A 307 10.71 4.29 56.38
CA ALA A 307 9.74 3.32 56.91
C ALA A 307 9.13 2.50 55.78
N ILE A 308 8.74 3.18 54.69
CA ILE A 308 8.08 2.56 53.51
C ILE A 308 9.05 1.55 52.88
N LEU A 309 10.27 2.01 52.56
CA LEU A 309 11.30 1.17 51.89
C LEU A 309 11.69 0.00 52.81
N GLU A 310 11.83 0.25 54.12
CA GLU A 310 12.24 -0.79 55.12
C GLU A 310 11.16 -1.87 55.15
N ASP A 311 9.90 -1.45 55.29
CA ASP A 311 8.71 -2.32 55.15
C ASP A 311 8.81 -3.04 53.80
N GLY A 312 9.11 -2.29 52.74
CA GLY A 312 9.47 -2.81 51.40
C GLY A 312 8.36 -3.61 50.75
N LYS A 313 7.11 -3.13 50.81
CA LYS A 313 5.93 -3.85 50.25
C LYS A 313 5.82 -3.59 48.75
N ASP A 314 6.27 -4.55 47.94
CA ASP A 314 6.17 -4.55 46.45
C ASP A 314 6.88 -3.31 45.89
N ILE A 315 8.13 -3.09 46.28
CA ILE A 315 8.98 -2.01 45.69
C ILE A 315 9.48 -2.50 44.33
N LEU A 316 9.30 -1.68 43.30
CA LEU A 316 9.75 -1.98 41.92
C LEU A 316 10.85 -1.00 41.54
N ILE A 317 11.46 -1.23 40.37
CA ILE A 317 12.63 -0.45 39.88
C ILE A 317 12.63 -0.47 38.36
N GLN A 318 13.01 0.66 37.76
CA GLN A 318 13.39 0.75 36.33
C GLN A 318 14.80 1.33 36.33
N ASP A 319 15.80 0.47 36.11
CA ASP A 319 17.23 0.77 36.36
C ASP A 319 17.97 0.95 35.04
N TYR A 320 18.33 2.20 34.71
CA TYR A 320 19.10 2.56 33.50
C TYR A 320 20.58 2.75 33.85
N SER A 321 20.97 2.48 35.10
CA SER A 321 22.36 2.73 35.59
C SER A 321 23.37 2.03 34.67
N TYR A 322 22.96 0.98 33.96
CA TYR A 322 23.83 0.15 33.09
C TYR A 322 24.38 0.97 31.91
N PHE A 323 23.79 2.14 31.58
CA PHE A 323 24.22 2.94 30.40
C PHE A 323 25.73 3.14 30.43
N ARG A 324 26.30 3.46 31.59
CA ARG A 324 27.75 3.73 31.75
C ARG A 324 28.52 2.47 31.37
N GLU A 325 28.17 1.35 31.99
CA GLU A 325 28.79 0.02 31.76
C GLU A 325 28.76 -0.30 30.27
N ALA A 326 27.62 -0.02 29.61
CA ALA A 326 27.40 -0.31 28.17
C ALA A 326 28.35 0.55 27.32
N THR A 327 28.40 1.85 27.59
CA THR A 327 29.22 2.83 26.83
C THR A 327 30.68 2.79 27.33
N GLY A 328 30.91 2.16 28.49
CA GLY A 328 32.24 2.02 29.10
C GLY A 328 32.73 3.33 29.71
N ALA A 329 31.82 4.28 29.94
CA ALA A 329 32.12 5.58 30.59
C ALA A 329 32.27 5.35 32.08
N THR A 330 33.17 6.12 32.73
CA THR A 330 33.48 6.03 34.19
C THR A 330 32.55 6.95 34.97
N ASN A 331 32.51 6.76 36.30
CA ASN A 331 31.55 7.42 37.23
C ASN A 331 31.84 8.93 37.30
N GLU A 332 32.98 9.37 36.77
CA GLU A 332 33.43 10.78 36.83
C GLU A 332 33.07 11.51 35.53
N GLN A 333 32.61 10.78 34.50
CA GLN A 333 32.24 11.34 33.17
C GLN A 333 30.77 11.74 33.15
N ILE A 334 30.36 12.54 32.16
CA ILE A 334 28.96 12.98 31.94
C ILE A 334 28.58 12.63 30.49
N PHE A 335 27.44 11.96 30.30
CA PHE A 335 26.88 11.68 28.95
C PHE A 335 26.58 13.00 28.25
N GLN A 336 27.16 13.19 27.07
CA GLN A 336 26.95 14.41 26.27
C GLN A 336 27.08 14.08 24.79
N ASN A 337 26.40 14.85 23.95
CA ASN A 337 26.48 14.73 22.48
C ASN A 337 26.60 16.13 21.89
N THR A 338 27.81 16.51 21.46
CA THR A 338 28.08 17.80 20.79
C THR A 338 27.72 17.65 19.31
N VAL A 339 26.66 18.34 18.88
CA VAL A 339 26.08 18.28 17.51
C VAL A 339 26.74 19.34 16.64
N TYR A 340 27.74 18.94 15.85
CA TYR A 340 28.44 19.83 14.88
C TYR A 340 27.52 20.04 13.67
N GLU A 341 27.26 21.31 13.35
CA GLU A 341 26.46 21.73 12.16
C GLU A 341 27.39 21.75 10.94
N LEU A 342 26.93 21.20 9.81
CA LEU A 342 27.74 21.04 8.57
C LEU A 342 27.19 21.93 7.45
N LYS A 343 28.11 22.54 6.67
CA LYS A 343 27.80 23.22 5.39
C LYS A 343 28.16 22.26 4.25
N GLY A 344 27.22 21.39 3.88
CA GLY A 344 27.46 20.27 2.94
C GLY A 344 28.22 19.16 3.64
N THR A 345 29.55 19.27 3.71
CA THR A 345 30.46 18.20 4.20
C THR A 345 31.17 18.66 5.48
N THR A 346 32.00 19.70 5.40
CA THR A 346 32.90 20.14 6.49
C THR A 346 32.15 21.08 7.42
N PRO A 347 32.24 20.90 8.76
CA PRO A 347 31.41 21.65 9.71
C PRO A 347 31.59 23.17 9.70
N THR A 348 30.59 23.90 10.20
CA THR A 348 30.55 25.38 10.28
C THR A 348 31.30 25.86 11.53
N GLY A 349 31.54 24.96 12.48
CA GLY A 349 32.14 25.28 13.79
C GLY A 349 31.06 25.50 14.84
N LYS A 350 29.85 25.87 14.40
CA LYS A 350 28.66 25.99 15.27
C LYS A 350 28.32 24.60 15.82
N THR A 351 28.00 24.52 17.12
CA THR A 351 27.59 23.24 17.76
C THR A 351 26.41 23.47 18.70
N THR A 352 25.61 22.42 18.85
CA THR A 352 24.61 22.24 19.94
C THR A 352 25.12 21.10 20.82
N SER A 353 24.77 21.10 22.11
CA SER A 353 25.07 20.00 23.04
C SER A 353 23.76 19.39 23.55
N ARG A 354 23.78 18.08 23.80
CA ARG A 354 22.62 17.32 24.33
C ARG A 354 23.13 16.34 25.38
N TYR A 355 22.35 16.12 26.44
CA TYR A 355 22.75 15.39 27.66
C TYR A 355 21.69 14.33 27.98
N ALA A 356 22.14 13.10 28.22
CA ALA A 356 21.30 11.98 28.72
C ALA A 356 21.89 11.52 30.06
N ALA A 357 21.07 10.88 30.89
CA ALA A 357 21.52 10.34 32.20
C ALA A 357 21.17 8.87 32.31
N ALA A 358 22.00 8.13 33.05
CA ALA A 358 21.79 6.71 33.44
C ALA A 358 20.88 6.70 34.67
N SER A 359 19.64 7.13 34.49
CA SER A 359 18.66 7.35 35.59
C SER A 359 18.36 6.03 36.31
N VAL A 360 17.71 6.13 37.47
CA VAL A 360 17.11 4.99 38.19
C VAL A 360 15.79 5.48 38.74
N VAL A 361 14.74 4.67 38.67
CA VAL A 361 13.42 5.04 39.27
C VAL A 361 13.02 3.95 40.26
N ILE A 362 12.44 4.37 41.38
CA ILE A 362 11.87 3.46 42.41
C ILE A 362 10.36 3.71 42.46
N PHE A 363 9.57 2.64 42.40
CA PHE A 363 8.09 2.70 42.48
C PHE A 363 7.61 1.82 43.64
N GLN A 364 6.37 2.04 44.04
CA GLN A 364 5.60 1.09 44.87
C GLN A 364 4.29 0.79 44.15
N LEU A 365 3.96 -0.49 44.04
CA LEU A 365 2.64 -0.99 43.56
C LEU A 365 1.75 -1.21 44.78
N HIS A 366 0.63 -0.48 44.86
CA HIS A 366 -0.31 -0.51 46.00
C HIS A 366 -1.33 -1.63 45.82
N GLU A 367 -2.01 -2.01 46.91
CA GLU A 367 -3.02 -3.11 46.94
C GLU A 367 -4.03 -2.90 45.81
N ASP A 368 -4.46 -1.66 45.59
CA ASP A 368 -5.49 -1.27 44.58
C ASP A 368 -4.95 -1.45 43.15
N GLY A 369 -3.63 -1.39 42.95
CA GLY A 369 -2.97 -1.71 41.67
C GLY A 369 -2.36 -0.50 40.99
N ARG A 370 -2.62 0.70 41.51
CA ARG A 370 -1.94 1.94 41.04
C ARG A 370 -0.45 1.81 41.36
N LEU A 371 0.37 1.84 40.32
CA LEU A 371 1.84 1.97 40.43
C LEU A 371 2.16 3.43 40.75
N HIS A 372 3.07 3.67 41.70
CA HIS A 372 3.38 5.03 42.23
C HIS A 372 4.89 5.22 42.36
N PRO A 373 5.45 6.32 41.81
CA PRO A 373 6.89 6.59 41.90
C PRO A 373 7.28 7.19 43.26
N LEU A 374 8.40 6.73 43.83
CA LEU A 374 8.88 7.16 45.16
C LEU A 374 10.21 7.91 45.07
N ALA A 375 11.06 7.58 44.10
CA ALA A 375 12.41 8.18 44.00
C ALA A 375 12.94 8.12 42.56
N ILE A 376 13.75 9.11 42.22
CA ILE A 376 14.52 9.15 40.95
C ILE A 376 15.95 9.59 41.27
N THR A 377 16.92 8.78 40.88
CA THR A 377 18.34 9.20 40.78
C THR A 377 18.54 9.75 39.37
N LEU A 378 18.73 11.05 39.22
CA LEU A 378 18.86 11.72 37.89
C LEU A 378 19.86 10.92 37.05
N ASP A 379 21.12 10.88 37.48
CA ASP A 379 22.21 10.12 36.81
C ASP A 379 22.93 9.33 37.90
N TYR A 380 23.01 8.01 37.73
CA TYR A 380 23.56 7.07 38.74
C TYR A 380 25.03 6.82 38.42
N LYS A 381 25.92 7.23 39.32
CA LYS A 381 27.40 7.19 39.14
C LYS A 381 28.02 6.33 40.24
N GLY A 382 27.69 5.03 40.26
CA GLY A 382 28.32 4.04 41.16
C GLY A 382 27.58 3.90 42.47
N SER A 383 27.20 5.01 43.11
CA SER A 383 26.36 5.04 44.33
C SER A 383 25.55 6.33 44.41
N LEU A 384 24.64 6.40 45.38
CA LEU A 384 23.74 7.56 45.58
C LEU A 384 24.49 8.67 46.33
N ASP A 385 25.63 8.34 46.95
CA ASP A 385 26.57 9.35 47.54
C ASP A 385 27.13 10.20 46.40
N ASN A 386 27.38 9.59 45.24
CA ASN A 386 28.01 10.22 44.06
C ASN A 386 26.93 10.80 43.15
N SER A 387 25.66 10.42 43.36
CA SER A 387 24.53 10.69 42.44
C SER A 387 23.56 11.72 43.04
N ILE A 388 22.85 12.44 42.18
CA ILE A 388 21.74 13.35 42.58
C ILE A 388 20.45 12.52 42.64
N THR A 389 19.93 12.29 43.84
CA THR A 389 18.68 11.53 44.07
C THR A 389 17.61 12.45 44.64
N ILE A 390 16.35 12.24 44.26
CA ILE A 390 15.18 13.03 44.73
C ILE A 390 14.04 12.05 45.05
N PHE A 391 13.37 12.28 46.19
CA PHE A 391 12.19 11.49 46.62
C PHE A 391 10.92 12.32 46.39
N ASN A 392 9.84 11.62 46.03
CA ASN A 392 8.52 12.22 45.74
C ASN A 392 7.97 12.84 47.03
N ARG A 393 7.34 14.01 46.92
CA ARG A 393 6.63 14.67 48.06
C ARG A 393 5.43 13.80 48.45
N ARG A 394 4.72 13.26 47.46
CA ARG A 394 3.57 12.34 47.65
C ARG A 394 4.13 10.93 47.84
N LEU A 395 3.72 10.23 48.91
CA LEU A 395 4.18 8.86 49.26
C LEU A 395 3.06 7.87 48.97
N SER A 396 2.10 8.24 48.12
CA SER A 396 0.87 7.46 47.86
C SER A 396 0.12 8.10 46.69
N PRO A 397 -0.66 7.30 45.93
CA PRO A 397 -1.57 7.86 44.91
C PRO A 397 -2.54 8.93 45.43
N ASP A 398 -3.04 8.77 46.65
CA ASP A 398 -4.08 9.66 47.25
C ASP A 398 -3.43 10.75 48.10
N ASP A 399 -2.15 10.60 48.46
CA ASP A 399 -1.43 11.59 49.32
C ASP A 399 -1.55 12.96 48.68
N THR A 400 -1.81 14.00 49.48
CA THR A 400 -1.93 15.41 49.02
C THR A 400 -0.83 16.26 49.65
N CYS A 401 -0.39 17.28 48.91
CA CYS A 401 0.66 18.25 49.30
C CYS A 401 0.17 19.64 48.91
N ASP A 402 0.59 20.69 49.63
CA ASP A 402 0.18 22.10 49.36
C ASP A 402 0.60 22.49 47.94
N ILE A 403 1.75 22.01 47.49
CA ILE A 403 2.24 22.19 46.10
C ILE A 403 1.60 21.10 45.22
N ALA A 404 0.94 21.52 44.14
CA ALA A 404 0.25 20.64 43.16
C ALA A 404 1.30 19.95 42.27
N GLU A 405 0.98 18.74 41.80
CA GLU A 405 1.83 17.98 40.84
C GLU A 405 2.35 18.92 39.76
N LYS A 406 1.45 19.75 39.20
CA LYS A 406 1.72 20.61 38.01
C LYS A 406 2.82 21.64 38.30
N GLU A 407 2.99 22.08 39.55
CA GLU A 407 3.93 23.19 39.90
C GLU A 407 5.22 22.63 40.53
N ASP A 408 5.33 21.32 40.73
CA ASP A 408 6.49 20.67 41.40
C ASP A 408 7.62 20.47 40.39
N TRP A 409 8.33 21.54 40.02
CA TRP A 409 9.27 21.59 38.86
C TRP A 409 10.48 20.70 39.05
N PRO A 410 11.04 20.54 40.27
CA PRO A 410 12.14 19.60 40.47
C PRO A 410 11.73 18.16 40.12
N TRP A 411 10.63 17.70 40.71
CA TRP A 411 10.05 16.36 40.46
C TRP A 411 9.76 16.22 38.96
N ARG A 412 8.97 17.13 38.40
CA ARG A 412 8.61 17.08 36.95
C ARG A 412 9.88 16.95 36.12
N TYR A 413 10.95 17.67 36.46
CA TYR A 413 12.27 17.57 35.77
C TYR A 413 12.79 16.13 35.93
N ALA A 414 12.95 15.68 37.18
CA ALA A 414 13.40 14.32 37.53
C ALA A 414 12.68 13.29 36.65
N LYS A 415 11.36 13.41 36.52
CA LYS A 415 10.53 12.50 35.70
C LYS A 415 10.88 12.68 34.21
N THR A 416 11.02 13.91 33.74
CA THR A 416 11.42 14.19 32.33
C THR A 416 12.75 13.49 32.03
N VAL A 417 13.69 13.49 32.97
CA VAL A 417 15.02 12.82 32.82
C VAL A 417 14.79 11.31 32.67
N ALA A 418 14.03 10.72 33.60
CA ALA A 418 13.74 9.27 33.63
C ALA A 418 12.94 8.87 32.39
N GLN A 419 12.45 9.83 31.60
CA GLN A 419 11.79 9.52 30.31
C GLN A 419 12.84 9.51 29.20
N THR A 420 13.84 10.40 29.25
CA THR A 420 14.99 10.37 28.30
C THR A 420 15.70 9.02 28.45
N ALA A 421 15.74 8.51 29.68
CA ALA A 421 16.32 7.19 29.99
C ALA A 421 15.46 6.12 29.32
N ASP A 422 14.14 6.13 29.54
CA ASP A 422 13.22 5.10 29.01
C ASP A 422 13.08 5.23 27.49
N TRP A 423 13.48 6.38 26.93
CA TRP A 423 13.47 6.60 25.46
C TRP A 423 14.58 5.78 24.83
N ALA A 424 15.81 5.92 25.35
CA ALA A 424 17.02 5.24 24.84
C ALA A 424 16.80 3.74 24.97
N ARG A 425 16.53 3.28 26.19
CA ARG A 425 16.31 1.84 26.50
C ARG A 425 15.22 1.29 25.57
N HIS A 426 14.12 2.01 25.40
CA HIS A 426 13.01 1.54 24.53
C HIS A 426 13.53 1.44 23.09
N GLU A 427 13.87 2.58 22.49
CA GLU A 427 14.13 2.72 21.03
C GLU A 427 15.30 1.84 20.59
N VAL A 428 16.28 1.62 21.49
CA VAL A 428 17.56 0.94 21.17
C VAL A 428 17.43 -0.55 21.51
N ALA A 429 17.38 -0.89 22.80
CA ALA A 429 17.32 -2.28 23.30
C ALA A 429 15.97 -2.90 22.92
N THR A 430 14.89 -2.39 23.51
CA THR A 430 13.58 -3.07 23.55
C THR A 430 12.98 -3.21 22.14
N HIS A 431 13.08 -2.17 21.30
CA HIS A 431 12.64 -2.26 19.89
C HIS A 431 13.80 -2.81 19.05
N LEU A 432 14.81 -1.98 18.76
CA LEU A 432 15.75 -2.22 17.63
C LEU A 432 16.49 -3.55 17.80
N VAL A 433 17.02 -3.81 18.99
CA VAL A 433 17.78 -5.07 19.28
C VAL A 433 16.78 -6.20 19.56
N ASP A 434 16.12 -6.14 20.71
CA ASP A 434 15.33 -7.26 21.29
C ASP A 434 14.27 -7.82 20.31
N THR A 435 13.80 -7.04 19.34
CA THR A 435 12.85 -7.55 18.32
C THR A 435 13.48 -7.61 16.92
N HIS A 436 14.13 -6.56 16.44
CA HIS A 436 14.53 -6.47 15.00
C HIS A 436 15.84 -7.24 14.74
N MET A 437 16.87 -7.09 15.59
CA MET A 437 18.25 -7.56 15.30
C MET A 437 18.44 -9.01 15.77
N ILE A 438 18.01 -9.32 17.00
CA ILE A 438 17.89 -10.73 17.49
C ILE A 438 17.18 -11.55 16.41
N GLU A 439 16.03 -11.06 15.94
CA GLU A 439 15.28 -11.67 14.82
C GLU A 439 16.25 -11.90 13.65
N GLU A 440 16.81 -10.84 13.07
CA GLU A 440 17.58 -10.93 11.80
C GLU A 440 18.55 -12.10 11.89
N ALA A 441 19.25 -12.26 13.03
CA ALA A 441 20.22 -13.35 13.27
C ALA A 441 19.53 -14.70 13.05
N ILE A 442 18.48 -14.96 13.81
CA ILE A 442 17.72 -16.24 13.79
C ILE A 442 17.27 -16.54 12.36
N ILE A 443 16.82 -15.51 11.63
CA ILE A 443 16.38 -15.61 10.20
C ILE A 443 17.55 -16.14 9.35
N VAL A 444 18.72 -15.54 9.48
CA VAL A 444 19.95 -15.90 8.72
C VAL A 444 20.30 -17.36 9.06
N ALA A 445 20.45 -17.67 10.35
CA ALA A 445 20.68 -19.05 10.82
C ALA A 445 19.68 -19.97 10.13
N THR A 446 18.39 -19.73 10.32
CA THR A 446 17.29 -20.58 9.78
C THR A 446 17.45 -20.74 8.26
N ASN A 447 17.75 -19.66 7.53
CA ASN A 447 17.88 -19.68 6.05
C ASN A 447 19.08 -20.54 5.64
N ARG A 448 20.20 -20.39 6.35
CA ARG A 448 21.47 -21.12 6.09
C ARG A 448 21.31 -22.59 6.48
N ILE A 449 20.65 -22.88 7.60
CA ILE A 449 20.67 -24.22 8.26
C ILE A 449 19.47 -25.06 7.81
N ILE A 450 18.25 -24.53 7.85
CA ILE A 450 17.01 -25.36 7.66
C ILE A 450 16.52 -25.24 6.21
N PRO A 451 16.29 -26.39 5.53
CA PRO A 451 15.85 -26.39 4.13
C PRO A 451 14.37 -25.99 3.97
N GLU A 452 14.08 -25.25 2.90
CA GLU A 452 12.78 -24.58 2.62
C GLU A 452 11.60 -25.54 2.88
N GLY A 453 11.77 -26.84 2.62
CA GLY A 453 10.72 -27.87 2.81
C GLY A 453 10.31 -28.01 4.27
N GLU A 454 11.30 -28.16 5.17
CA GLU A 454 11.13 -28.68 6.57
C GLU A 454 10.01 -27.95 7.31
N LEU A 455 9.42 -28.60 8.32
CA LEU A 455 8.28 -28.07 9.11
C LEU A 455 8.68 -26.74 9.76
N LEU A 456 9.80 -26.71 10.49
CA LEU A 456 10.26 -25.50 11.20
C LEU A 456 10.23 -24.32 10.23
N TYR A 457 10.99 -24.42 9.13
CA TYR A 457 11.09 -23.35 8.11
C TYR A 457 9.70 -22.86 7.72
N GLU A 458 8.74 -23.77 7.52
CA GLU A 458 7.38 -23.45 7.00
C GLU A 458 6.55 -22.68 8.04
N ILE A 459 6.72 -22.96 9.34
CA ILE A 459 5.89 -22.30 10.39
C ILE A 459 6.55 -20.99 10.82
N LEU A 460 7.83 -20.79 10.48
CA LEU A 460 8.61 -19.60 10.91
C LEU A 460 8.63 -18.54 9.80
N SER A 461 9.08 -18.91 8.59
CA SER A 461 9.41 -17.97 7.48
C SER A 461 8.25 -17.02 7.17
N PRO A 462 6.97 -17.40 7.34
CA PRO A 462 5.86 -16.46 7.11
C PRO A 462 5.89 -15.20 8.01
N HIS A 463 6.41 -15.34 9.23
CA HIS A 463 6.48 -14.25 10.24
C HIS A 463 7.70 -13.36 9.96
N TRP A 464 8.46 -13.64 8.91
CA TRP A 464 9.70 -12.89 8.58
C TRP A 464 9.57 -12.21 7.23
N PHE A 465 8.36 -12.10 6.69
CA PHE A 465 8.10 -11.42 5.40
C PHE A 465 8.75 -10.03 5.44
N ARG A 466 9.41 -9.66 4.35
CA ARG A 466 10.13 -8.37 4.14
C ARG A 466 10.59 -7.74 5.46
N THR A 467 11.33 -8.48 6.28
CA THR A 467 11.95 -7.97 7.53
C THR A 467 13.39 -7.52 7.24
N LEU A 468 14.14 -8.29 6.46
CA LEU A 468 15.61 -8.08 6.26
C LEU A 468 15.83 -6.75 5.53
N SER A 469 15.08 -6.50 4.46
CA SER A 469 15.20 -5.28 3.62
C SER A 469 14.90 -4.05 4.47
N LEU A 470 13.89 -4.11 5.33
CA LEU A 470 13.52 -2.98 6.23
C LEU A 470 14.66 -2.77 7.23
N ASN A 471 15.07 -3.82 7.95
CA ASN A 471 16.16 -3.76 8.95
C ASN A 471 17.36 -3.00 8.37
N ALA A 472 17.58 -3.11 7.05
CA ALA A 472 18.74 -2.49 6.34
C ALA A 472 18.58 -0.98 6.31
N ALA A 473 17.47 -0.49 5.76
CA ALA A 473 17.14 0.96 5.69
C ALA A 473 17.31 1.59 7.07
N ALA A 474 17.07 0.83 8.14
CA ALA A 474 17.23 1.27 9.54
C ALA A 474 18.71 1.39 9.90
N ARG A 475 19.52 0.38 9.54
CA ARG A 475 20.99 0.41 9.78
C ARG A 475 21.56 1.63 9.05
N LYS A 476 21.21 1.80 7.78
CA LYS A 476 21.77 2.84 6.88
C LYS A 476 21.14 4.21 7.14
N LEU A 477 20.36 4.42 8.22
CA LEU A 477 19.68 5.74 8.42
C LEU A 477 19.17 5.97 9.85
N LEU A 478 18.19 5.21 10.34
CA LEU A 478 17.51 5.52 11.63
C LEU A 478 18.54 5.79 12.72
N VAL A 479 19.48 4.86 12.93
CA VAL A 479 20.46 4.97 14.04
C VAL A 479 21.39 6.17 13.79
N PRO A 480 22.24 6.17 12.72
CA PRO A 480 23.19 7.26 12.53
C PRO A 480 22.42 8.57 12.34
N GLY A 481 21.52 8.60 11.36
CA GLY A 481 20.82 9.79 10.87
C GLY A 481 19.87 10.41 11.89
N VAL A 482 19.38 9.65 12.88
CA VAL A 482 18.27 10.15 13.76
C VAL A 482 18.47 9.77 15.23
N ILE A 483 18.46 8.49 15.58
CA ILE A 483 18.57 8.06 17.00
C ILE A 483 19.86 8.63 17.57
N ALA A 484 20.99 8.47 16.85
CA ALA A 484 22.32 8.98 17.25
C ALA A 484 22.29 10.51 17.38
N ARG A 485 21.50 11.19 16.54
CA ARG A 485 21.41 12.67 16.48
C ARG A 485 20.74 13.20 17.76
N ILE A 486 19.47 12.87 17.99
CA ILE A 486 18.62 13.56 19.02
C ILE A 486 18.98 13.05 20.42
N ALA A 487 19.62 11.88 20.53
CA ALA A 487 19.97 11.24 21.81
C ALA A 487 21.20 11.92 22.41
N GLY A 488 21.27 11.96 23.75
CA GLY A 488 22.33 12.66 24.50
C GLY A 488 23.48 11.75 24.89
N PHE A 489 23.96 10.92 23.95
CA PHE A 489 25.03 9.92 24.17
C PHE A 489 26.31 10.31 23.42
N GLY A 490 26.18 10.59 22.12
CA GLY A 490 27.29 11.01 21.24
C GLY A 490 28.46 10.03 21.27
N PRO A 491 29.72 10.49 21.45
CA PRO A 491 30.00 11.82 21.98
C PRO A 491 29.87 12.96 20.96
N THR A 492 29.69 12.64 19.67
CA THR A 492 29.67 13.62 18.55
C THR A 492 28.64 13.22 17.49
N SER A 493 28.01 14.22 16.86
CA SER A 493 27.08 14.08 15.70
C SER A 493 27.45 15.10 14.61
N PRO A 494 27.68 14.65 13.36
CA PRO A 494 28.01 13.26 13.04
C PRO A 494 29.34 12.70 13.60
N SER A 495 29.48 11.38 13.58
CA SER A 495 30.69 10.63 14.02
C SER A 495 31.12 9.65 12.92
N LEU A 496 32.28 9.90 12.30
CA LEU A 496 32.92 9.01 11.29
C LEU A 496 33.17 7.65 11.91
N ASP A 497 33.75 7.63 13.12
CA ASP A 497 34.02 6.41 13.92
C ASP A 497 32.68 5.87 14.43
N PHE A 498 32.15 4.82 13.79
CA PHE A 498 30.87 4.16 14.15
C PHE A 498 31.06 3.39 15.45
N LYS A 499 32.13 2.59 15.56
CA LYS A 499 32.68 2.15 16.86
C LYS A 499 33.13 3.41 17.61
N GLY A 500 33.22 3.36 18.94
CA GLY A 500 33.59 4.52 19.76
C GLY A 500 32.44 5.51 19.92
N ASN A 501 31.44 5.47 19.03
CA ASN A 501 30.13 6.15 19.23
C ASN A 501 29.33 5.34 20.28
N ASN A 502 28.68 6.04 21.21
CA ASN A 502 28.06 5.42 22.41
C ASN A 502 26.80 4.64 22.01
N ALA A 503 25.86 5.28 21.29
CA ALA A 503 24.63 4.63 20.81
C ALA A 503 24.95 3.19 20.37
N PHE A 504 25.94 3.04 19.49
CA PHE A 504 26.38 1.74 18.91
C PHE A 504 26.92 0.84 20.02
N LYS A 505 27.68 1.40 20.96
CA LYS A 505 28.20 0.66 22.14
C LYS A 505 27.01 0.16 22.98
N LEU A 506 25.93 0.94 23.05
CA LEU A 506 24.70 0.55 23.80
C LEU A 506 23.97 -0.55 23.02
N ILE A 507 23.78 -0.37 21.71
CA ILE A 507 23.22 -1.43 20.84
C ILE A 507 24.01 -2.71 21.10
N ASP A 508 25.33 -2.62 20.99
CA ASP A 508 26.27 -3.76 21.18
C ASP A 508 26.01 -4.42 22.54
N TRP A 509 25.94 -3.62 23.60
CA TRP A 509 25.81 -4.12 25.00
C TRP A 509 24.45 -4.78 25.19
N SER A 510 23.39 -4.08 24.78
CA SER A 510 21.98 -4.56 24.86
C SER A 510 21.88 -5.90 24.15
N TYR A 511 22.53 -6.05 22.99
CA TYR A 511 22.54 -7.30 22.18
C TYR A 511 23.16 -8.43 23.00
N LYS A 512 24.33 -8.21 23.58
CA LYS A 512 25.10 -9.25 24.29
C LYS A 512 24.33 -9.68 25.55
N ASN A 513 23.63 -8.75 26.22
CA ASN A 513 22.98 -9.04 27.53
C ASN A 513 21.49 -9.33 27.33
N PHE A 514 21.04 -9.52 26.08
CA PHE A 514 19.73 -10.16 25.78
C PHE A 514 19.80 -11.60 26.31
N ASN A 515 18.66 -12.16 26.66
CA ASN A 515 18.60 -13.57 27.14
C ASN A 515 17.36 -14.24 26.55
N PHE A 516 17.56 -14.92 25.42
CA PHE A 516 16.51 -15.54 24.59
C PHE A 516 15.49 -16.29 25.47
N GLN A 517 15.98 -17.09 26.41
CA GLN A 517 15.14 -17.98 27.26
C GLN A 517 14.42 -17.16 28.33
N ASP A 518 15.07 -16.12 28.85
CA ASP A 518 14.52 -15.26 29.93
C ASP A 518 13.40 -14.38 29.39
N LYS A 519 13.33 -14.14 28.08
CA LYS A 519 12.28 -13.29 27.47
C LYS A 519 11.19 -14.17 26.87
N TYR A 520 11.20 -15.48 27.14
CA TYR A 520 9.96 -16.29 27.12
C TYR A 520 9.04 -15.67 28.15
N ILE A 521 7.86 -15.21 27.74
CA ILE A 521 6.94 -14.41 28.60
C ILE A 521 6.92 -15.02 29.99
N PRO A 522 6.55 -16.32 30.15
CA PRO A 522 6.31 -16.90 31.47
C PRO A 522 7.50 -16.72 32.43
N ASN A 523 8.72 -16.88 31.90
CA ASN A 523 10.00 -16.71 32.67
C ASN A 523 10.18 -15.22 32.96
N ASP A 524 10.09 -14.41 31.89
CA ASP A 524 10.24 -12.93 31.95
C ASP A 524 9.51 -12.43 33.21
N LEU A 525 8.23 -12.77 33.32
CA LEU A 525 7.36 -12.28 34.41
C LEU A 525 7.86 -12.80 35.76
N LYS A 526 8.37 -14.04 35.84
CA LYS A 526 8.89 -14.62 37.11
C LYS A 526 10.16 -13.86 37.51
N LYS A 527 11.15 -13.78 36.62
CA LYS A 527 12.48 -13.19 36.95
C LYS A 527 12.25 -11.79 37.52
N ARG A 528 11.46 -11.00 36.81
CA ARG A 528 11.21 -9.57 37.14
C ARG A 528 10.35 -9.46 38.41
N GLY A 529 9.58 -10.49 38.75
CA GLY A 529 8.87 -10.59 40.04
C GLY A 529 7.40 -10.26 39.91
N PHE A 530 6.68 -11.02 39.07
CA PHE A 530 5.25 -10.79 38.76
C PHE A 530 4.51 -12.13 38.75
N ASP A 531 3.88 -12.44 39.88
CA ASP A 531 2.95 -13.60 40.04
C ASP A 531 1.67 -13.28 39.24
N ILE A 532 1.71 -13.42 37.91
CA ILE A 532 0.54 -13.15 37.02
C ILE A 532 -0.32 -14.41 36.97
N LYS A 533 0.31 -15.58 37.08
CA LYS A 533 -0.34 -16.92 37.13
C LYS A 533 -1.43 -16.91 38.21
N GLY A 534 -1.04 -16.68 39.47
CA GLY A 534 -1.84 -17.02 40.66
C GLY A 534 -2.50 -15.84 41.37
N ASP A 535 -2.20 -14.59 41.00
CA ASP A 535 -2.69 -13.41 41.77
C ASP A 535 -4.18 -13.15 41.47
N LYS A 536 -5.01 -13.21 42.52
CA LYS A 536 -6.46 -12.92 42.48
C LYS A 536 -6.73 -11.59 43.20
N SER A 537 -5.70 -10.96 43.78
CA SER A 537 -5.75 -9.68 44.54
C SER A 537 -6.11 -8.52 43.61
N GLY A 538 -5.71 -8.61 42.34
CA GLY A 538 -5.94 -7.57 41.31
C GLY A 538 -5.03 -6.37 41.50
N LYS A 539 -3.85 -6.58 42.08
CA LYS A 539 -2.79 -5.54 42.13
C LYS A 539 -2.18 -5.36 40.74
N TYR A 540 -2.32 -6.37 39.86
CA TYR A 540 -1.79 -6.32 38.48
C TYR A 540 -2.89 -5.85 37.51
N LYS A 541 -3.97 -5.26 38.03
CA LYS A 541 -5.09 -4.74 37.18
C LYS A 541 -4.54 -3.68 36.22
N ASN A 542 -3.54 -2.90 36.64
CA ASN A 542 -3.00 -1.77 35.85
C ASN A 542 -1.81 -2.23 35.01
N TYR A 543 -1.62 -3.54 34.82
CA TYR A 543 -0.45 -4.09 34.07
C TYR A 543 -0.93 -4.96 32.92
N PRO A 544 -1.72 -4.40 31.97
CA PRO A 544 -2.37 -5.21 30.94
C PRO A 544 -1.38 -5.94 30.03
N TYR A 545 -0.23 -5.33 29.72
CA TYR A 545 0.85 -6.02 28.95
C TYR A 545 1.07 -7.41 29.53
N ALA A 546 1.26 -7.49 30.85
CA ALA A 546 1.54 -8.74 31.59
C ALA A 546 0.37 -9.71 31.41
N ASN A 547 -0.84 -9.26 31.74
CA ASN A 547 -2.06 -10.11 31.71
C ASN A 547 -2.35 -10.55 30.27
N ASP A 548 -2.17 -9.65 29.30
CA ASP A 548 -2.43 -9.92 27.86
C ASP A 548 -1.42 -10.93 27.33
N MET A 549 -0.13 -10.69 27.59
CA MET A 549 0.96 -11.53 27.06
C MET A 549 0.89 -12.93 27.67
N TYR A 550 0.69 -13.03 28.99
CA TYR A 550 0.59 -14.35 29.67
C TYR A 550 -0.40 -15.20 28.90
N LEU A 551 -1.59 -14.65 28.73
CA LEU A 551 -2.75 -15.24 27.99
C LEU A 551 -2.29 -15.56 26.56
N LEU A 552 -1.83 -14.54 25.82
CA LEU A 552 -1.49 -14.67 24.38
C LEU A 552 -0.32 -15.64 24.20
N TRP A 553 0.75 -15.49 24.98
CA TRP A 553 1.91 -16.43 24.91
C TRP A 553 1.40 -17.88 24.96
N GLY A 554 0.54 -18.17 25.94
CA GLY A 554 -0.04 -19.52 26.15
C GLY A 554 -0.75 -20.02 24.90
N ILE A 555 -1.59 -19.18 24.31
CA ILE A 555 -2.39 -19.47 23.08
C ILE A 555 -1.44 -19.73 21.91
N ILE A 556 -0.36 -18.98 21.79
CA ILE A 556 0.64 -19.19 20.71
C ILE A 556 1.37 -20.50 21.00
N ARG A 557 1.89 -20.67 22.22
CA ARG A 557 2.58 -21.92 22.64
C ARG A 557 1.66 -23.12 22.36
N ASN A 558 0.37 -22.97 22.66
CA ASN A 558 -0.68 -24.02 22.49
C ASN A 558 -0.81 -24.41 21.02
N PHE A 559 -0.82 -23.41 20.13
CA PHE A 559 -0.84 -23.58 18.64
C PHE A 559 0.45 -24.28 18.21
N VAL A 560 1.59 -23.75 18.65
CA VAL A 560 2.95 -24.29 18.33
C VAL A 560 3.01 -25.75 18.78
N LYS A 561 2.58 -26.01 20.02
CA LYS A 561 2.55 -27.36 20.66
C LYS A 561 1.92 -28.36 19.69
N THR A 562 0.65 -28.11 19.34
CA THR A 562 -0.17 -28.94 18.41
C THR A 562 0.64 -29.24 17.15
N VAL A 563 1.12 -28.20 16.47
CA VAL A 563 1.83 -28.28 15.16
C VAL A 563 3.10 -29.12 15.33
N ILE A 564 3.97 -28.75 16.27
CA ILE A 564 5.31 -29.39 16.44
C ILE A 564 5.12 -30.89 16.66
N GLU A 565 4.21 -31.27 17.57
CA GLU A 565 3.94 -32.70 17.93
C GLU A 565 3.60 -33.50 16.66
N SER A 566 2.81 -32.93 15.75
CA SER A 566 2.42 -33.58 14.47
C SER A 566 3.64 -34.23 13.81
N GLN A 567 4.86 -33.73 14.06
CA GLN A 567 6.12 -34.35 13.60
C GLN A 567 7.00 -34.78 14.78
N TYR A 568 7.05 -34.01 15.87
CA TYR A 568 7.99 -34.25 17.00
C TYR A 568 7.22 -34.80 18.19
N THR A 569 6.88 -36.09 18.14
CA THR A 569 6.02 -36.80 19.13
C THR A 569 6.84 -37.18 20.37
N SER A 570 8.16 -37.26 20.25
CA SER A 570 9.09 -37.68 21.34
C SER A 570 10.43 -36.94 21.22
N ASP A 571 11.12 -36.77 22.35
CA ASP A 571 12.40 -36.01 22.48
C ASP A 571 13.45 -36.63 21.56
N HIS A 572 13.36 -37.94 21.30
CA HIS A 572 14.25 -38.69 20.37
C HIS A 572 14.23 -37.99 19.00
N VAL A 573 13.05 -37.88 18.38
CA VAL A 573 12.85 -37.32 17.00
C VAL A 573 13.66 -36.03 16.86
N VAL A 574 13.55 -35.14 17.85
CA VAL A 574 14.25 -33.82 17.90
C VAL A 574 15.77 -34.07 17.92
N GLN A 575 16.21 -35.00 18.76
CA GLN A 575 17.64 -35.32 18.99
C GLN A 575 18.28 -35.90 17.73
N LYS A 576 17.51 -36.62 16.90
CA LYS A 576 18.01 -37.29 15.67
C LYS A 576 17.77 -36.40 14.45
N ASP A 577 16.81 -35.46 14.53
CA ASP A 577 16.60 -34.40 13.51
C ASP A 577 17.96 -33.81 13.15
N PRO A 578 18.34 -33.78 11.85
CA PRO A 578 19.69 -33.38 11.46
C PRO A 578 19.96 -31.89 11.69
N TYR A 579 18.96 -31.04 11.42
CA TYR A 579 19.11 -29.57 11.27
C TYR A 579 19.11 -28.89 12.64
N ILE A 580 18.32 -29.37 13.60
CA ILE A 580 18.04 -28.64 14.88
C ILE A 580 19.35 -28.42 15.65
N GLY A 581 20.18 -29.46 15.79
CA GLY A 581 21.49 -29.37 16.47
C GLY A 581 22.33 -28.24 15.89
N GLY A 582 22.60 -28.31 14.59
CA GLY A 582 23.42 -27.34 13.84
C GLY A 582 22.76 -25.98 13.74
N TRP A 583 21.43 -25.93 13.90
CA TRP A 583 20.61 -24.69 13.89
C TRP A 583 20.85 -23.94 15.20
N CYS A 584 20.50 -24.57 16.33
CA CYS A 584 20.76 -24.05 17.71
C CYS A 584 22.22 -23.57 17.77
N LYS A 585 23.13 -24.33 17.18
CA LYS A 585 24.59 -24.04 17.17
C LYS A 585 24.83 -22.75 16.36
N GLU A 586 24.41 -22.73 15.10
CA GLU A 586 24.63 -21.59 14.17
C GLU A 586 24.33 -20.28 14.90
N ILE A 587 23.19 -20.23 15.58
CA ILE A 587 22.69 -19.05 16.36
C ILE A 587 23.68 -18.75 17.50
N GLN A 588 23.81 -19.68 18.46
CA GLN A 588 24.65 -19.54 19.68
C GLN A 588 26.07 -19.07 19.32
N THR A 589 26.54 -19.36 18.11
CA THR A 589 27.92 -19.05 17.65
C THR A 589 27.92 -17.80 16.77
N ASN A 590 27.46 -17.94 15.52
CA ASN A 590 27.55 -16.89 14.47
C ASN A 590 26.57 -15.76 14.81
N GLY A 591 25.33 -16.12 15.16
CA GLY A 591 24.29 -15.17 15.58
C GLY A 591 24.63 -14.48 16.91
N GLN A 592 25.59 -15.04 17.65
CA GLN A 592 26.08 -14.49 18.95
C GLN A 592 24.91 -14.43 19.95
N ILE A 593 24.05 -15.44 19.95
CA ILE A 593 22.93 -15.57 20.95
C ILE A 593 23.14 -16.86 21.72
N PRO A 594 24.20 -16.95 22.56
CA PRO A 594 24.47 -18.15 23.35
C PRO A 594 23.29 -18.52 24.26
N THR A 595 22.50 -17.52 24.67
CA THR A 595 21.27 -17.71 25.48
C THR A 595 20.21 -18.48 24.69
N PHE A 596 20.32 -18.56 23.35
CA PHE A 596 19.45 -19.43 22.52
C PHE A 596 19.69 -20.87 22.95
N PRO A 597 18.63 -21.68 23.16
CA PRO A 597 18.79 -23.03 23.68
C PRO A 597 19.46 -24.00 22.69
N THR A 598 20.27 -24.94 23.19
CA THR A 598 20.58 -26.21 22.50
C THR A 598 19.40 -27.14 22.77
N ILE A 599 18.49 -27.26 21.81
CA ILE A 599 17.18 -27.97 21.98
C ILE A 599 17.42 -29.48 21.85
N THR A 600 16.87 -30.24 22.79
CA THR A 600 16.82 -31.72 22.80
C THR A 600 15.37 -32.17 22.99
N THR A 601 14.62 -31.51 23.87
CA THR A 601 13.24 -31.90 24.26
C THR A 601 12.24 -31.41 23.21
N VAL A 602 10.98 -31.81 23.38
CA VAL A 602 9.81 -31.28 22.62
C VAL A 602 9.48 -29.90 23.21
N GLU A 603 9.49 -29.78 24.55
CA GLU A 603 9.22 -28.52 25.30
C GLU A 603 10.15 -27.42 24.77
N GLN A 604 11.45 -27.70 24.70
CA GLN A 604 12.51 -26.72 24.33
C GLN A 604 12.25 -26.18 22.92
N LEU A 605 11.89 -27.07 21.98
CA LEU A 605 11.58 -26.68 20.58
C LEU A 605 10.37 -25.74 20.59
N ILE A 606 9.28 -26.19 21.22
CA ILE A 606 7.97 -25.48 21.30
C ILE A 606 8.17 -24.05 21.83
N ASP A 607 8.90 -23.90 22.94
CA ASP A 607 9.20 -22.57 23.54
C ASP A 607 9.96 -21.73 22.52
N ALA A 608 11.11 -22.20 22.03
CA ALA A 608 11.97 -21.48 21.08
C ALA A 608 11.13 -20.98 19.89
N VAL A 609 10.34 -21.88 19.29
CA VAL A 609 9.47 -21.59 18.11
C VAL A 609 8.42 -20.54 18.51
N THR A 610 7.81 -20.71 19.69
CA THR A 610 6.82 -19.74 20.26
C THR A 610 7.49 -18.36 20.37
N MET A 611 8.59 -18.29 21.12
CA MET A 611 9.38 -17.04 21.30
C MET A 611 9.55 -16.33 19.96
N CYS A 612 9.99 -17.05 18.92
CA CYS A 612 10.32 -16.47 17.59
C CYS A 612 9.10 -15.72 17.03
N ILE A 613 7.90 -16.27 17.23
CA ILE A 613 6.63 -15.65 16.73
C ILE A 613 6.29 -14.48 17.64
N HIS A 614 6.20 -14.76 18.95
CA HIS A 614 6.03 -13.73 20.01
C HIS A 614 6.90 -12.51 19.70
N THR A 615 8.17 -12.74 19.37
CA THR A 615 9.16 -11.68 19.04
C THR A 615 8.80 -11.02 17.71
N ALA A 616 8.48 -11.81 16.69
CA ALA A 616 8.23 -11.30 15.32
C ALA A 616 6.90 -10.54 15.25
N SER A 617 5.95 -10.75 16.16
CA SER A 617 4.59 -10.14 16.03
C SER A 617 4.14 -9.44 17.31
N PRO A 618 3.55 -10.11 18.33
CA PRO A 618 2.89 -9.38 19.41
C PRO A 618 3.89 -8.46 20.14
N GLN A 619 5.15 -8.87 20.27
CA GLN A 619 6.17 -8.06 20.99
C GLN A 619 6.49 -6.83 20.16
N HIS A 620 6.96 -6.99 18.92
CA HIS A 620 7.25 -5.85 18.01
C HIS A 620 6.07 -4.88 18.11
N THR A 621 4.85 -5.40 17.90
CA THR A 621 3.58 -4.64 18.01
C THR A 621 3.44 -3.97 19.38
N ALA A 622 3.70 -4.69 20.48
CA ALA A 622 3.48 -4.18 21.86
C ALA A 622 4.34 -2.94 22.10
N VAL A 623 5.55 -2.93 21.54
CA VAL A 623 6.58 -1.87 21.79
C VAL A 623 6.73 -1.00 20.54
N ASN A 624 5.74 -0.99 19.65
CA ASN A 624 5.83 -0.17 18.42
C ASN A 624 4.48 0.47 18.06
N TYR A 625 3.36 -0.08 18.52
CA TYR A 625 2.01 0.36 18.08
C TYR A 625 1.70 1.77 18.63
N LEU A 626 2.07 2.04 19.87
CA LEU A 626 1.72 3.31 20.58
C LEU A 626 2.88 4.30 20.50
N GLN A 627 3.84 4.09 19.62
CA GLN A 627 5.12 4.86 19.62
C GLN A 627 4.83 6.35 19.42
N ASP A 628 3.96 6.68 18.46
CA ASP A 628 3.57 8.07 18.16
C ASP A 628 2.92 8.67 19.40
N TYR A 629 1.86 8.02 19.90
CA TYR A 629 1.03 8.52 21.02
C TYR A 629 1.93 8.99 22.17
N TYR A 630 2.89 8.18 22.58
CA TYR A 630 3.73 8.46 23.79
C TYR A 630 4.84 9.46 23.44
N TYR A 631 5.43 9.41 22.23
CA TYR A 631 6.67 10.15 21.90
C TYR A 631 6.41 11.46 21.15
N SER A 632 5.28 11.61 20.43
CA SER A 632 5.08 12.75 19.51
C SER A 632 4.85 14.04 20.31
N PHE A 633 4.27 13.97 21.50
CA PHE A 633 4.26 15.13 22.43
C PHE A 633 5.53 15.11 23.27
N VAL A 634 6.58 15.74 22.75
CA VAL A 634 7.99 15.57 23.18
C VAL A 634 8.13 15.81 24.68
N PRO A 635 7.52 16.88 25.27
CA PRO A 635 7.69 17.16 26.70
C PRO A 635 7.23 16.02 27.62
N ALA A 636 6.44 15.07 27.10
CA ALA A 636 5.93 13.88 27.83
C ALA A 636 7.00 12.77 27.85
N LYS A 637 7.82 12.68 26.79
CA LYS A 637 8.88 11.65 26.67
C LYS A 637 9.91 12.11 25.65
N PRO A 638 10.78 13.06 26.05
CA PRO A 638 11.84 13.57 25.17
C PRO A 638 13.09 12.68 25.11
N PRO A 639 13.80 12.65 23.97
CA PRO A 639 14.91 11.71 23.75
C PRO A 639 16.20 12.04 24.51
N ALA A 640 16.41 13.32 24.82
CA ALA A 640 17.59 13.82 25.56
C ALA A 640 17.32 15.23 26.09
N LEU A 641 18.12 15.63 27.08
CA LEU A 641 18.03 16.96 27.75
C LEU A 641 18.82 17.98 26.92
N CYS A 642 18.46 19.26 27.03
CA CYS A 642 19.09 20.42 26.34
C CYS A 642 19.76 21.35 27.36
N THR A 643 19.89 20.89 28.61
CA THR A 643 20.63 21.60 29.68
C THR A 643 21.37 20.55 30.50
N PRO A 644 22.65 20.80 30.86
CA PRO A 644 23.39 19.88 31.72
C PRO A 644 22.58 19.62 33.00
N LEU A 645 22.77 18.44 33.59
CA LEU A 645 22.07 18.05 34.83
C LEU A 645 22.40 19.10 35.89
N PRO A 646 21.49 19.36 36.85
CA PRO A 646 21.81 20.25 37.96
C PRO A 646 23.06 19.66 38.64
N GLN A 647 23.98 20.50 39.13
CA GLN A 647 25.31 20.03 39.59
C GLN A 647 25.12 19.19 40.87
N ASP A 648 24.15 19.55 41.72
CA ASP A 648 23.88 18.84 43.00
C ASP A 648 22.36 18.85 43.27
N LEU A 649 21.94 18.22 44.37
CA LEU A 649 20.51 18.16 44.81
C LEU A 649 20.00 19.58 45.07
N SER A 650 20.75 20.41 45.83
CA SER A 650 20.42 21.82 46.13
C SER A 650 19.86 22.50 44.87
N ALA A 651 20.68 22.58 43.83
CA ALA A 651 20.34 23.16 42.51
C ALA A 651 18.97 22.61 42.08
N LEU A 652 18.85 21.29 41.99
CA LEU A 652 17.63 20.58 41.49
C LEU A 652 16.39 21.21 42.13
N GLN A 653 16.35 21.29 43.45
CA GLN A 653 15.14 21.76 44.21
C GLN A 653 14.88 23.24 43.86
N GLY A 654 15.93 23.99 43.51
CA GLY A 654 15.82 25.40 43.08
C GLY A 654 15.32 25.57 41.65
N TYR A 655 14.94 24.47 40.99
CA TYR A 655 14.44 24.49 39.58
C TYR A 655 13.03 25.09 39.54
N THR A 656 12.75 25.86 38.48
CA THR A 656 11.43 26.48 38.18
C THR A 656 11.03 26.10 36.75
N GLU A 657 9.78 26.37 36.37
CA GLU A 657 9.24 26.08 35.01
C GLU A 657 10.30 26.43 33.96
N LYS A 658 10.96 27.58 34.11
CA LYS A 658 11.97 28.12 33.16
C LYS A 658 13.14 27.15 33.02
N ASP A 659 13.54 26.46 34.10
CA ASP A 659 14.59 25.41 34.09
C ASP A 659 14.10 24.20 33.28
N LEU A 660 12.85 23.77 33.51
CA LEU A 660 12.26 22.58 32.86
C LEU A 660 12.16 22.84 31.35
N THR A 661 11.62 23.99 30.96
CA THR A 661 11.43 24.41 29.56
C THR A 661 12.80 24.55 28.88
N ALA A 662 13.80 24.97 29.65
CA ALA A 662 15.19 25.17 29.16
C ALA A 662 15.78 23.81 28.75
N ALA A 663 15.45 22.76 29.50
CA ALA A 663 15.91 21.36 29.25
C ALA A 663 15.22 20.77 28.02
N LEU A 664 13.96 21.17 27.76
CA LEU A 664 13.16 20.64 26.62
C LEU A 664 13.63 21.31 25.33
N PRO A 665 13.27 20.74 24.16
CA PRO A 665 13.47 21.42 22.88
C PRO A 665 12.28 22.34 22.52
N ILE A 666 12.11 23.43 23.25
CA ILE A 666 11.05 24.45 22.98
C ILE A 666 11.72 25.79 22.65
N GLY A 667 11.06 26.60 21.81
CA GLY A 667 11.55 27.91 21.36
C GLY A 667 12.37 27.79 20.09
N THR A 668 13.08 28.87 19.72
CA THR A 668 13.89 28.98 18.48
C THR A 668 15.34 28.58 18.75
N GLU A 669 15.92 29.10 19.83
CA GLU A 669 17.38 29.02 20.15
C GLU A 669 17.79 27.56 20.37
N ASP A 670 19.09 27.30 20.25
CA ASP A 670 19.76 26.00 20.51
C ASP A 670 19.35 24.99 19.43
N MET A 671 18.85 25.46 18.28
CA MET A 671 18.35 24.63 17.16
C MET A 671 17.36 23.57 17.66
N LYS A 672 16.51 23.95 18.62
CA LYS A 672 15.59 23.02 19.33
C LYS A 672 14.45 22.59 18.40
N TRP A 673 14.07 23.44 17.43
CA TRP A 673 13.08 23.12 16.36
C TRP A 673 13.39 21.77 15.74
N LYS A 674 14.68 21.46 15.54
CA LYS A 674 15.14 20.27 14.79
C LYS A 674 14.86 19.01 15.62
N ASP A 675 15.35 18.99 16.87
CA ASP A 675 15.17 17.86 17.81
C ASP A 675 13.69 17.49 17.88
N TRP A 676 12.82 18.48 18.05
CA TRP A 676 11.34 18.27 18.11
C TRP A 676 10.90 17.50 16.86
N LEU A 677 11.23 18.03 15.68
CA LEU A 677 10.87 17.40 14.39
C LEU A 677 11.23 15.91 14.45
N LEU A 678 12.53 15.60 14.55
CA LEU A 678 13.05 14.22 14.52
C LEU A 678 12.37 13.40 15.63
N ALA A 679 12.54 13.80 16.90
CA ALA A 679 11.99 13.10 18.08
C ALA A 679 10.53 12.68 17.86
N ALA A 680 9.73 13.54 17.19
CA ALA A 680 8.31 13.31 16.88
C ALA A 680 8.17 12.52 15.58
N GLN A 681 9.04 12.81 14.61
CA GLN A 681 9.14 12.10 13.31
C GLN A 681 9.44 10.61 13.54
N LEU A 682 10.35 10.31 14.47
CA LEU A 682 10.91 8.94 14.64
C LEU A 682 9.78 7.91 14.63
N PRO A 683 8.76 8.00 15.51
CA PRO A 683 7.62 7.08 15.45
C PRO A 683 7.11 6.85 14.03
N GLU A 684 6.78 7.92 13.31
CA GLU A 684 6.16 7.83 11.96
C GLU A 684 7.08 7.04 11.03
N LEU A 685 8.41 7.18 11.17
CA LEU A 685 9.39 6.42 10.35
C LEU A 685 9.21 4.92 10.64
N LEU A 686 9.14 4.55 11.91
CA LEU A 686 9.06 3.14 12.36
C LEU A 686 7.64 2.57 12.18
N SER A 687 6.60 3.42 12.22
CA SER A 687 5.18 3.03 12.06
C SER A 687 4.84 3.05 10.57
N TYR A 688 5.37 2.08 9.84
CA TYR A 688 5.26 1.93 8.36
C TYR A 688 4.75 0.52 8.02
N TYR A 694 -0.50 -7.73 8.31
CA TYR A 694 0.60 -8.48 8.96
C TYR A 694 0.24 -8.73 10.44
N ASN A 695 -0.92 -9.34 10.68
CA ASN A 695 -1.41 -9.74 12.04
C ASN A 695 -1.55 -11.26 12.11
N LEU A 696 -1.90 -11.78 13.29
CA LEU A 696 -1.97 -13.24 13.57
C LEU A 696 -3.24 -13.86 12.96
N ILE A 697 -4.41 -13.24 13.16
CA ILE A 697 -5.70 -13.79 12.65
C ILE A 697 -5.49 -14.19 11.18
N THR A 698 -5.07 -13.23 10.35
CA THR A 698 -4.82 -13.41 8.91
C THR A 698 -3.85 -14.59 8.70
N TYR A 699 -2.81 -14.68 9.52
CA TYR A 699 -1.87 -15.83 9.51
C TYR A 699 -2.69 -17.11 9.64
N ALA A 700 -3.43 -17.26 10.74
CA ALA A 700 -4.25 -18.46 11.07
C ALA A 700 -5.16 -18.76 9.88
N LYS A 701 -6.05 -17.82 9.55
CA LYS A 701 -6.99 -17.91 8.39
C LYS A 701 -6.23 -18.46 7.19
N SER A 702 -5.05 -17.90 6.88
CA SER A 702 -4.25 -18.27 5.68
C SER A 702 -3.71 -19.69 5.84
N LEU A 703 -3.14 -20.00 7.01
CA LEU A 703 -2.54 -21.33 7.28
C LEU A 703 -3.63 -22.41 7.20
N TYR A 704 -4.86 -22.07 7.60
CA TYR A 704 -6.05 -22.95 7.54
C TYR A 704 -6.43 -23.18 6.07
N ASN A 705 -6.50 -22.11 5.28
CA ASN A 705 -7.04 -22.11 3.89
C ASN A 705 -6.04 -22.75 2.90
N VAL A 706 -4.84 -23.13 3.34
CA VAL A 706 -3.86 -23.87 2.49
C VAL A 706 -3.84 -25.35 2.92
N ASN A 707 -4.04 -25.62 4.21
CA ASN A 707 -4.04 -27.00 4.78
C ASN A 707 -5.48 -27.53 4.83
N LYS A 708 -6.30 -27.22 3.81
CA LYS A 708 -7.72 -27.63 3.72
C LYS A 708 -7.89 -28.67 2.60
N ASN A 709 -6.79 -29.25 2.12
CA ASN A 709 -6.73 -30.05 0.86
C ASN A 709 -6.76 -31.55 1.17
N PHE A 718 5.43 -34.63 8.94
CA PHE A 718 4.35 -33.74 9.43
C PHE A 718 2.99 -34.26 8.92
N ASN A 719 1.91 -33.70 9.47
CA ASN A 719 0.51 -33.99 9.04
C ASN A 719 -0.25 -32.66 8.86
N CYS A 720 -0.79 -32.44 7.66
CA CYS A 720 -1.43 -31.17 7.22
C CYS A 720 -2.79 -30.96 7.89
N LYS A 721 -3.50 -32.03 8.26
CA LYS A 721 -4.85 -31.95 8.90
C LYS A 721 -4.68 -31.50 10.35
N THR A 722 -3.73 -32.07 11.09
CA THR A 722 -3.38 -31.67 12.48
C THR A 722 -2.99 -30.19 12.46
N ILE A 723 -2.16 -29.80 11.48
CA ILE A 723 -1.80 -28.38 11.21
C ILE A 723 -3.11 -27.59 11.11
N LYS A 724 -3.99 -27.99 10.18
CA LYS A 724 -5.26 -27.27 9.88
C LYS A 724 -6.01 -27.03 11.18
N LYS A 725 -6.19 -28.06 11.99
CA LYS A 725 -6.84 -27.96 13.32
C LYS A 725 -6.14 -26.85 14.10
N ALA A 726 -4.84 -27.03 14.40
CA ALA A 726 -4.00 -26.03 15.12
C ALA A 726 -4.48 -24.63 14.74
N ALA A 727 -4.58 -24.38 13.43
CA ALA A 727 -4.99 -23.08 12.85
C ALA A 727 -6.38 -22.69 13.35
N ALA A 728 -7.39 -23.53 13.10
CA ALA A 728 -8.82 -23.21 13.32
C ALA A 728 -9.13 -23.11 14.83
N ASP A 729 -8.28 -23.68 15.68
CA ASP A 729 -8.36 -23.49 17.16
C ASP A 729 -7.70 -22.15 17.49
N PHE A 730 -6.46 -21.98 17.03
CA PHE A 730 -5.66 -20.74 17.17
C PHE A 730 -6.51 -19.53 16.79
N TYR A 731 -7.10 -19.57 15.60
CA TYR A 731 -8.05 -18.55 15.09
C TYR A 731 -9.07 -18.19 16.17
N SER A 732 -9.71 -19.20 16.78
CA SER A 732 -10.76 -19.03 17.81
C SER A 732 -10.13 -18.47 19.09
N HIS A 733 -9.11 -19.17 19.60
CA HIS A 733 -8.42 -18.82 20.86
C HIS A 733 -8.07 -17.33 20.88
N LEU A 734 -7.49 -16.84 19.78
CA LEU A 734 -7.13 -15.41 19.60
C LEU A 734 -8.38 -14.56 19.83
N LYS A 735 -9.43 -14.79 19.03
CA LYS A 735 -10.67 -13.97 19.02
C LYS A 735 -11.27 -13.94 20.43
N SER A 736 -11.33 -15.09 21.11
CA SER A 736 -11.86 -15.23 22.50
C SER A 736 -10.94 -14.50 23.49
N ALA A 737 -9.63 -14.57 23.29
CA ALA A 737 -8.60 -13.84 24.08
C ALA A 737 -8.72 -12.34 23.80
N GLY A 738 -9.04 -11.98 22.55
CA GLY A 738 -9.24 -10.60 22.11
C GLY A 738 -10.26 -9.86 22.97
N VAL A 739 -11.34 -10.55 23.36
CA VAL A 739 -12.35 -10.01 24.31
C VAL A 739 -11.64 -9.77 25.65
N GLU A 740 -10.99 -10.81 26.18
CA GLU A 740 -10.34 -10.82 27.52
C GLU A 740 -9.31 -9.69 27.60
N PHE A 741 -8.65 -9.35 26.49
CA PHE A 741 -7.70 -8.21 26.40
C PHE A 741 -8.43 -6.91 26.71
N GLU A 742 -9.57 -6.68 26.04
CA GLU A 742 -10.33 -5.41 26.14
C GLU A 742 -10.88 -5.25 27.56
N ASN A 743 -11.09 -6.35 28.29
CA ASN A 743 -11.52 -6.34 29.71
C ASN A 743 -10.39 -5.74 30.56
N TYR A 744 -9.17 -6.24 30.41
CA TYR A 744 -7.98 -5.77 31.17
C TYR A 744 -7.79 -4.27 30.92
N SER A 745 -8.13 -3.79 29.72
CA SER A 745 -8.06 -2.35 29.34
C SER A 745 -9.08 -1.57 30.16
N LYS A 746 -10.32 -2.05 30.24
CA LYS A 746 -11.41 -1.44 31.06
C LYS A 746 -11.08 -1.61 32.56
N GLY A 747 -10.47 -2.74 32.93
CA GLY A 747 -10.24 -3.18 34.32
C GLY A 747 -9.23 -2.32 35.06
N GLN A 748 -8.50 -1.46 34.36
CA GLN A 748 -7.55 -0.48 34.96
C GLN A 748 -8.35 0.51 35.82
N THR A 749 -7.73 1.04 36.88
CA THR A 749 -8.35 2.05 37.78
C THR A 749 -8.86 3.24 36.97
N ALA A 750 -9.73 4.07 37.57
CA ALA A 750 -10.32 5.27 36.97
C ALA A 750 -9.29 6.00 36.11
N GLY A 751 -9.65 6.30 34.86
CA GLY A 751 -8.96 7.28 34.00
C GLY A 751 -7.68 6.76 33.37
N THR A 752 -7.18 5.60 33.80
CA THR A 752 -5.90 5.02 33.29
C THR A 752 -6.06 4.64 31.83
N VAL A 753 -5.25 5.22 30.94
CA VAL A 753 -5.40 5.14 29.46
C VAL A 753 -5.45 3.67 29.01
N GLU A 754 -6.23 3.40 27.96
CA GLU A 754 -6.48 2.05 27.37
C GLU A 754 -5.16 1.38 26.99
N TYR A 755 -5.15 0.04 26.97
CA TYR A 755 -4.10 -0.79 26.32
C TYR A 755 -4.78 -1.62 25.22
N PRO A 756 -4.99 -1.04 24.02
CA PRO A 756 -5.76 -1.69 22.96
C PRO A 756 -4.90 -2.47 21.94
N VAL A 757 -3.65 -2.74 22.30
CA VAL A 757 -2.52 -2.90 21.33
C VAL A 757 -2.58 -4.28 20.66
N LEU A 758 -2.96 -5.34 21.38
CA LEU A 758 -2.94 -6.73 20.86
C LEU A 758 -4.33 -7.10 20.31
N GLN A 759 -5.12 -6.10 19.89
CA GLN A 759 -6.49 -6.31 19.36
C GLN A 759 -6.39 -6.75 17.89
N PRO A 760 -7.01 -7.90 17.54
CA PRO A 760 -7.22 -8.27 16.13
C PRO A 760 -7.96 -7.20 15.32
N VAL B 33 -11.21 -14.53 38.96
CA VAL B 33 -10.77 -15.41 37.83
C VAL B 33 -9.45 -14.90 37.27
N PRO B 34 -8.29 -15.44 37.73
CA PRO B 34 -6.98 -14.97 37.28
C PRO B 34 -6.68 -15.35 35.82
N PRO B 35 -5.61 -14.78 35.21
CA PRO B 35 -5.13 -15.19 33.89
C PRO B 35 -4.88 -16.69 33.73
N ARG B 36 -4.35 -17.35 34.78
CA ARG B 36 -4.22 -18.83 34.85
C ARG B 36 -5.49 -19.48 34.28
N SER B 37 -6.64 -19.19 34.90
CA SER B 37 -7.99 -19.71 34.51
C SER B 37 -8.35 -19.20 33.11
N LYS B 38 -8.29 -17.88 32.90
CA LYS B 38 -8.74 -17.20 31.66
C LYS B 38 -8.16 -17.91 30.43
N LEU B 39 -6.89 -18.32 30.51
CA LEU B 39 -6.19 -19.08 29.44
C LEU B 39 -6.80 -20.49 29.37
N ASP B 40 -6.87 -21.18 30.50
CA ASP B 40 -7.42 -22.56 30.63
C ASP B 40 -8.84 -22.60 30.04
N SER B 41 -9.73 -21.72 30.50
CA SER B 41 -11.16 -21.64 30.11
C SER B 41 -11.30 -21.30 28.63
N ILE B 42 -10.21 -20.92 27.95
CA ILE B 42 -10.19 -20.69 26.48
C ILE B 42 -9.67 -21.96 25.79
N LEU B 43 -8.62 -22.59 26.33
CA LEU B 43 -8.07 -23.86 25.79
C LEU B 43 -9.07 -24.99 26.06
N SER B 44 -9.50 -25.15 27.32
CA SER B 44 -10.47 -26.17 27.77
C SER B 44 -11.73 -26.12 26.90
N SER B 45 -12.45 -25.00 26.95
CA SER B 45 -13.82 -24.83 26.38
C SER B 45 -13.83 -25.09 24.88
N GLY B 46 -14.99 -25.51 24.35
CA GLY B 46 -15.25 -25.61 22.90
C GLY B 46 -15.10 -24.25 22.25
N LEU B 47 -14.61 -24.21 21.00
CA LEU B 47 -14.30 -22.97 20.26
C LEU B 47 -15.57 -22.11 20.16
N GLU B 48 -15.51 -20.85 20.62
CA GLU B 48 -16.61 -19.87 20.53
C GLU B 48 -16.76 -19.40 19.08
N HIS B 49 -15.69 -19.44 18.27
CA HIS B 49 -15.65 -18.88 16.91
C HIS B 49 -15.22 -19.95 15.90
N ASN B 50 -16.04 -20.17 14.88
CA ASN B 50 -15.81 -21.15 13.77
C ASN B 50 -15.10 -20.42 12.63
N ILE B 51 -13.87 -20.82 12.31
CA ILE B 51 -13.04 -20.15 11.27
C ILE B 51 -13.78 -20.13 9.93
N ASP B 52 -14.67 -21.09 9.69
CA ASP B 52 -15.40 -21.24 8.39
C ASP B 52 -16.46 -20.15 8.24
N HIS B 53 -17.02 -19.60 9.32
CA HIS B 53 -17.97 -18.46 9.27
C HIS B 53 -17.27 -17.20 8.73
N ASP B 54 -15.98 -17.06 9.00
CA ASP B 54 -15.15 -15.91 8.53
C ASP B 54 -14.43 -16.31 7.25
N PRO B 55 -14.88 -15.84 6.07
CA PRO B 55 -14.21 -16.15 4.80
C PRO B 55 -12.86 -15.43 4.65
N LEU B 56 -11.89 -16.08 4.00
CA LEU B 56 -10.54 -15.51 3.75
C LEU B 56 -10.63 -14.41 2.68
N GLU B 57 -10.36 -13.16 3.07
CA GLU B 57 -10.50 -11.96 2.22
C GLU B 57 -9.14 -11.63 1.59
N VAL B 58 -8.05 -11.69 2.37
CA VAL B 58 -6.67 -11.36 1.88
C VAL B 58 -5.65 -12.29 2.52
N TRP B 59 -4.56 -12.54 1.79
CA TRP B 59 -3.53 -13.57 2.10
C TRP B 59 -2.48 -13.01 3.06
N ASP B 60 -1.98 -13.85 3.98
CA ASP B 60 -0.63 -13.69 4.56
C ASP B 60 0.36 -13.98 3.42
N LYS B 61 1.05 -12.94 2.93
CA LYS B 61 1.97 -13.02 1.76
C LYS B 61 3.03 -14.11 2.04
N GLY B 62 3.42 -14.25 3.30
CA GLY B 62 4.43 -15.23 3.75
C GLY B 62 3.93 -16.65 3.63
N VAL B 63 2.71 -16.92 4.12
CA VAL B 63 2.02 -18.23 4.01
C VAL B 63 1.91 -18.58 2.52
N PHE B 64 1.46 -17.62 1.71
CA PHE B 64 1.13 -17.79 0.28
C PHE B 64 2.41 -17.96 -0.55
N LEU B 65 3.54 -17.42 -0.11
CA LEU B 65 4.83 -17.66 -0.80
C LEU B 65 5.26 -19.10 -0.52
N ASN B 66 5.04 -19.59 0.70
CA ASN B 66 5.29 -21.00 1.09
C ASN B 66 4.44 -21.94 0.23
N GLU B 67 3.18 -21.60 -0.01
CA GLU B 67 2.24 -22.48 -0.75
C GLU B 67 2.66 -22.52 -2.22
N LEU B 68 2.98 -21.38 -2.83
CA LEU B 68 3.46 -21.31 -4.23
C LEU B 68 4.74 -22.14 -4.37
N LEU B 69 5.58 -22.21 -3.32
CA LEU B 69 6.80 -23.06 -3.29
C LEU B 69 6.39 -24.53 -3.09
N LYS B 70 5.61 -24.79 -2.04
CA LYS B 70 5.05 -26.13 -1.71
C LYS B 70 4.46 -26.77 -2.97
N GLN B 71 3.71 -26.01 -3.76
CA GLN B 71 2.97 -26.50 -4.96
C GLN B 71 3.88 -26.45 -6.20
N GLY B 72 5.11 -25.95 -6.05
CA GLY B 72 6.12 -25.89 -7.13
C GLY B 72 5.77 -24.87 -8.19
N ILE B 73 4.91 -23.89 -7.87
CA ILE B 73 4.66 -22.71 -8.74
C ILE B 73 5.76 -21.69 -8.41
N ALA B 74 6.96 -21.92 -8.95
CA ALA B 74 8.20 -21.18 -8.60
C ALA B 74 9.21 -21.36 -9.73
N LEU B 75 10.24 -20.52 -9.78
CA LEU B 75 11.29 -20.59 -10.81
C LEU B 75 12.29 -21.68 -10.42
N SER B 76 12.58 -22.60 -11.33
CA SER B 76 13.58 -23.69 -11.15
C SER B 76 14.97 -23.12 -11.46
N THR B 77 16.00 -23.69 -10.83
CA THR B 77 17.42 -23.27 -10.99
C THR B 77 18.34 -24.49 -11.00
N ASN B 78 19.48 -24.38 -11.68
CA ASN B 78 20.49 -25.46 -11.85
C ASN B 78 21.38 -25.51 -10.60
N GLU B 79 22.34 -26.45 -10.57
CA GLU B 79 23.42 -26.51 -9.57
C GLU B 79 24.02 -25.12 -9.39
N ASN B 80 24.43 -24.50 -10.50
CA ASN B 80 25.11 -23.17 -10.57
C ASN B 80 24.16 -22.02 -10.13
N GLY B 81 22.86 -22.29 -10.01
CA GLY B 81 21.88 -21.39 -9.38
C GLY B 81 21.32 -20.34 -10.32
N THR B 82 21.61 -20.41 -11.62
CA THR B 82 21.02 -19.53 -12.66
C THR B 82 19.65 -20.09 -13.07
N LEU B 83 18.78 -19.25 -13.65
CA LEU B 83 17.39 -19.61 -14.01
C LEU B 83 17.37 -20.58 -15.19
N ASP B 84 16.47 -21.57 -15.15
CA ASP B 84 16.19 -22.51 -16.27
C ASP B 84 15.48 -21.73 -17.39
N GLY B 85 14.35 -21.11 -17.06
CA GLY B 85 13.34 -20.63 -18.03
C GLY B 85 12.09 -21.46 -17.95
N GLU B 86 12.17 -22.62 -17.27
CA GLU B 86 11.01 -23.47 -16.89
C GLU B 86 10.72 -23.28 -15.40
N LEU B 87 9.51 -23.67 -14.97
CA LEU B 87 9.08 -23.66 -13.56
C LEU B 87 9.47 -24.98 -12.89
N VAL B 88 9.30 -25.07 -11.58
CA VAL B 88 9.65 -26.28 -10.76
C VAL B 88 8.68 -27.40 -11.12
N ALA B 89 7.38 -27.22 -10.85
CA ALA B 89 6.31 -28.20 -11.13
C ALA B 89 6.11 -28.33 -12.63
N ASP B 90 5.89 -29.55 -13.12
CA ASP B 90 5.60 -29.86 -14.54
C ASP B 90 4.12 -29.63 -14.83
N GLU B 91 3.25 -29.91 -13.85
CA GLU B 91 1.77 -29.88 -14.00
C GLU B 91 1.16 -28.83 -13.06
N GLY B 92 -0.08 -28.43 -13.32
CA GLY B 92 -0.81 -27.40 -12.56
C GLY B 92 -1.50 -27.95 -11.32
N LEU B 93 -2.49 -27.22 -10.81
CA LEU B 93 -3.29 -27.58 -9.61
C LEU B 93 -4.44 -28.48 -10.05
N LYS B 94 -4.87 -29.39 -9.18
CA LYS B 94 -5.92 -30.39 -9.48
C LYS B 94 -7.29 -29.80 -9.16
N LYS B 95 -7.62 -29.64 -7.87
CA LYS B 95 -8.91 -29.08 -7.41
C LYS B 95 -8.68 -27.74 -6.72
N GLY B 96 -9.65 -26.85 -6.81
CA GLY B 96 -9.69 -25.56 -6.10
C GLY B 96 -11.11 -25.04 -5.96
N SER B 97 -11.25 -23.86 -5.35
CA SER B 97 -12.53 -23.13 -5.19
C SER B 97 -12.47 -21.87 -6.05
N TYR B 98 -13.60 -21.50 -6.69
CA TYR B 98 -13.78 -20.20 -7.39
C TYR B 98 -13.29 -19.09 -6.45
N LYS B 99 -13.90 -19.02 -5.26
CA LYS B 99 -13.55 -18.05 -4.16
C LYS B 99 -12.03 -18.03 -3.96
N GLY B 100 -11.43 -19.20 -3.73
CA GLY B 100 -10.01 -19.37 -3.38
C GLY B 100 -9.09 -19.04 -4.55
N THR B 101 -9.47 -19.45 -5.77
CA THR B 101 -8.64 -19.28 -6.99
C THR B 101 -8.69 -17.81 -7.44
N ARG B 102 -9.87 -17.20 -7.36
CA ARG B 102 -10.08 -15.76 -7.61
C ARG B 102 -9.08 -14.96 -6.78
N LEU B 103 -8.97 -15.29 -5.49
CA LEU B 103 -8.01 -14.63 -4.56
C LEU B 103 -6.58 -14.95 -5.01
N ALA B 104 -6.28 -16.21 -5.31
CA ALA B 104 -4.91 -16.67 -5.64
C ALA B 104 -4.40 -15.97 -6.90
N LEU B 105 -5.28 -15.66 -7.87
CA LEU B 105 -4.88 -14.91 -9.09
C LEU B 105 -4.59 -13.47 -8.72
N THR B 106 -5.55 -12.81 -8.05
CA THR B 106 -5.40 -11.42 -7.56
C THR B 106 -3.99 -11.28 -6.98
N GLU B 107 -3.62 -12.17 -6.05
CA GLU B 107 -2.31 -12.14 -5.33
C GLU B 107 -1.15 -12.37 -6.31
N ILE B 108 -1.09 -13.54 -6.98
CA ILE B 108 0.06 -13.86 -7.88
C ILE B 108 0.29 -12.66 -8.82
N TYR B 109 -0.78 -12.03 -9.32
CA TYR B 109 -0.66 -10.89 -10.26
C TYR B 109 -0.05 -9.68 -9.54
N SER B 110 -0.38 -9.45 -8.27
CA SER B 110 0.23 -8.39 -7.44
C SER B 110 1.72 -8.67 -7.31
N ILE B 111 2.09 -9.89 -6.93
CA ILE B 111 3.52 -10.31 -6.75
C ILE B 111 4.26 -10.01 -8.07
N LEU B 112 3.59 -10.28 -9.18
CA LEU B 112 4.16 -10.09 -10.54
C LEU B 112 4.44 -8.60 -10.79
N GLU B 113 3.55 -7.72 -10.34
CA GLU B 113 3.71 -6.25 -10.54
C GLU B 113 4.84 -5.76 -9.63
N ASP B 114 4.95 -6.31 -8.42
CA ASP B 114 6.07 -6.00 -7.48
C ASP B 114 7.38 -6.36 -8.18
N ALA B 115 7.47 -7.58 -8.73
CA ALA B 115 8.63 -8.06 -9.51
C ALA B 115 8.98 -7.04 -10.59
N ALA B 116 7.99 -6.62 -11.37
CA ALA B 116 8.14 -5.69 -12.52
C ALA B 116 8.73 -4.37 -12.04
N VAL B 117 8.24 -3.86 -10.89
CA VAL B 117 8.67 -2.57 -10.28
C VAL B 117 10.14 -2.69 -9.85
N SER B 118 10.48 -3.77 -9.14
CA SER B 118 11.85 -4.04 -8.63
C SER B 118 12.82 -4.20 -9.79
N HIS B 119 12.33 -4.71 -10.92
CA HIS B 119 13.14 -4.94 -12.14
C HIS B 119 13.47 -3.60 -12.80
N PHE B 120 12.44 -2.80 -13.10
CA PHE B 120 12.57 -1.48 -13.75
C PHE B 120 13.39 -0.55 -12.85
N ASP B 121 13.46 -0.86 -11.55
CA ASP B 121 14.36 -0.16 -10.60
C ASP B 121 15.80 -0.58 -10.91
N LYS B 122 16.06 -1.89 -10.99
CA LYS B 122 17.40 -2.47 -11.28
C LYS B 122 17.87 -1.99 -12.65
N ARG B 123 17.05 -2.16 -13.69
CA ARG B 123 17.36 -1.73 -15.09
C ARG B 123 17.33 -0.20 -15.20
N GLY B 124 16.91 0.50 -14.14
CA GLY B 124 16.88 1.97 -14.08
C GLY B 124 15.87 2.57 -15.04
N TYR B 125 14.93 1.79 -15.57
CA TYR B 125 13.85 2.28 -16.46
C TYR B 125 12.99 3.26 -15.64
N GLU B 126 12.64 2.88 -14.41
CA GLU B 126 11.98 3.76 -13.41
C GLU B 126 12.69 3.59 -12.08
N PRO B 127 13.74 4.39 -11.77
CA PRO B 127 14.50 4.18 -10.54
C PRO B 127 13.67 4.63 -9.33
N ILE B 128 13.65 3.81 -8.27
CA ILE B 128 12.90 4.07 -7.02
C ILE B 128 13.49 5.30 -6.34
N PHE B 129 14.78 5.26 -6.01
CA PHE B 129 15.56 6.42 -5.53
C PHE B 129 15.90 7.29 -6.73
N PRO B 130 15.88 8.64 -6.61
CA PRO B 130 16.05 9.49 -7.78
C PRO B 130 17.52 9.42 -8.19
N VAL B 131 17.78 9.69 -9.47
CA VAL B 131 19.15 9.74 -10.06
C VAL B 131 19.13 10.74 -11.21
N LYS B 132 20.00 11.75 -11.18
CA LYS B 132 20.18 12.66 -12.34
C LYS B 132 20.85 11.85 -13.45
N ARG B 133 20.26 11.83 -14.64
CA ARG B 133 20.83 11.19 -15.84
C ARG B 133 20.72 12.16 -17.03
N GLU B 134 21.83 12.37 -17.74
CA GLU B 134 21.91 13.28 -18.91
C GLU B 134 21.17 12.62 -20.08
N LEU B 135 20.38 13.41 -20.81
CA LEU B 135 19.61 12.98 -22.00
C LEU B 135 20.39 11.91 -22.77
N ASP B 136 21.68 12.15 -23.03
CA ASP B 136 22.54 11.26 -23.85
C ASP B 136 22.55 9.85 -23.23
N LEU B 137 22.48 9.73 -21.90
CA LEU B 137 22.41 8.42 -21.19
C LEU B 137 21.01 7.82 -21.33
N LYS B 138 19.95 8.62 -21.16
CA LYS B 138 18.54 8.14 -21.14
C LYS B 138 18.14 7.55 -22.49
N LYS B 139 18.80 7.96 -23.59
CA LYS B 139 18.59 7.39 -24.94
C LYS B 139 19.12 5.95 -24.97
N ARG B 140 20.15 5.66 -24.17
CA ARG B 140 20.80 4.32 -24.09
C ARG B 140 20.01 3.41 -23.15
N ILE B 141 19.16 3.96 -22.28
CA ILE B 141 18.33 3.19 -21.30
C ILE B 141 16.93 2.98 -21.87
N TYR B 142 16.26 4.07 -22.26
CA TYR B 142 14.89 4.10 -22.80
C TYR B 142 14.95 3.81 -24.30
N GLN B 143 14.88 2.53 -24.69
CA GLN B 143 15.02 2.08 -26.09
C GLN B 143 13.75 1.33 -26.53
N TRP B 144 13.36 1.53 -27.79
CA TRP B 144 12.11 0.97 -28.38
C TRP B 144 12.23 -0.54 -28.60
N SER B 145 11.16 -1.28 -28.31
CA SER B 145 10.95 -2.68 -28.77
C SER B 145 10.79 -2.66 -30.30
N ASP B 146 10.86 -3.83 -30.93
CA ASP B 146 11.06 -3.99 -32.39
C ASP B 146 9.83 -4.65 -33.04
N GLY B 147 8.79 -4.98 -32.27
CA GLY B 147 7.55 -5.59 -32.79
C GLY B 147 7.56 -7.11 -32.71
N THR B 148 8.73 -7.71 -32.54
CA THR B 148 8.94 -9.17 -32.27
C THR B 148 7.83 -9.71 -31.37
N ASP B 149 7.62 -9.06 -30.22
CA ASP B 149 6.64 -9.44 -29.15
C ASP B 149 5.21 -9.49 -29.70
N GLY B 150 4.92 -8.79 -30.80
CA GLY B 150 3.59 -8.72 -31.43
C GLY B 150 2.83 -7.47 -30.98
N TYR B 151 3.44 -6.68 -30.09
CA TYR B 151 2.87 -5.43 -29.54
C TYR B 151 3.37 -4.23 -30.32
N PRO B 152 2.73 -3.04 -30.17
CA PRO B 152 3.20 -1.81 -30.80
C PRO B 152 4.51 -1.31 -30.21
N PRO B 153 5.00 -0.12 -30.63
CA PRO B 153 6.28 0.40 -30.16
C PRO B 153 6.24 0.77 -28.67
N HIS B 154 6.92 -0.02 -27.84
CA HIS B 154 6.99 0.19 -26.38
C HIS B 154 8.43 -0.03 -25.90
N LEU B 155 8.75 0.48 -24.70
CA LEU B 155 10.06 0.29 -24.02
C LEU B 155 10.50 -1.17 -24.17
N LYS B 156 11.78 -1.38 -24.49
CA LYS B 156 12.38 -2.74 -24.58
C LYS B 156 12.64 -3.23 -23.16
N VAL B 157 12.61 -4.54 -22.95
CA VAL B 157 12.71 -5.16 -21.59
C VAL B 157 13.86 -6.16 -21.57
N ASP B 158 14.88 -5.89 -20.75
CA ASP B 158 16.00 -6.80 -20.43
C ASP B 158 15.57 -7.71 -19.27
N SER B 195 5.18 -15.71 -21.49
CA SER B 195 4.87 -17.14 -21.73
C SER B 195 5.25 -17.96 -20.48
N LYS B 196 6.51 -17.87 -20.05
CA LYS B 196 7.06 -18.60 -18.87
C LYS B 196 6.21 -18.30 -17.63
N ILE B 197 5.81 -17.04 -17.46
CA ILE B 197 4.95 -16.56 -16.34
C ILE B 197 3.53 -17.07 -16.56
N ALA B 198 2.97 -16.81 -17.75
CA ALA B 198 1.60 -17.19 -18.15
C ALA B 198 1.34 -18.65 -17.78
N GLN B 199 2.40 -19.47 -17.79
CA GLN B 199 2.36 -20.87 -17.29
C GLN B 199 1.92 -20.86 -15.82
N ALA B 200 2.60 -20.08 -14.98
CA ALA B 200 2.41 -20.03 -13.51
C ALA B 200 0.96 -19.68 -13.15
N VAL B 201 0.32 -18.79 -13.90
CA VAL B 201 -1.06 -18.32 -13.58
C VAL B 201 -2.04 -19.44 -13.95
N SER B 202 -1.78 -20.18 -15.04
CA SER B 202 -2.58 -21.36 -15.42
C SER B 202 -2.51 -22.37 -14.27
N PHE B 203 -1.31 -22.64 -13.76
CA PHE B 203 -1.03 -23.62 -12.67
C PHE B 203 -1.86 -23.26 -11.44
N ILE B 204 -2.16 -21.97 -11.23
CA ILE B 204 -3.02 -21.48 -10.12
C ILE B 204 -4.47 -21.90 -10.37
N ILE B 205 -4.92 -21.84 -11.62
CA ILE B 205 -6.32 -22.18 -12.03
C ILE B 205 -6.44 -23.70 -12.10
N PRO B 206 -7.23 -24.35 -11.22
CA PRO B 206 -7.26 -25.81 -11.16
C PRO B 206 -7.81 -26.46 -12.44
N LYS B 207 -7.64 -27.79 -12.54
CA LYS B 207 -8.24 -28.65 -13.58
C LYS B 207 -9.77 -28.48 -13.55
N ASP B 208 -10.36 -28.55 -12.35
CA ASP B 208 -11.82 -28.39 -12.13
C ASP B 208 -12.07 -27.97 -10.67
N ILE B 209 -13.17 -27.28 -10.41
CA ILE B 209 -13.47 -26.70 -9.06
C ILE B 209 -14.84 -27.20 -8.56
N ASP B 210 -15.03 -27.11 -7.25
CA ASP B 210 -16.32 -27.33 -6.56
C ASP B 210 -17.31 -26.26 -7.04
N HIS B 211 -18.38 -26.68 -7.70
CA HIS B 211 -19.40 -25.79 -8.34
C HIS B 211 -20.45 -25.32 -7.32
N GLU B 212 -20.46 -25.86 -6.10
CA GLU B 212 -21.50 -25.56 -5.08
C GLU B 212 -21.23 -24.17 -4.48
N ASN B 213 -22.26 -23.31 -4.44
CA ASN B 213 -22.20 -21.92 -3.94
C ASN B 213 -21.14 -21.13 -4.72
N THR B 214 -21.14 -21.27 -6.05
CA THR B 214 -20.41 -20.39 -6.99
C THR B 214 -21.41 -19.48 -7.69
N PRO B 215 -20.97 -18.32 -8.25
CA PRO B 215 -21.88 -17.38 -8.91
C PRO B 215 -22.30 -17.72 -10.34
N TYR B 216 -21.81 -18.83 -10.90
CA TYR B 216 -22.10 -19.29 -12.28
C TYR B 216 -22.96 -20.57 -12.25
N LYS B 217 -23.15 -21.17 -11.07
CA LYS B 217 -23.83 -22.50 -10.94
C LYS B 217 -25.13 -22.46 -11.74
N GLY B 218 -26.04 -21.54 -11.39
CA GLY B 218 -27.37 -21.41 -12.01
C GLY B 218 -28.25 -22.61 -11.66
N PRO B 219 -28.65 -23.46 -12.63
CA PRO B 219 -28.30 -23.27 -14.04
C PRO B 219 -29.15 -22.27 -14.85
N THR B 220 -29.92 -21.37 -14.21
CA THR B 220 -30.77 -20.35 -14.89
C THR B 220 -30.43 -18.94 -14.41
N LEU B 221 -30.82 -17.92 -15.19
CA LEU B 221 -30.58 -16.47 -14.92
C LEU B 221 -31.03 -16.15 -13.49
N ALA B 222 -32.30 -16.42 -13.17
CA ALA B 222 -32.89 -16.17 -11.84
C ALA B 222 -31.96 -16.70 -10.75
N ASP B 223 -31.36 -17.88 -10.97
CA ASP B 223 -30.49 -18.58 -9.99
C ASP B 223 -29.24 -17.74 -9.71
N VAL B 224 -28.50 -17.37 -10.76
CA VAL B 224 -27.22 -16.62 -10.66
C VAL B 224 -27.53 -15.18 -10.21
N GLU B 225 -28.66 -14.61 -10.66
CA GLU B 225 -29.16 -13.28 -10.20
C GLU B 225 -29.32 -13.31 -8.67
N LYS B 226 -29.94 -14.37 -8.14
CA LYS B 226 -30.17 -14.57 -6.68
C LYS B 226 -28.84 -14.65 -5.95
N PHE B 227 -27.86 -15.36 -6.51
CA PHE B 227 -26.49 -15.49 -5.94
C PHE B 227 -25.78 -14.14 -5.97
N ASN B 228 -25.75 -13.54 -7.15
CA ASN B 228 -25.08 -12.24 -7.43
C ASN B 228 -25.50 -11.22 -6.36
N LYS B 229 -26.80 -11.08 -6.13
CA LYS B 229 -27.38 -10.10 -5.16
C LYS B 229 -26.94 -10.44 -3.74
N ALA B 230 -26.79 -11.72 -3.42
CA ALA B 230 -26.49 -12.22 -2.06
C ALA B 230 -25.10 -11.74 -1.62
N GLN B 231 -24.16 -11.58 -2.55
CA GLN B 231 -22.73 -11.29 -2.23
C GLN B 231 -22.57 -9.83 -1.77
N PHE B 232 -23.54 -8.96 -2.06
CA PHE B 232 -23.45 -7.50 -1.72
C PHE B 232 -23.35 -7.36 -0.20
N PRO B 233 -22.52 -6.42 0.31
CA PRO B 233 -22.40 -6.17 1.75
C PRO B 233 -23.71 -5.87 2.49
N ASP B 250 -17.63 3.98 -3.43
CA ASP B 250 -17.11 2.88 -2.59
C ASP B 250 -18.24 1.94 -2.20
N ILE B 251 -19.45 2.47 -1.98
CA ILE B 251 -20.71 1.70 -1.78
C ILE B 251 -21.07 1.03 -3.11
N MET B 252 -21.08 1.83 -4.19
CA MET B 252 -21.25 1.37 -5.60
C MET B 252 -20.26 0.24 -5.86
N LYS B 253 -18.98 0.47 -5.53
CA LYS B 253 -17.87 -0.52 -5.67
C LYS B 253 -18.31 -1.88 -5.10
N GLY B 254 -19.01 -1.88 -3.96
CA GLY B 254 -19.44 -3.10 -3.25
C GLY B 254 -20.29 -4.01 -4.12
N ARG B 255 -21.08 -3.44 -5.02
CA ARG B 255 -22.13 -4.18 -5.79
C ARG B 255 -21.78 -4.14 -7.28
N ASN B 256 -22.70 -4.60 -8.12
CA ASN B 256 -22.57 -4.52 -9.60
C ASN B 256 -23.96 -4.23 -10.19
N ILE B 257 -24.09 -4.26 -11.51
CA ILE B 257 -25.32 -3.79 -12.21
C ILE B 257 -26.49 -4.70 -11.87
N GLY B 258 -26.21 -5.96 -11.45
CA GLY B 258 -27.22 -6.91 -10.95
C GLY B 258 -28.10 -6.32 -9.87
N GLU B 259 -27.62 -5.28 -9.16
CA GLU B 259 -28.40 -4.57 -8.12
C GLU B 259 -29.73 -4.13 -8.74
N TYR B 260 -29.71 -3.63 -9.98
CA TYR B 260 -30.92 -3.33 -10.77
C TYR B 260 -31.50 -4.66 -11.29
N ASP B 261 -32.80 -4.86 -11.09
CA ASP B 261 -33.52 -6.09 -11.55
C ASP B 261 -33.64 -6.06 -13.07
N ASP B 262 -33.80 -4.86 -13.65
CA ASP B 262 -33.99 -4.67 -15.12
C ASP B 262 -32.65 -4.24 -15.74
N TRP B 263 -31.55 -4.92 -15.38
CA TRP B 263 -30.21 -4.74 -16.00
C TRP B 263 -30.29 -5.02 -17.50
N TYR B 264 -31.09 -6.02 -17.89
CA TYR B 264 -31.28 -6.50 -19.28
C TYR B 264 -32.02 -5.45 -20.13
N SER B 265 -32.64 -4.43 -19.51
CA SER B 265 -33.58 -3.48 -20.16
C SER B 265 -32.90 -2.59 -21.20
N ASP B 266 -33.58 -2.40 -22.35
CA ASP B 266 -33.22 -1.41 -23.40
C ASP B 266 -32.56 -0.21 -22.73
N ALA B 267 -33.24 0.38 -21.76
CA ALA B 267 -32.79 1.60 -21.03
C ALA B 267 -31.37 1.41 -20.52
N ARG B 268 -31.12 0.37 -19.73
CA ARG B 268 -29.85 0.20 -19.00
C ARG B 268 -28.77 -0.35 -19.93
N PHE B 269 -29.14 -1.20 -20.90
CA PHE B 269 -28.23 -1.69 -21.97
C PHE B 269 -27.59 -0.49 -22.70
N ALA B 270 -28.43 0.44 -23.16
CA ALA B 270 -28.05 1.58 -24.03
C ALA B 270 -27.31 2.64 -23.20
N GLN B 271 -27.75 2.91 -21.96
CA GLN B 271 -27.10 3.92 -21.09
C GLN B 271 -25.62 3.54 -20.89
N GLN B 272 -25.26 2.26 -21.02
CA GLN B 272 -23.86 1.77 -20.91
C GLN B 272 -22.98 2.43 -21.99
N HIS B 273 -23.57 2.96 -23.06
CA HIS B 273 -22.83 3.58 -24.18
C HIS B 273 -22.59 5.06 -23.89
N PHE B 274 -23.25 5.61 -22.85
CA PHE B 274 -23.10 7.01 -22.40
C PHE B 274 -22.36 7.10 -21.07
N SER B 275 -22.58 6.17 -20.15
CA SER B 275 -22.09 6.27 -18.75
C SER B 275 -21.49 4.93 -18.27
N GLY B 276 -21.10 4.06 -19.20
CA GLY B 276 -20.43 2.78 -18.90
C GLY B 276 -18.91 2.91 -18.92
N VAL B 277 -18.21 1.79 -19.09
CA VAL B 277 -16.71 1.78 -19.13
C VAL B 277 -16.24 2.19 -20.53
N ASN B 278 -17.15 2.29 -21.51
CA ASN B 278 -16.74 2.66 -22.90
C ASN B 278 -17.72 3.68 -23.48
N PRO B 279 -17.76 4.91 -22.89
CA PRO B 279 -18.71 5.95 -23.30
C PRO B 279 -18.21 6.95 -24.36
N SER B 280 -17.11 6.64 -25.04
CA SER B 280 -16.34 7.58 -25.89
C SER B 280 -16.34 7.16 -27.38
N THR B 281 -16.98 6.05 -27.75
CA THR B 281 -16.87 5.48 -29.12
C THR B 281 -18.20 5.53 -29.87
N ILE B 282 -19.33 5.72 -29.18
CA ILE B 282 -20.65 5.97 -29.86
C ILE B 282 -20.53 7.28 -30.65
N GLU B 283 -21.23 7.36 -31.78
CA GLU B 283 -21.20 8.55 -32.67
C GLU B 283 -22.51 8.66 -33.45
N THR B 284 -22.72 9.79 -34.13
CA THR B 284 -23.88 9.99 -35.03
C THR B 284 -23.74 8.99 -36.20
N ALA B 285 -24.85 8.43 -36.65
CA ALA B 285 -24.90 7.38 -37.70
C ALA B 285 -24.74 8.04 -39.08
N SER B 286 -23.81 7.53 -39.89
CA SER B 286 -23.57 7.99 -41.28
C SER B 286 -24.80 7.72 -42.14
N GLN B 287 -25.16 8.66 -43.01
CA GLN B 287 -26.27 8.50 -43.98
C GLN B 287 -26.16 7.13 -44.65
N ASP B 288 -24.95 6.74 -45.07
CA ASP B 288 -24.67 5.47 -45.82
C ASP B 288 -25.22 4.27 -45.05
N LYS B 289 -25.04 4.24 -43.72
CA LYS B 289 -25.58 3.15 -42.86
C LYS B 289 -27.09 3.31 -42.71
N ILE B 290 -27.56 4.48 -42.27
CA ILE B 290 -29.02 4.74 -42.08
C ILE B 290 -29.77 4.27 -43.34
N LYS B 291 -29.22 4.52 -44.53
CA LYS B 291 -29.77 4.00 -45.81
C LYS B 291 -29.84 2.47 -45.72
N GLU B 292 -28.68 1.83 -45.49
CA GLU B 292 -28.57 0.35 -45.37
C GLU B 292 -29.71 -0.19 -44.50
N TYR B 293 -29.93 0.40 -43.33
CA TYR B 293 -30.90 -0.09 -42.32
C TYR B 293 -32.33 0.21 -42.81
N ILE B 294 -32.60 1.43 -43.25
CA ILE B 294 -33.91 1.78 -43.90
C ILE B 294 -34.23 0.69 -44.92
N SER B 295 -33.23 0.33 -45.74
CA SER B 295 -33.34 -0.68 -46.82
C SER B 295 -33.67 -2.06 -46.21
N GLU B 296 -32.96 -2.45 -45.15
CA GLU B 296 -33.19 -3.74 -44.45
C GLU B 296 -34.55 -3.72 -43.75
N ALA B 297 -34.96 -2.58 -43.19
CA ALA B 297 -36.22 -2.40 -42.45
C ALA B 297 -37.39 -2.59 -43.41
N GLN B 298 -37.28 -2.04 -44.63
CA GLN B 298 -38.26 -2.23 -45.73
C GLN B 298 -38.48 -3.73 -45.95
N LYS B 299 -37.39 -4.49 -46.08
CA LYS B 299 -37.41 -5.92 -46.48
C LYS B 299 -38.12 -6.75 -45.40
N GLN B 300 -37.78 -6.56 -44.13
CA GLN B 300 -38.41 -7.30 -42.99
C GLN B 300 -39.87 -6.87 -42.84
N GLY B 301 -40.22 -5.67 -43.31
CA GLY B 301 -41.62 -5.19 -43.39
C GLY B 301 -42.04 -4.45 -42.14
N LEU B 302 -41.31 -3.39 -41.79
CA LEU B 302 -41.59 -2.55 -40.58
C LEU B 302 -41.67 -1.08 -41.02
N ASP B 303 -42.85 -0.67 -41.49
CA ASP B 303 -43.15 0.70 -41.99
C ASP B 303 -42.87 1.71 -40.87
N LYS B 304 -43.14 1.32 -39.62
CA LYS B 304 -42.91 2.13 -38.39
C LYS B 304 -41.43 2.54 -38.34
N VAL B 305 -40.54 1.55 -38.34
CA VAL B 305 -39.08 1.73 -38.14
C VAL B 305 -38.53 2.54 -39.31
N LYS B 306 -38.99 2.22 -40.53
CA LYS B 306 -38.57 2.91 -41.77
C LYS B 306 -38.81 4.41 -41.59
N ALA B 307 -40.06 4.80 -41.28
CA ALA B 307 -40.48 6.22 -41.09
C ALA B 307 -39.53 6.91 -40.11
N ILE B 308 -39.20 6.24 -39.01
CA ILE B 308 -38.32 6.79 -37.94
C ILE B 308 -36.93 7.06 -38.52
N LEU B 309 -36.32 6.06 -39.16
CA LEU B 309 -34.96 6.16 -39.74
C LEU B 309 -34.94 7.22 -40.85
N GLU B 310 -35.98 7.25 -41.69
CA GLU B 310 -36.07 8.20 -42.83
C GLU B 310 -36.12 9.63 -42.27
N ASP B 311 -37.00 9.86 -41.29
CA ASP B 311 -37.06 11.10 -40.49
C ASP B 311 -35.66 11.35 -39.90
N GLY B 312 -35.05 10.32 -39.33
CA GLY B 312 -33.63 10.26 -38.93
C GLY B 312 -33.28 11.30 -37.86
N LYS B 313 -34.13 11.44 -36.84
CA LYS B 313 -33.95 12.46 -35.77
C LYS B 313 -32.97 11.93 -34.71
N ASP B 314 -31.71 12.37 -34.78
CA ASP B 314 -30.63 12.06 -33.80
C ASP B 314 -30.41 10.54 -33.73
N ILE B 315 -30.21 9.89 -34.87
CA ILE B 315 -29.85 8.45 -34.92
C ILE B 315 -28.36 8.32 -34.59
N LEU B 316 -28.03 7.45 -33.65
CA LEU B 316 -26.63 7.19 -33.24
C LEU B 316 -26.27 5.75 -33.63
N ILE B 317 -25.00 5.41 -33.46
CA ILE B 317 -24.44 4.10 -33.87
C ILE B 317 -23.26 3.73 -32.96
N GLN B 318 -23.14 2.45 -32.64
CA GLN B 318 -21.92 1.87 -32.05
C GLN B 318 -21.50 0.75 -33.01
N ASP B 319 -20.49 1.00 -33.83
CA ASP B 319 -20.14 0.17 -35.01
C ASP B 319 -18.86 -0.61 -34.74
N TYR B 320 -18.99 -1.92 -34.53
CA TYR B 320 -17.86 -2.86 -34.32
C TYR B 320 -17.52 -3.59 -35.62
N SER B 321 -18.17 -3.24 -36.73
CA SER B 321 -18.00 -3.95 -38.03
C SER B 321 -16.51 -3.98 -38.42
N TYR B 322 -15.70 -3.05 -37.92
CA TYR B 322 -14.26 -2.92 -38.25
C TYR B 322 -13.46 -4.15 -37.78
N PHE B 323 -14.01 -4.98 -36.87
CA PHE B 323 -13.26 -6.14 -36.29
C PHE B 323 -12.65 -6.97 -37.42
N ARG B 324 -13.42 -7.22 -38.48
CA ARG B 324 -12.97 -8.07 -39.63
C ARG B 324 -11.75 -7.41 -40.27
N GLU B 325 -11.90 -6.13 -40.64
CA GLU B 325 -10.84 -5.31 -41.29
C GLU B 325 -9.57 -5.36 -40.42
N ALA B 326 -9.73 -5.24 -39.10
CA ALA B 326 -8.61 -5.23 -38.13
C ALA B 326 -7.89 -6.59 -38.15
N THR B 327 -8.65 -7.68 -38.05
CA THR B 327 -8.12 -9.06 -37.99
C THR B 327 -7.80 -9.56 -39.41
N GLY B 328 -8.30 -8.86 -40.43
CA GLY B 328 -8.08 -9.18 -41.85
C GLY B 328 -8.89 -10.39 -42.28
N ALA B 329 -9.91 -10.76 -41.50
CA ALA B 329 -10.85 -11.87 -41.80
C ALA B 329 -11.82 -11.40 -42.89
N THR B 330 -12.23 -12.32 -43.77
CA THR B 330 -13.14 -12.05 -44.91
C THR B 330 -14.59 -12.23 -44.46
N ASN B 331 -15.52 -11.75 -45.29
CA ASN B 331 -16.97 -11.66 -44.95
C ASN B 331 -17.58 -13.07 -44.92
N GLU B 332 -16.84 -14.08 -45.38
CA GLU B 332 -17.30 -15.49 -45.44
C GLU B 332 -16.82 -16.26 -44.20
N GLN B 333 -15.95 -15.67 -43.37
CA GLN B 333 -15.37 -16.32 -42.16
C GLN B 333 -16.26 -16.02 -40.94
N ILE B 334 -16.06 -16.78 -39.85
CA ILE B 334 -16.74 -16.57 -38.54
C ILE B 334 -15.66 -16.45 -37.46
N PHE B 335 -15.72 -15.41 -36.63
CA PHE B 335 -14.82 -15.24 -35.46
C PHE B 335 -15.03 -16.41 -34.50
N GLN B 336 -13.95 -17.11 -34.18
CA GLN B 336 -13.99 -18.28 -33.28
C GLN B 336 -12.66 -18.39 -32.55
N ASN B 337 -12.68 -18.97 -31.34
CA ASN B 337 -11.46 -19.24 -30.55
C ASN B 337 -11.58 -20.65 -29.97
N THR B 338 -10.86 -21.61 -30.55
CA THR B 338 -10.80 -23.01 -30.05
C THR B 338 -9.77 -23.06 -28.92
N VAL B 339 -10.24 -23.29 -27.69
CA VAL B 339 -9.42 -23.27 -26.44
C VAL B 339 -8.91 -24.68 -26.17
N TYR B 340 -7.66 -24.96 -26.53
CA TYR B 340 -6.97 -26.24 -26.24
C TYR B 340 -6.59 -26.27 -24.75
N GLU B 341 -7.03 -27.31 -24.05
CA GLU B 341 -6.72 -27.58 -22.62
C GLU B 341 -5.35 -28.27 -22.55
N LEU B 342 -4.47 -27.82 -21.64
CA LEU B 342 -3.06 -28.31 -21.52
C LEU B 342 -2.87 -29.10 -20.23
N LYS B 343 -2.10 -30.19 -20.30
CA LYS B 343 -1.56 -30.95 -19.14
C LYS B 343 -0.11 -30.50 -18.93
N GLY B 344 0.08 -29.42 -18.19
CA GLY B 344 1.38 -28.72 -18.04
C GLY B 344 1.72 -27.93 -19.30
N THR B 345 2.26 -28.60 -20.32
CA THR B 345 2.79 -27.96 -21.56
C THR B 345 1.97 -28.40 -22.78
N THR B 346 1.99 -29.69 -23.13
CA THR B 346 1.39 -30.23 -24.38
C THR B 346 -0.08 -30.54 -24.15
N PRO B 347 -0.99 -30.14 -25.08
CA PRO B 347 -2.44 -30.22 -24.86
C PRO B 347 -3.00 -31.63 -24.64
N THR B 348 -4.18 -31.71 -24.03
CA THR B 348 -4.90 -32.97 -23.69
C THR B 348 -5.70 -33.44 -24.91
N GLY B 349 -5.92 -32.55 -25.89
CA GLY B 349 -6.78 -32.80 -27.06
C GLY B 349 -8.20 -32.31 -26.83
N LYS B 350 -8.61 -32.19 -25.56
CA LYS B 350 -9.90 -31.56 -25.14
C LYS B 350 -9.89 -30.09 -25.56
N THR B 351 -10.98 -29.60 -26.13
CA THR B 351 -11.11 -28.17 -26.54
C THR B 351 -12.49 -27.62 -26.15
N THR B 352 -12.52 -26.31 -25.90
CA THR B 352 -13.74 -25.46 -25.85
C THR B 352 -13.68 -24.49 -27.03
N SER B 353 -14.83 -24.05 -27.53
CA SER B 353 -14.92 -23.00 -28.59
C SER B 353 -15.65 -21.78 -28.03
N ARG B 354 -15.24 -20.59 -28.48
CA ARG B 354 -15.87 -19.31 -28.10
C ARG B 354 -15.99 -18.45 -29.36
N TYR B 355 -17.07 -17.66 -29.45
CA TYR B 355 -17.46 -16.91 -30.67
C TYR B 355 -17.71 -15.45 -30.30
N ALA B 356 -17.12 -14.53 -31.05
CA ALA B 356 -17.39 -13.08 -30.98
C ALA B 356 -17.91 -12.62 -32.34
N ALA B 357 -18.64 -11.51 -32.38
CA ALA B 357 -19.20 -10.95 -33.63
C ALA B 357 -18.80 -9.48 -33.76
N ALA B 358 -18.64 -9.04 -35.00
CA ALA B 358 -18.42 -7.62 -35.40
C ALA B 358 -19.78 -6.93 -35.46
N SER B 359 -20.42 -6.80 -34.31
CA SER B 359 -21.81 -6.31 -34.17
C SER B 359 -21.92 -4.86 -34.66
N VAL B 360 -23.14 -4.39 -34.85
CA VAL B 360 -23.48 -2.96 -35.08
C VAL B 360 -24.75 -2.69 -34.30
N VAL B 361 -24.83 -1.53 -33.63
CA VAL B 361 -26.06 -1.13 -32.90
C VAL B 361 -26.51 0.22 -33.42
N ILE B 362 -27.84 0.39 -33.55
CA ILE B 362 -28.48 1.67 -33.94
C ILE B 362 -29.33 2.13 -32.76
N PHE B 363 -29.17 3.38 -32.36
CA PHE B 363 -29.94 4.01 -31.26
C PHE B 363 -30.65 5.25 -31.79
N GLN B 364 -31.64 5.71 -31.03
CA GLN B 364 -32.20 7.07 -31.15
C GLN B 364 -32.14 7.74 -29.78
N LEU B 365 -31.63 8.97 -29.75
CA LEU B 365 -31.64 9.87 -28.56
C LEU B 365 -32.89 10.75 -28.66
N HIS B 366 -33.79 10.64 -27.69
CA HIS B 366 -35.10 11.35 -27.67
C HIS B 366 -34.93 12.73 -27.02
N GLU B 367 -35.90 13.63 -27.24
CA GLU B 367 -35.91 15.02 -26.74
C GLU B 367 -35.57 15.04 -25.24
N ASP B 368 -36.17 14.10 -24.48
CA ASP B 368 -36.04 14.00 -23.00
C ASP B 368 -34.63 13.57 -22.60
N GLY B 369 -33.91 12.86 -23.49
CA GLY B 369 -32.48 12.53 -23.30
C GLY B 369 -32.24 11.04 -23.08
N ARG B 370 -33.32 10.26 -22.93
CA ARG B 370 -33.22 8.78 -22.87
C ARG B 370 -32.70 8.28 -24.23
N LEU B 371 -31.53 7.64 -24.21
CA LEU B 371 -30.98 6.92 -25.38
C LEU B 371 -31.72 5.58 -25.51
N HIS B 372 -32.12 5.21 -26.73
CA HIS B 372 -33.01 4.04 -26.99
C HIS B 372 -32.50 3.23 -28.18
N PRO B 373 -32.32 1.90 -28.03
CA PRO B 373 -31.83 1.05 -29.11
C PRO B 373 -32.95 0.68 -30.10
N LEU B 374 -32.65 0.71 -31.40
CA LEU B 374 -33.63 0.44 -32.47
C LEU B 374 -33.27 -0.81 -33.26
N ALA B 375 -31.98 -1.14 -33.41
CA ALA B 375 -31.54 -2.26 -34.25
C ALA B 375 -30.18 -2.79 -33.82
N ILE B 376 -29.98 -4.09 -34.01
CA ILE B 376 -28.67 -4.77 -33.83
C ILE B 376 -28.43 -5.70 -35.02
N THR B 377 -27.31 -5.53 -35.70
CA THR B 377 -26.77 -6.54 -36.63
C THR B 377 -25.84 -7.43 -35.81
N LEU B 378 -26.23 -8.69 -35.58
CA LEU B 378 -25.45 -9.62 -34.72
C LEU B 378 -23.98 -9.58 -35.15
N ASP B 379 -23.70 -9.99 -36.38
CA ASP B 379 -22.34 -9.96 -36.98
C ASP B 379 -22.48 -9.34 -38.37
N TYR B 380 -21.73 -8.27 -38.63
CA TYR B 380 -21.82 -7.48 -39.88
C TYR B 380 -20.77 -7.99 -40.86
N LYS B 381 -21.23 -8.54 -41.99
CA LYS B 381 -20.38 -9.19 -43.03
C LYS B 381 -20.54 -8.45 -44.36
N GLY B 382 -20.14 -7.18 -44.41
CA GLY B 382 -20.06 -6.39 -45.66
C GLY B 382 -21.35 -5.62 -45.93
N SER B 383 -22.51 -6.26 -45.78
CA SER B 383 -23.84 -5.61 -45.87
C SER B 383 -24.86 -6.36 -45.00
N LEU B 384 -26.06 -5.78 -44.87
CA LEU B 384 -27.15 -6.35 -44.05
C LEU B 384 -27.86 -7.46 -44.82
N ASP B 385 -27.66 -7.54 -46.15
CA ASP B 385 -28.11 -8.68 -46.99
C ASP B 385 -27.37 -9.94 -46.55
N ASN B 386 -26.09 -9.79 -46.18
CA ASN B 386 -25.19 -10.91 -45.79
C ASN B 386 -25.26 -11.15 -44.28
N SER B 387 -25.86 -10.21 -43.53
CA SER B 387 -25.80 -10.16 -42.04
C SER B 387 -27.17 -10.49 -41.43
N ILE B 388 -27.17 -11.01 -40.20
CA ILE B 388 -28.42 -11.20 -39.39
C ILE B 388 -28.69 -9.91 -38.63
N THR B 389 -29.75 -9.18 -39.00
CA THR B 389 -30.16 -7.93 -38.35
C THR B 389 -31.51 -8.12 -37.66
N ILE B 390 -31.71 -7.47 -36.51
CA ILE B 390 -32.97 -7.50 -35.72
C ILE B 390 -33.32 -6.09 -35.27
N PHE B 391 -34.59 -5.72 -35.37
CA PHE B 391 -35.14 -4.42 -34.91
C PHE B 391 -35.92 -4.62 -33.61
N ASN B 392 -35.85 -3.63 -32.73
CA ASN B 392 -36.51 -3.63 -31.40
C ASN B 392 -38.02 -3.62 -31.62
N ARG B 393 -38.77 -4.36 -30.80
CA ARG B 393 -40.25 -4.33 -30.77
C ARG B 393 -40.72 -2.96 -30.31
N ARG B 394 -40.05 -2.41 -29.30
CA ARG B 394 -40.32 -1.06 -28.76
C ARG B 394 -39.57 -0.03 -29.61
N LEU B 395 -40.27 1.00 -30.10
CA LEU B 395 -39.70 2.05 -30.97
C LEU B 395 -39.56 3.35 -30.17
N SER B 396 -39.54 3.24 -28.84
CA SER B 396 -39.57 4.41 -27.92
C SER B 396 -39.32 3.92 -26.50
N PRO B 397 -38.75 4.77 -25.61
CA PRO B 397 -38.68 4.48 -24.18
C PRO B 397 -40.02 4.12 -23.52
N ASP B 398 -41.11 4.76 -23.93
CA ASP B 398 -42.45 4.61 -23.31
C ASP B 398 -43.27 3.55 -24.06
N ASP B 399 -42.87 3.19 -25.27
CA ASP B 399 -43.60 2.21 -26.11
C ASP B 399 -43.80 0.92 -25.31
N THR B 400 -45.00 0.33 -25.37
CA THR B 400 -45.33 -0.94 -24.67
C THR B 400 -45.69 -2.01 -25.70
N CYS B 401 -45.39 -3.26 -25.35
CA CYS B 401 -45.65 -4.48 -26.17
C CYS B 401 -46.21 -5.56 -25.24
N ASP B 402 -47.03 -6.48 -25.75
CA ASP B 402 -47.64 -7.58 -24.96
C ASP B 402 -46.53 -8.45 -24.35
N ILE B 403 -45.44 -8.64 -25.09
CA ILE B 403 -44.21 -9.33 -24.59
C ILE B 403 -43.36 -8.32 -23.83
N ALA B 404 -43.03 -8.64 -22.57
CA ALA B 404 -42.23 -7.80 -21.65
C ALA B 404 -40.75 -7.88 -22.06
N GLU B 405 -40.00 -6.80 -21.80
CA GLU B 405 -38.53 -6.73 -22.04
C GLU B 405 -37.88 -8.05 -21.59
N LYS B 406 -38.25 -8.50 -20.38
CA LYS B 406 -37.61 -9.64 -19.66
C LYS B 406 -37.76 -10.95 -20.46
N GLU B 407 -38.84 -11.10 -21.24
CA GLU B 407 -39.16 -12.39 -21.91
C GLU B 407 -38.79 -12.34 -23.40
N ASP B 408 -38.29 -11.21 -23.90
CA ASP B 408 -37.97 -11.01 -25.35
C ASP B 408 -36.57 -11.57 -25.64
N TRP B 409 -36.45 -12.91 -25.72
CA TRP B 409 -35.15 -13.64 -25.70
C TRP B 409 -34.31 -13.37 -26.95
N PRO B 410 -34.90 -13.20 -28.16
CA PRO B 410 -34.12 -12.83 -29.33
C PRO B 410 -33.39 -11.49 -29.13
N TRP B 411 -34.15 -10.47 -28.74
CA TRP B 411 -33.61 -9.10 -28.47
C TRP B 411 -32.55 -9.20 -27.38
N ARG B 412 -32.89 -9.77 -26.21
CA ARG B 412 -31.95 -9.92 -25.07
C ARG B 412 -30.66 -10.58 -25.58
N TYR B 413 -30.75 -11.60 -26.44
CA TYR B 413 -29.56 -12.26 -27.06
C TYR B 413 -28.79 -11.22 -27.88
N ALA B 414 -29.46 -10.60 -28.86
CA ALA B 414 -28.91 -9.55 -29.74
C ALA B 414 -28.10 -8.55 -28.90
N LYS B 415 -28.67 -8.10 -27.77
CA LYS B 415 -28.02 -7.13 -26.85
C LYS B 415 -26.81 -7.81 -26.19
N THR B 416 -26.93 -9.05 -25.74
CA THR B 416 -25.81 -9.81 -25.12
C THR B 416 -24.64 -9.86 -26.12
N VAL B 417 -24.92 -10.05 -27.40
CA VAL B 417 -23.88 -10.11 -28.47
C VAL B 417 -23.19 -8.75 -28.55
N ALA B 418 -23.98 -7.68 -28.66
CA ALA B 418 -23.49 -6.28 -28.78
C ALA B 418 -22.72 -5.88 -27.51
N GLN B 419 -22.79 -6.69 -26.45
CA GLN B 419 -21.98 -6.45 -25.22
C GLN B 419 -20.64 -7.17 -25.37
N THR B 420 -20.61 -8.37 -25.96
CA THR B 420 -19.34 -9.07 -26.26
C THR B 420 -18.53 -8.20 -27.20
N ALA B 421 -19.20 -7.48 -28.10
CA ALA B 421 -18.57 -6.51 -29.03
C ALA B 421 -17.97 -5.37 -28.21
N ASP B 422 -18.76 -4.75 -27.33
CA ASP B 422 -18.33 -3.57 -26.53
C ASP B 422 -17.29 -4.00 -25.49
N TRP B 423 -17.20 -5.29 -25.19
CA TRP B 423 -16.19 -5.84 -24.25
C TRP B 423 -14.81 -5.78 -24.91
N ALA B 424 -14.70 -6.31 -26.12
CA ALA B 424 -13.45 -6.38 -26.90
C ALA B 424 -12.97 -4.95 -27.15
N ARG B 425 -13.81 -4.13 -27.79
CA ARG B 425 -13.51 -2.73 -28.12
C ARG B 425 -13.06 -1.99 -26.84
N HIS B 426 -13.78 -2.17 -25.73
CA HIS B 426 -13.42 -1.50 -24.47
C HIS B 426 -12.04 -1.98 -24.02
N GLU B 427 -11.93 -3.26 -23.67
CA GLU B 427 -10.75 -3.84 -22.96
C GLU B 427 -9.49 -3.71 -23.81
N VAL B 428 -9.63 -3.73 -25.14
CA VAL B 428 -8.48 -3.75 -26.10
C VAL B 428 -8.12 -2.31 -26.51
N ALA B 429 -8.98 -1.69 -27.31
CA ALA B 429 -8.77 -0.33 -27.88
C ALA B 429 -8.84 0.69 -26.75
N THR B 430 -10.02 0.87 -26.16
CA THR B 430 -10.36 2.04 -25.32
C THR B 430 -9.51 2.06 -24.04
N HIS B 431 -9.28 0.91 -23.40
CA HIS B 431 -8.36 0.84 -22.23
C HIS B 431 -6.94 0.61 -22.73
N LEU B 432 -6.61 -0.61 -23.16
CA LEU B 432 -5.21 -1.09 -23.25
C LEU B 432 -4.40 -0.22 -24.22
N VAL B 433 -4.94 0.09 -25.40
CA VAL B 433 -4.24 0.92 -26.42
C VAL B 433 -4.41 2.40 -26.06
N ASP B 434 -5.64 2.92 -26.22
CA ASP B 434 -5.95 4.37 -26.21
C ASP B 434 -5.43 5.06 -24.93
N THR B 435 -5.25 4.35 -23.81
CA THR B 435 -4.72 4.96 -22.57
C THR B 435 -3.33 4.40 -22.22
N HIS B 436 -3.12 3.08 -22.22
CA HIS B 436 -1.88 2.48 -21.64
C HIS B 436 -0.72 2.52 -22.65
N MET B 437 -0.95 2.18 -23.92
CA MET B 437 0.13 1.92 -24.92
C MET B 437 0.51 3.21 -25.65
N ILE B 438 -0.49 3.97 -26.10
CA ILE B 438 -0.29 5.36 -26.61
C ILE B 438 0.55 6.12 -25.59
N GLU B 439 0.17 6.07 -24.32
CA GLU B 439 0.93 6.64 -23.19
C GLU B 439 2.38 6.16 -23.28
N GLU B 440 2.62 4.85 -23.15
CA GLU B 440 3.98 4.29 -22.98
C GLU B 440 4.90 4.92 -24.04
N ALA B 441 4.43 5.03 -25.30
CA ALA B 441 5.20 5.61 -26.42
C ALA B 441 5.63 7.03 -26.04
N ILE B 442 4.67 7.90 -25.74
CA ILE B 442 4.91 9.34 -25.43
C ILE B 442 5.92 9.44 -24.28
N ILE B 443 5.81 8.57 -23.28
CA ILE B 443 6.74 8.50 -22.11
C ILE B 443 8.16 8.25 -22.62
N VAL B 444 8.34 7.24 -23.49
CA VAL B 444 9.67 6.84 -24.05
C VAL B 444 10.21 8.04 -24.84
N ALA B 445 9.44 8.56 -25.80
CA ALA B 445 9.80 9.77 -26.56
C ALA B 445 10.29 10.84 -25.58
N THR B 446 9.43 11.24 -24.63
CA THR B 446 9.71 12.31 -23.65
C THR B 446 11.02 12.01 -22.90
N ASN B 447 11.23 10.76 -22.46
CA ASN B 447 12.44 10.37 -21.67
C ASN B 447 13.69 10.48 -22.55
N ARG B 448 13.59 10.04 -23.81
CA ARG B 448 14.71 10.06 -24.79
C ARG B 448 15.01 11.49 -25.21
N ILE B 449 13.98 12.31 -25.44
CA ILE B 449 14.10 13.62 -26.15
C ILE B 449 14.27 14.77 -25.15
N ILE B 450 13.43 14.85 -24.10
CA ILE B 450 13.36 16.05 -23.22
C ILE B 450 14.18 15.81 -21.95
N PRO B 451 15.11 16.75 -21.62
CA PRO B 451 15.97 16.60 -20.44
C PRO B 451 15.23 16.86 -19.12
N GLU B 452 15.57 16.10 -18.08
CA GLU B 452 14.86 16.02 -16.78
C GLU B 452 14.55 17.42 -16.25
N GLY B 453 15.40 18.41 -16.50
CA GLY B 453 15.22 19.81 -16.04
C GLY B 453 13.98 20.45 -16.63
N GLU B 454 13.82 20.37 -17.96
CA GLU B 454 12.90 21.22 -18.78
C GLU B 454 11.48 21.23 -18.19
N LEU B 455 10.72 22.30 -18.49
CA LEU B 455 9.35 22.52 -17.97
C LEU B 455 8.45 21.35 -18.37
N LEU B 456 8.39 21.02 -19.66
CA LEU B 456 7.52 19.93 -20.17
C LEU B 456 7.73 18.70 -19.30
N TYR B 457 8.97 18.19 -19.27
CA TYR B 457 9.32 16.97 -18.48
C TYR B 457 8.74 17.07 -17.07
N GLU B 458 8.85 18.23 -16.41
CA GLU B 458 8.48 18.42 -14.98
C GLU B 458 6.96 18.37 -14.80
N ILE B 459 6.15 18.84 -15.75
CA ILE B 459 4.67 18.87 -15.59
C ILE B 459 4.07 17.55 -16.07
N LEU B 460 4.83 16.75 -16.82
CA LEU B 460 4.34 15.48 -17.43
C LEU B 460 4.73 14.29 -16.54
N SER B 461 6.02 14.13 -16.24
CA SER B 461 6.61 12.91 -15.64
C SER B 461 5.87 12.49 -14.36
N PRO B 462 5.31 13.42 -13.55
CA PRO B 462 4.52 13.01 -12.37
C PRO B 462 3.30 12.13 -12.68
N HIS B 463 2.67 12.34 -13.84
CA HIS B 463 1.46 11.61 -14.27
C HIS B 463 1.83 10.24 -14.85
N TRP B 464 3.11 9.89 -14.86
CA TRP B 464 3.60 8.62 -15.45
C TRP B 464 4.26 7.75 -14.39
N PHE B 465 4.04 8.05 -13.11
CA PHE B 465 4.60 7.26 -11.99
C PHE B 465 4.26 5.78 -12.20
N ARG B 466 5.26 4.92 -11.97
CA ARG B 466 5.19 3.43 -12.11
C ARG B 466 4.12 3.01 -13.13
N THR B 467 4.19 3.54 -14.36
CA THR B 467 3.30 3.10 -15.48
C THR B 467 4.00 2.03 -16.32
N LEU B 468 5.30 2.19 -16.58
CA LEU B 468 6.05 1.33 -17.54
C LEU B 468 6.13 -0.09 -16.99
N SER B 469 6.48 -0.24 -15.71
CA SER B 469 6.64 -1.56 -15.01
C SER B 469 5.30 -2.31 -15.04
N LEU B 470 4.20 -1.61 -14.78
CA LEU B 470 2.84 -2.23 -14.81
C LEU B 470 2.52 -2.65 -16.24
N ASN B 471 2.63 -1.73 -17.21
CA ASN B 471 2.34 -2.02 -18.64
C ASN B 471 3.01 -3.33 -19.04
N ALA B 472 4.17 -3.65 -18.45
CA ALA B 472 4.99 -4.85 -18.80
C ALA B 472 4.26 -6.11 -18.32
N ALA B 473 3.97 -6.19 -17.02
CA ALA B 473 3.24 -7.32 -16.40
C ALA B 473 1.96 -7.62 -17.21
N ALA B 474 1.37 -6.60 -17.83
CA ALA B 474 0.16 -6.72 -18.68
C ALA B 474 0.53 -7.36 -20.03
N ARG B 475 1.62 -6.92 -20.66
CA ARG B 475 2.10 -7.52 -21.94
C ARG B 475 2.39 -9.00 -21.67
N LYS B 476 3.13 -9.29 -20.60
CA LYS B 476 3.62 -10.67 -20.29
C LYS B 476 2.52 -11.51 -19.62
N LEU B 477 1.24 -11.11 -19.64
CA LEU B 477 0.19 -11.91 -18.95
C LEU B 477 -1.24 -11.56 -19.37
N LEU B 478 -1.73 -10.36 -19.07
CA LEU B 478 -3.17 -10.02 -19.27
C LEU B 478 -3.64 -10.41 -20.67
N VAL B 479 -2.94 -9.97 -21.72
CA VAL B 479 -3.39 -10.22 -23.12
C VAL B 479 -3.30 -11.72 -23.41
N PRO B 480 -2.11 -12.35 -23.43
CA PRO B 480 -2.01 -13.77 -23.78
C PRO B 480 -2.83 -14.61 -22.79
N GLY B 481 -2.50 -14.47 -21.50
CA GLY B 481 -3.00 -15.31 -20.40
C GLY B 481 -4.50 -15.17 -20.16
N VAL B 482 -5.14 -14.06 -20.54
CA VAL B 482 -6.53 -13.77 -20.08
C VAL B 482 -7.39 -13.17 -21.21
N ILE B 483 -7.07 -11.97 -21.70
CA ILE B 483 -7.93 -11.30 -22.71
C ILE B 483 -8.02 -12.22 -23.94
N ALA B 484 -6.89 -12.76 -24.40
CA ALA B 484 -6.82 -13.71 -25.54
C ALA B 484 -7.63 -14.97 -25.25
N ARG B 485 -7.65 -15.41 -23.98
CA ARG B 485 -8.33 -16.66 -23.54
C ARG B 485 -9.85 -16.51 -23.67
N ILE B 486 -10.46 -15.61 -22.90
CA ILE B 486 -11.93 -15.57 -22.72
C ILE B 486 -12.62 -14.97 -23.94
N ALA B 487 -11.88 -14.21 -24.76
CA ALA B 487 -12.41 -13.51 -25.96
C ALA B 487 -12.62 -14.51 -27.10
N GLY B 488 -13.62 -14.26 -27.95
CA GLY B 488 -14.01 -15.14 -29.06
C GLY B 488 -13.35 -14.76 -30.37
N PHE B 489 -12.04 -14.48 -30.36
CA PHE B 489 -11.26 -14.04 -31.55
C PHE B 489 -10.27 -15.13 -31.98
N GLY B 490 -9.46 -15.61 -31.04
CA GLY B 490 -8.46 -16.67 -31.28
C GLY B 490 -7.50 -16.32 -32.40
N PRO B 491 -7.27 -17.24 -33.38
CA PRO B 491 -8.14 -18.39 -33.61
C PRO B 491 -7.94 -19.57 -32.65
N THR B 492 -6.89 -19.52 -31.81
CA THR B 492 -6.49 -20.61 -30.89
C THR B 492 -5.96 -20.04 -29.56
N SER B 493 -6.22 -20.77 -28.47
CA SER B 493 -5.69 -20.50 -27.11
C SER B 493 -5.14 -21.79 -26.49
N PRO B 494 -3.87 -21.80 -26.03
CA PRO B 494 -2.86 -20.82 -26.43
C PRO B 494 -2.43 -20.83 -27.92
N SER B 495 -1.75 -19.76 -28.33
CA SER B 495 -1.19 -19.55 -29.70
C SER B 495 0.30 -19.17 -29.60
N LEU B 496 1.19 -20.04 -30.06
CA LEU B 496 2.65 -19.81 -30.14
C LEU B 496 2.91 -18.58 -31.01
N ASP B 497 2.27 -18.53 -32.19
CA ASP B 497 2.34 -17.39 -33.14
C ASP B 497 1.58 -16.20 -32.55
N PHE B 498 2.32 -15.23 -32.00
CA PHE B 498 1.77 -13.99 -31.40
C PHE B 498 1.17 -13.11 -32.50
N LYS B 499 1.92 -12.87 -33.57
CA LYS B 499 1.37 -12.42 -34.87
C LYS B 499 0.44 -13.54 -35.37
N GLY B 500 -0.52 -13.22 -36.24
CA GLY B 500 -1.50 -14.21 -36.73
C GLY B 500 -2.59 -14.51 -35.71
N ASN B 501 -2.36 -14.23 -34.42
CA ASN B 501 -3.42 -14.18 -33.37
C ASN B 501 -4.22 -12.89 -33.56
N ASN B 502 -5.56 -12.99 -33.47
CA ASN B 502 -6.47 -11.89 -33.86
C ASN B 502 -6.40 -10.76 -32.83
N ALA B 503 -6.57 -11.05 -31.54
CA ALA B 503 -6.49 -10.06 -30.45
C ALA B 503 -5.36 -9.06 -30.76
N PHE B 504 -4.15 -9.59 -31.02
CA PHE B 504 -2.93 -8.79 -31.29
C PHE B 504 -3.12 -7.98 -32.57
N LYS B 505 -3.72 -8.58 -33.61
CA LYS B 505 -4.05 -7.88 -34.89
C LYS B 505 -5.01 -6.72 -34.59
N LEU B 506 -5.93 -6.91 -33.64
CA LEU B 506 -6.91 -5.87 -33.23
C LEU B 506 -6.18 -4.78 -32.45
N ILE B 507 -5.35 -5.16 -31.48
CA ILE B 507 -4.48 -4.20 -30.74
C ILE B 507 -3.74 -3.36 -31.78
N ASP B 508 -3.07 -4.05 -32.72
CA ASP B 508 -2.27 -3.43 -33.80
C ASP B 508 -3.13 -2.41 -34.56
N TRP B 509 -4.33 -2.82 -34.98
CA TRP B 509 -5.23 -1.99 -35.83
C TRP B 509 -5.73 -0.78 -35.04
N SER B 510 -6.23 -1.03 -33.83
CA SER B 510 -6.74 0.02 -32.90
C SER B 510 -5.65 1.07 -32.68
N TYR B 511 -4.39 0.63 -32.51
CA TYR B 511 -3.21 1.51 -32.30
C TYR B 511 -3.03 2.43 -33.52
N LYS B 512 -3.03 1.85 -34.72
CA LYS B 512 -2.75 2.61 -35.96
C LYS B 512 -3.87 3.61 -36.24
N ASN B 513 -5.12 3.28 -35.90
CA ASN B 513 -6.30 4.12 -36.24
C ASN B 513 -6.71 4.97 -35.04
N PHE B 514 -5.89 5.03 -33.98
CA PHE B 514 -5.97 6.07 -32.94
C PHE B 514 -5.69 7.41 -33.61
N ASN B 515 -6.23 8.50 -33.06
CA ASN B 515 -6.00 9.86 -33.61
C ASN B 515 -5.84 10.83 -32.45
N PHE B 516 -4.58 11.05 -32.06
CA PHE B 516 -4.18 11.85 -30.89
C PHE B 516 -4.98 13.15 -30.79
N GLN B 517 -5.10 13.87 -31.91
CA GLN B 517 -5.74 15.22 -31.96
C GLN B 517 -7.26 15.07 -31.88
N ASP B 518 -7.81 14.01 -32.47
CA ASP B 518 -9.28 13.76 -32.54
C ASP B 518 -9.80 13.34 -31.16
N LYS B 519 -8.94 12.83 -30.27
CA LYS B 519 -9.37 12.38 -28.93
C LYS B 519 -9.05 13.47 -27.89
N TYR B 520 -8.65 14.67 -28.34
CA TYR B 520 -8.85 15.90 -27.54
C TYR B 520 -10.36 16.00 -27.33
N ILE B 521 -10.81 16.01 -26.07
CA ILE B 521 -12.24 15.94 -25.71
C ILE B 521 -13.04 16.81 -26.68
N PRO B 522 -12.76 18.14 -26.76
CA PRO B 522 -13.62 19.06 -27.51
C PRO B 522 -13.86 18.62 -28.96
N ASN B 523 -12.82 18.11 -29.62
CA ASN B 523 -12.87 17.60 -31.02
C ASN B 523 -13.66 16.29 -31.02
N ASP B 524 -13.26 15.36 -30.14
CA ASP B 524 -13.89 14.03 -29.98
C ASP B 524 -15.40 14.20 -30.07
N LEU B 525 -15.95 15.07 -29.22
CA LEU B 525 -17.41 15.30 -29.11
C LEU B 525 -17.95 15.87 -30.43
N LYS B 526 -17.21 16.73 -31.12
CA LYS B 526 -17.67 17.31 -32.42
C LYS B 526 -17.72 16.20 -33.48
N LYS B 527 -16.61 15.48 -33.68
CA LYS B 527 -16.51 14.47 -34.77
C LYS B 527 -17.68 13.50 -34.62
N ARG B 528 -17.88 12.99 -33.41
CA ARG B 528 -18.89 11.94 -33.11
C ARG B 528 -20.31 12.52 -33.20
N GLY B 529 -20.46 13.83 -33.05
CA GLY B 529 -21.72 14.57 -33.32
C GLY B 529 -22.46 14.90 -32.03
N PHE B 530 -21.82 15.67 -31.15
CA PHE B 530 -22.36 16.03 -29.82
C PHE B 530 -22.09 17.51 -29.54
N ASP B 531 -23.09 18.36 -29.83
CA ASP B 531 -23.10 19.80 -29.47
C ASP B 531 -23.26 19.92 -27.95
N ILE B 532 -22.19 19.69 -27.19
CA ILE B 532 -22.20 19.74 -25.70
C ILE B 532 -22.04 21.20 -25.26
N LYS B 533 -21.31 22.00 -26.05
CA LYS B 533 -21.10 23.44 -25.79
C LYS B 533 -22.45 24.15 -25.66
N GLY B 534 -23.28 24.10 -26.71
CA GLY B 534 -24.38 25.04 -26.96
C GLY B 534 -25.78 24.49 -26.71
N ASP B 535 -25.94 23.18 -26.46
CA ASP B 535 -27.29 22.56 -26.29
C ASP B 535 -27.86 22.93 -24.91
N LYS B 536 -29.02 23.59 -24.90
CA LYS B 536 -29.79 23.95 -23.69
C LYS B 536 -31.06 23.09 -23.61
N SER B 537 -31.29 22.23 -24.60
CA SER B 537 -32.46 21.31 -24.70
C SER B 537 -32.42 20.24 -23.60
N GLY B 538 -31.20 19.86 -23.18
CA GLY B 538 -30.96 18.85 -22.15
C GLY B 538 -31.21 17.44 -22.66
N LYS B 539 -31.00 17.22 -23.97
CA LYS B 539 -31.03 15.86 -24.57
C LYS B 539 -29.76 15.11 -24.14
N TYR B 540 -28.72 15.83 -23.75
CA TYR B 540 -27.43 15.23 -23.31
C TYR B 540 -27.42 15.07 -21.78
N LYS B 541 -28.58 15.17 -21.12
CA LYS B 541 -28.68 15.01 -19.64
C LYS B 541 -28.17 13.62 -19.23
N ASN B 542 -28.40 12.60 -20.07
CA ASN B 542 -28.06 11.19 -19.77
C ASN B 542 -26.66 10.84 -20.27
N TYR B 543 -25.84 11.83 -20.60
CA TYR B 543 -24.47 11.59 -21.16
C TYR B 543 -23.42 12.29 -20.27
N PRO B 544 -23.32 11.92 -18.99
CA PRO B 544 -22.49 12.65 -18.03
C PRO B 544 -21.00 12.63 -18.40
N TYR B 545 -20.50 11.54 -18.96
CA TYR B 545 -19.11 11.46 -19.47
C TYR B 545 -18.82 12.71 -20.30
N ALA B 546 -19.70 13.01 -21.26
CA ALA B 546 -19.58 14.15 -22.19
C ALA B 546 -19.54 15.45 -21.39
N ASN B 547 -20.57 15.69 -20.57
CA ASN B 547 -20.73 16.95 -19.81
C ASN B 547 -19.59 17.10 -18.80
N ASP B 548 -19.18 16.01 -18.15
CA ASP B 548 -18.10 16.01 -17.13
C ASP B 548 -16.76 16.29 -17.80
N MET B 549 -16.45 15.60 -18.88
CA MET B 549 -15.15 15.71 -19.57
C MET B 549 -15.03 17.10 -20.19
N TYR B 550 -16.07 17.60 -20.86
CA TYR B 550 -16.03 18.95 -21.49
C TYR B 550 -15.52 19.94 -20.44
N LEU B 551 -16.22 19.93 -19.30
CA LEU B 551 -15.93 20.77 -18.11
C LEU B 551 -14.49 20.49 -17.65
N LEU B 552 -14.17 19.23 -17.34
CA LEU B 552 -12.87 18.83 -16.76
C LEU B 552 -11.74 19.13 -17.74
N TRP B 553 -11.89 18.72 -19.01
CA TRP B 553 -10.88 19.00 -20.07
C TRP B 553 -10.50 20.49 -20.01
N GLY B 554 -11.51 21.38 -20.00
CA GLY B 554 -11.33 22.84 -19.97
C GLY B 554 -10.48 23.26 -18.78
N ILE B 555 -10.83 22.77 -17.59
CA ILE B 555 -10.13 23.07 -16.30
C ILE B 555 -8.69 22.58 -16.37
N ILE B 556 -8.43 21.43 -16.98
CA ILE B 556 -7.04 20.90 -17.12
C ILE B 556 -6.32 21.80 -18.14
N ARG B 557 -6.92 22.02 -19.31
CA ARG B 557 -6.34 22.91 -20.35
C ARG B 557 -6.02 24.27 -19.72
N ASN B 558 -6.91 24.79 -18.88
CA ASN B 558 -6.80 26.11 -18.19
C ASN B 558 -5.56 26.12 -17.28
N PHE B 559 -5.35 25.04 -16.52
CA PHE B 559 -4.17 24.80 -15.66
C PHE B 559 -2.91 24.75 -16.53
N VAL B 560 -2.95 23.91 -17.57
CA VAL B 560 -1.83 23.72 -18.54
C VAL B 560 -1.49 25.09 -19.16
N LYS B 561 -2.50 25.80 -19.63
CA LYS B 561 -2.39 27.14 -20.27
C LYS B 561 -1.51 28.04 -19.39
N THR B 562 -1.96 28.28 -18.16
CA THR B 562 -1.28 29.12 -17.13
C THR B 562 0.21 28.72 -17.07
N VAL B 563 0.48 27.44 -16.83
CA VAL B 563 1.86 26.91 -16.61
C VAL B 563 2.70 27.13 -17.87
N ILE B 564 2.23 26.66 -19.03
CA ILE B 564 3.00 26.69 -20.30
C ILE B 564 3.41 28.14 -20.61
N GLU B 565 2.46 29.09 -20.51
CA GLU B 565 2.70 30.53 -20.83
C GLU B 565 3.88 31.05 -19.99
N SER B 566 3.95 30.69 -18.72
CA SER B 566 5.04 31.10 -17.80
C SER B 566 6.41 30.96 -18.48
N GLN B 567 6.54 30.06 -19.48
CA GLN B 567 7.76 29.94 -20.32
C GLN B 567 7.45 30.23 -21.80
N TYR B 568 6.29 29.82 -22.31
CA TYR B 568 5.96 29.89 -23.77
C TYR B 568 4.93 31.00 -24.00
N THR B 569 5.40 32.25 -23.98
CA THR B 569 4.59 33.48 -24.06
C THR B 569 4.19 33.75 -25.52
N SER B 570 4.93 33.23 -26.50
CA SER B 570 4.69 33.47 -27.95
C SER B 570 5.09 32.24 -28.78
N ASP B 571 4.45 32.06 -29.94
CA ASP B 571 4.60 30.88 -30.84
C ASP B 571 6.07 30.74 -31.26
N HIS B 572 6.82 31.85 -31.33
CA HIS B 572 8.27 31.88 -31.64
C HIS B 572 9.01 30.94 -30.66
N VAL B 573 8.88 31.22 -29.35
CA VAL B 573 9.61 30.50 -28.25
C VAL B 573 9.51 28.99 -28.51
N VAL B 574 8.30 28.49 -28.81
CA VAL B 574 7.98 27.06 -29.07
C VAL B 574 8.78 26.62 -30.30
N GLN B 575 8.75 27.43 -31.37
CA GLN B 575 9.36 27.12 -32.69
C GLN B 575 10.89 27.02 -32.55
N LYS B 576 11.49 27.80 -31.64
CA LYS B 576 12.97 27.86 -31.47
C LYS B 576 13.41 26.93 -30.33
N ASP B 577 12.49 26.57 -29.41
CA ASP B 577 12.70 25.50 -28.41
C ASP B 577 13.35 24.31 -29.10
N PRO B 578 14.50 23.82 -28.60
CA PRO B 578 15.26 22.79 -29.31
C PRO B 578 14.55 21.42 -29.33
N TYR B 579 13.91 21.07 -28.21
CA TYR B 579 13.42 19.70 -27.90
C TYR B 579 12.07 19.44 -28.58
N ILE B 580 11.18 20.44 -28.65
CA ILE B 580 9.75 20.24 -29.07
C ILE B 580 9.69 19.65 -30.48
N GLY B 581 10.44 20.23 -31.43
CA GLY B 581 10.48 19.73 -32.82
C GLY B 581 10.83 18.26 -32.87
N GLY B 582 11.98 17.90 -32.30
CA GLY B 582 12.51 16.51 -32.27
C GLY B 582 11.66 15.60 -31.41
N TRP B 583 10.90 16.17 -30.47
CA TRP B 583 9.96 15.44 -29.57
C TRP B 583 8.74 15.00 -30.37
N CYS B 584 8.00 15.97 -30.93
CA CYS B 584 6.85 15.74 -31.85
C CYS B 584 7.26 14.71 -32.90
N LYS B 585 8.49 14.82 -33.41
CA LYS B 585 9.05 13.95 -34.46
C LYS B 585 9.22 12.54 -33.89
N GLU B 586 9.97 12.39 -32.79
CA GLU B 586 10.28 11.08 -32.16
C GLU B 586 9.00 10.24 -32.09
N ILE B 587 7.91 10.86 -31.61
CA ILE B 587 6.56 10.24 -31.44
C ILE B 587 6.03 9.84 -32.82
N GLN B 588 5.78 10.81 -33.70
CA GLN B 588 5.19 10.62 -35.05
C GLN B 588 5.91 9.50 -35.82
N THR B 589 7.19 9.26 -35.51
CA THR B 589 8.05 8.28 -36.23
C THR B 589 8.15 6.99 -35.42
N ASN B 590 8.95 7.01 -34.35
CA ASN B 590 9.32 5.81 -33.55
C ASN B 590 8.11 5.33 -32.76
N GLY B 591 7.41 6.27 -32.10
CA GLY B 591 6.17 6.00 -31.35
C GLY B 591 5.02 5.57 -32.24
N GLN B 592 5.15 5.82 -33.56
CA GLN B 592 4.16 5.44 -34.60
C GLN B 592 2.82 6.13 -34.30
N ILE B 593 2.86 7.39 -33.86
CA ILE B 593 1.64 8.22 -33.62
C ILE B 593 1.74 9.44 -34.54
N PRO B 594 1.61 9.25 -35.88
CA PRO B 594 1.68 10.37 -36.82
C PRO B 594 0.61 11.43 -36.53
N THR B 595 -0.52 11.00 -35.97
CA THR B 595 -1.64 11.89 -35.54
C THR B 595 -1.19 12.82 -34.42
N PHE B 596 -0.09 12.51 -33.71
CA PHE B 596 0.52 13.45 -32.73
C PHE B 596 0.95 14.70 -33.48
N PRO B 597 0.64 15.91 -32.97
CA PRO B 597 0.94 17.14 -33.70
C PRO B 597 2.43 17.45 -33.85
N THR B 598 2.84 18.03 -34.98
CA THR B 598 4.07 18.86 -35.09
C THR B 598 3.71 20.23 -34.53
N ILE B 599 4.06 20.49 -33.28
CA ILE B 599 3.62 21.71 -32.53
C ILE B 599 4.48 22.89 -32.97
N THR B 600 3.83 24.01 -33.28
CA THR B 600 4.46 25.33 -33.56
C THR B 600 3.85 26.39 -32.64
N THR B 601 2.52 26.36 -32.44
CA THR B 601 1.77 27.38 -31.67
C THR B 601 1.89 27.13 -30.17
N VAL B 602 1.38 28.07 -29.38
CA VAL B 602 1.18 27.91 -27.90
C VAL B 602 -0.04 27.00 -27.70
N GLU B 603 -1.11 27.23 -28.47
CA GLU B 603 -2.37 26.43 -28.44
C GLU B 603 -2.03 24.94 -28.60
N GLN B 604 -1.25 24.61 -29.64
CA GLN B 604 -0.91 23.21 -30.03
C GLN B 604 -0.19 22.51 -28.88
N LEU B 605 0.76 23.20 -28.23
CA LEU B 605 1.52 22.66 -27.08
C LEU B 605 0.53 22.36 -25.95
N ILE B 606 -0.25 23.37 -25.57
CA ILE B 606 -1.24 23.33 -24.45
C ILE B 606 -2.18 22.14 -24.62
N ASP B 607 -2.77 21.96 -25.80
CA ASP B 607 -3.69 20.84 -26.10
C ASP B 607 -2.94 19.52 -25.91
N ALA B 608 -1.81 19.33 -26.60
CA ALA B 608 -1.00 18.09 -26.55
C ALA B 608 -0.72 17.73 -25.08
N VAL B 609 -0.24 18.69 -24.31
CA VAL B 609 0.14 18.51 -22.87
C VAL B 609 -1.14 18.16 -22.08
N THR B 610 -2.24 18.85 -22.34
CA THR B 610 -3.57 18.59 -21.71
C THR B 610 -3.96 17.13 -22.00
N MET B 611 -4.05 16.77 -23.28
CA MET B 611 -4.38 15.40 -23.74
C MET B 611 -3.59 14.37 -22.93
N CYS B 612 -2.28 14.56 -22.79
CA CYS B 612 -1.36 13.59 -22.12
C CYS B 612 -1.84 13.33 -20.69
N ILE B 613 -2.31 14.37 -20.00
CA ILE B 613 -2.80 14.27 -18.59
C ILE B 613 -4.18 13.62 -18.63
N HIS B 614 -5.10 14.21 -19.40
CA HIS B 614 -6.44 13.66 -19.70
C HIS B 614 -6.35 12.15 -19.91
N THR B 615 -5.39 11.71 -20.74
CA THR B 615 -5.15 10.29 -21.08
C THR B 615 -4.61 9.55 -19.86
N ALA B 616 -3.62 10.11 -19.16
CA ALA B 616 -2.93 9.45 -18.03
C ALA B 616 -3.85 9.35 -16.81
N SER B 617 -4.90 10.17 -16.68
CA SER B 617 -5.71 10.18 -15.42
C SER B 617 -7.20 10.10 -15.70
N PRO B 618 -7.94 11.19 -15.98
CA PRO B 618 -9.40 11.11 -15.98
C PRO B 618 -9.90 10.07 -16.98
N GLN B 619 -9.23 9.91 -18.13
CA GLN B 619 -9.67 8.95 -19.17
C GLN B 619 -9.44 7.53 -18.65
N HIS B 620 -8.20 7.16 -18.30
CA HIS B 620 -7.89 5.82 -17.74
C HIS B 620 -8.94 5.51 -16.67
N THR B 621 -9.12 6.43 -15.72
CA THR B 621 -10.13 6.36 -14.64
C THR B 621 -11.55 6.20 -15.22
N ALA B 622 -11.94 6.99 -16.22
CA ALA B 622 -13.32 6.98 -16.78
C ALA B 622 -13.66 5.57 -17.31
N VAL B 623 -12.68 4.91 -17.91
CA VAL B 623 -12.85 3.60 -18.61
C VAL B 623 -12.21 2.49 -17.80
N ASN B 624 -12.02 2.69 -16.49
CA ASN B 624 -11.40 1.64 -15.63
C ASN B 624 -12.07 1.61 -14.25
N TYR B 625 -12.71 2.68 -13.79
CA TYR B 625 -13.19 2.78 -12.39
C TYR B 625 -14.39 1.84 -12.18
N LEU B 626 -15.29 1.74 -13.16
CA LEU B 626 -16.56 0.96 -13.05
C LEU B 626 -16.39 -0.43 -13.66
N GLN B 627 -15.16 -0.89 -13.89
CA GLN B 627 -14.89 -2.12 -14.68
C GLN B 627 -15.53 -3.31 -13.99
N ASP B 628 -15.37 -3.42 -12.67
CA ASP B 628 -15.96 -4.51 -11.86
C ASP B 628 -17.48 -4.44 -11.99
N TYR B 629 -18.07 -3.30 -11.65
CA TYR B 629 -19.53 -3.09 -11.57
C TYR B 629 -20.20 -3.62 -12.85
N TYR B 630 -19.69 -3.26 -14.03
CA TYR B 630 -20.35 -3.60 -15.32
C TYR B 630 -19.99 -5.03 -15.75
N TYR B 631 -18.76 -5.52 -15.48
CA TYR B 631 -18.25 -6.79 -16.05
C TYR B 631 -18.40 -7.98 -15.09
N SER B 632 -18.45 -7.77 -13.77
CA SER B 632 -18.37 -8.89 -12.78
C SER B 632 -19.65 -9.71 -12.81
N PHE B 633 -20.80 -9.11 -13.10
CA PHE B 633 -22.04 -9.87 -13.39
C PHE B 633 -22.08 -10.20 -14.89
N VAL B 634 -21.49 -11.34 -15.22
CA VAL B 634 -21.07 -11.70 -16.62
C VAL B 634 -22.26 -11.60 -17.57
N PRO B 635 -23.47 -12.11 -17.21
CA PRO B 635 -24.61 -12.09 -18.14
C PRO B 635 -25.00 -10.67 -18.60
N ALA B 636 -24.54 -9.62 -17.91
CA ALA B 636 -24.79 -8.21 -18.24
C ALA B 636 -23.81 -7.73 -19.32
N LYS B 637 -22.58 -8.26 -19.33
CA LYS B 637 -21.53 -7.87 -20.30
C LYS B 637 -20.48 -8.97 -20.37
N PRO B 638 -20.80 -10.10 -21.05
CA PRO B 638 -19.86 -11.20 -21.22
C PRO B 638 -18.85 -11.00 -22.35
N PRO B 639 -17.63 -11.58 -22.22
CA PRO B 639 -16.52 -11.28 -23.14
C PRO B 639 -16.64 -11.96 -24.52
N ALA B 640 -17.35 -13.07 -24.57
CA ALA B 640 -17.57 -13.85 -25.81
C ALA B 640 -18.76 -14.80 -25.63
N LEU B 641 -19.32 -15.26 -26.75
CA LEU B 641 -20.47 -16.19 -26.78
C LEU B 641 -19.94 -17.63 -26.65
N CYS B 642 -20.78 -18.54 -26.13
CA CYS B 642 -20.48 -19.99 -25.95
C CYS B 642 -21.37 -20.83 -26.87
N THR B 643 -22.05 -20.20 -27.82
CA THR B 643 -22.83 -20.87 -28.88
C THR B 643 -22.62 -20.09 -30.18
N PRO B 644 -22.39 -20.78 -31.33
CA PRO B 644 -22.31 -20.09 -32.60
C PRO B 644 -23.55 -19.23 -32.82
N LEU B 645 -23.40 -18.15 -33.59
CA LEU B 645 -24.51 -17.22 -33.90
C LEU B 645 -25.63 -18.03 -34.55
N PRO B 646 -26.90 -17.63 -34.37
CA PRO B 646 -28.00 -18.29 -35.09
C PRO B 646 -27.68 -18.18 -36.58
N GLN B 647 -28.01 -19.20 -37.37
CA GLN B 647 -27.57 -19.30 -38.79
C GLN B 647 -28.22 -18.18 -39.61
N ASP B 648 -29.47 -17.82 -39.30
CA ASP B 648 -30.26 -16.79 -40.03
C ASP B 648 -31.17 -16.05 -39.04
N LEU B 649 -31.93 -15.07 -39.53
CA LEU B 649 -32.90 -14.28 -38.70
C LEU B 649 -33.97 -15.22 -38.14
N SER B 650 -34.58 -16.07 -38.97
CA SER B 650 -35.60 -17.08 -38.57
C SER B 650 -35.19 -17.70 -37.22
N ALA B 651 -34.05 -18.39 -37.21
CA ALA B 651 -33.48 -19.05 -36.02
C ALA B 651 -33.53 -18.07 -34.84
N LEU B 652 -32.93 -16.89 -35.00
CA LEU B 652 -32.79 -15.86 -33.93
C LEU B 652 -34.13 -15.71 -33.21
N GLN B 653 -35.21 -15.42 -33.97
CA GLN B 653 -36.54 -15.12 -33.39
C GLN B 653 -37.07 -16.34 -32.64
N GLY B 654 -36.67 -17.55 -33.06
CA GLY B 654 -37.02 -18.82 -32.40
C GLY B 654 -36.24 -19.09 -31.13
N TYR B 655 -35.41 -18.13 -30.67
CA TYR B 655 -34.59 -18.27 -29.44
C TYR B 655 -35.48 -18.16 -28.21
N THR B 656 -35.16 -18.96 -27.18
CA THR B 656 -35.82 -18.97 -25.85
C THR B 656 -34.75 -18.82 -24.77
N GLU B 657 -35.17 -18.58 -23.52
CA GLU B 657 -34.24 -18.42 -22.36
C GLU B 657 -33.12 -19.44 -22.45
N LYS B 658 -33.45 -20.70 -22.78
CA LYS B 658 -32.50 -21.84 -22.86
C LYS B 658 -31.41 -21.56 -23.90
N ASP B 659 -31.74 -20.88 -25.01
CA ASP B 659 -30.76 -20.46 -26.06
C ASP B 659 -29.82 -19.40 -25.48
N LEU B 660 -30.38 -18.40 -24.77
CA LEU B 660 -29.62 -17.26 -24.19
C LEU B 660 -28.64 -17.80 -23.15
N THR B 661 -29.12 -18.64 -22.23
CA THR B 661 -28.32 -19.25 -21.14
C THR B 661 -27.25 -20.16 -21.75
N ALA B 662 -27.54 -20.78 -22.89
CA ALA B 662 -26.60 -21.68 -23.60
C ALA B 662 -25.41 -20.87 -24.11
N ALA B 663 -25.66 -19.63 -24.54
CA ALA B 663 -24.63 -18.69 -25.06
C ALA B 663 -23.74 -18.18 -23.91
N LEU B 664 -24.30 -18.02 -22.71
CA LEU B 664 -23.57 -17.49 -21.52
C LEU B 664 -22.68 -18.59 -20.94
N PRO B 665 -21.69 -18.22 -20.10
CA PRO B 665 -20.92 -19.19 -19.33
C PRO B 665 -21.60 -19.54 -17.99
N ILE B 666 -22.73 -20.26 -18.05
CA ILE B 666 -23.48 -20.72 -16.85
C ILE B 666 -23.50 -22.26 -16.84
N GLY B 667 -23.53 -22.86 -15.65
CA GLY B 667 -23.56 -24.32 -15.44
C GLY B 667 -22.16 -24.90 -15.34
N THR B 668 -22.04 -26.23 -15.43
CA THR B 668 -20.77 -26.99 -15.29
C THR B 668 -20.12 -27.19 -16.67
N GLU B 669 -20.91 -27.64 -17.66
CA GLU B 669 -20.42 -28.12 -18.98
C GLU B 669 -19.73 -26.99 -19.76
N ASP B 670 -18.91 -27.37 -20.74
CA ASP B 670 -18.21 -26.47 -21.70
C ASP B 670 -17.12 -25.68 -20.93
N MET B 671 -16.70 -26.16 -19.75
CA MET B 671 -15.71 -25.50 -18.87
C MET B 671 -16.09 -24.03 -18.66
N LYS B 672 -17.38 -23.74 -18.49
CA LYS B 672 -17.94 -22.36 -18.43
C LYS B 672 -17.57 -21.72 -17.08
N TRP B 673 -17.39 -22.53 -16.02
CA TRP B 673 -16.89 -22.09 -14.69
C TRP B 673 -15.66 -21.20 -14.86
N LYS B 674 -14.77 -21.56 -15.79
CA LYS B 674 -13.44 -20.92 -15.95
C LYS B 674 -13.63 -19.51 -16.53
N ASP B 675 -14.35 -19.41 -17.66
CA ASP B 675 -14.63 -18.12 -18.35
C ASP B 675 -15.21 -17.13 -17.34
N TRP B 676 -16.19 -17.56 -16.54
CA TRP B 676 -16.83 -16.71 -15.51
C TRP B 676 -15.75 -16.16 -14.59
N LEU B 677 -14.93 -17.04 -14.02
CA LEU B 677 -13.83 -16.66 -13.10
C LEU B 677 -13.03 -15.53 -13.76
N LEU B 678 -12.37 -15.80 -14.88
CA LEU B 678 -11.48 -14.84 -15.57
C LEU B 678 -12.27 -13.57 -15.90
N ALA B 679 -13.34 -13.68 -16.70
CA ALA B 679 -14.18 -12.54 -17.15
C ALA B 679 -14.50 -11.59 -15.98
N ALA B 680 -14.75 -12.15 -14.79
CA ALA B 680 -15.07 -11.40 -13.55
C ALA B 680 -13.78 -10.99 -12.84
N GLN B 681 -12.76 -11.86 -12.86
CA GLN B 681 -11.41 -11.60 -12.31
C GLN B 681 -10.78 -10.40 -13.03
N LEU B 682 -10.93 -10.31 -14.36
CA LEU B 682 -10.18 -9.33 -15.19
C LEU B 682 -10.24 -7.95 -14.52
N PRO B 683 -11.43 -7.36 -14.23
CA PRO B 683 -11.50 -6.10 -13.50
C PRO B 683 -10.54 -6.03 -12.31
N GLU B 684 -10.61 -7.01 -11.40
CA GLU B 684 -9.82 -7.00 -10.15
C GLU B 684 -8.32 -6.96 -10.49
N LEU B 685 -7.89 -7.60 -11.58
CA LEU B 685 -6.47 -7.56 -12.02
C LEU B 685 -6.10 -6.11 -12.38
N LEU B 686 -6.97 -5.44 -13.14
CA LEU B 686 -6.74 -4.06 -13.64
C LEU B 686 -6.99 -3.01 -12.55
N SER B 687 -7.82 -3.32 -11.55
CA SER B 687 -8.12 -2.47 -10.37
C SER B 687 -6.86 -2.04 -9.59
N TYR B 688 -5.76 -2.81 -9.67
CA TYR B 688 -4.44 -2.50 -9.07
C TYR B 688 -4.14 -1.00 -9.22
N TYR B 694 -3.76 8.21 -6.17
CA TYR B 694 -3.23 8.54 -7.51
C TYR B 694 -4.25 9.40 -8.28
N ASN B 695 -4.67 10.52 -7.68
CA ASN B 695 -5.74 11.41 -8.23
C ASN B 695 -5.15 12.81 -8.49
N LEU B 696 -5.96 13.71 -9.04
CA LEU B 696 -5.55 15.07 -9.47
C LEU B 696 -5.42 16.00 -8.27
N ILE B 697 -6.40 16.03 -7.36
CA ILE B 697 -6.37 16.95 -6.18
C ILE B 697 -4.98 16.84 -5.54
N THR B 698 -4.59 15.62 -5.16
CA THR B 698 -3.30 15.32 -4.50
C THR B 698 -2.16 15.87 -5.36
N TYR B 699 -2.23 15.70 -6.69
CA TYR B 699 -1.27 16.30 -7.64
C TYR B 699 -1.17 17.79 -7.35
N ALA B 700 -2.29 18.51 -7.48
CA ALA B 700 -2.38 19.97 -7.30
C ALA B 700 -1.79 20.34 -5.93
N LYS B 701 -2.39 19.82 -4.86
CA LYS B 701 -1.93 20.01 -3.47
C LYS B 701 -0.41 19.88 -3.40
N SER B 702 0.13 18.81 -4.01
CA SER B 702 1.58 18.48 -3.97
C SER B 702 2.36 19.53 -4.78
N LEU B 703 1.89 19.84 -5.99
CA LEU B 703 2.57 20.79 -6.90
C LEU B 703 2.61 22.17 -6.24
N TYR B 704 1.57 22.52 -5.47
CA TYR B 704 1.47 23.78 -4.70
C TYR B 704 2.51 23.78 -3.57
N ASN B 705 2.59 22.70 -2.81
CA ASN B 705 3.38 22.61 -1.55
C ASN B 705 4.87 22.45 -1.85
N VAL B 706 5.29 22.34 -3.12
CA VAL B 706 6.74 22.34 -3.50
C VAL B 706 7.11 23.69 -4.10
N ASN B 707 6.18 24.34 -4.80
CA ASN B 707 6.40 25.67 -5.45
C ASN B 707 5.92 26.78 -4.49
N LYS B 708 6.15 26.63 -3.19
CA LYS B 708 5.77 27.63 -2.16
C LYS B 708 7.04 28.29 -1.59
N ASN B 709 8.18 28.13 -2.27
CA ASN B 709 9.54 28.45 -1.73
C ASN B 709 10.02 29.82 -2.26
N ARG B 710 11.19 30.26 -1.78
CA ARG B 710 11.85 31.53 -2.13
C ARG B 710 12.12 31.58 -3.65
N PHE B 718 11.03 29.20 -17.01
CA PHE B 718 9.75 29.04 -16.28
C PHE B 718 9.79 29.87 -14.99
N ASN B 719 8.64 30.01 -14.31
CA ASN B 719 8.49 30.74 -13.02
C ASN B 719 7.67 29.88 -12.05
N CYS B 720 8.23 29.62 -10.88
CA CYS B 720 7.69 28.68 -9.85
C CYS B 720 6.45 29.26 -9.16
N LYS B 721 6.33 30.58 -9.06
CA LYS B 721 5.18 31.28 -8.40
C LYS B 721 3.95 31.18 -9.30
N THR B 722 4.10 31.46 -10.60
CA THR B 722 3.04 31.32 -11.62
C THR B 722 2.55 29.86 -11.62
N ILE B 723 3.50 28.91 -11.57
CA ILE B 723 3.21 27.45 -11.38
C ILE B 723 2.31 27.32 -10.15
N LYS B 724 2.77 27.81 -9.01
CA LYS B 724 2.09 27.68 -7.69
C LYS B 724 0.64 28.14 -7.85
N LYS B 725 0.43 29.32 -8.43
CA LYS B 725 -0.93 29.85 -8.73
C LYS B 725 -1.71 28.79 -9.50
N ALA B 726 -1.24 28.45 -10.71
CA ALA B 726 -1.84 27.42 -11.58
C ALA B 726 -2.41 26.32 -10.70
N ALA B 727 -1.58 25.81 -9.76
CA ALA B 727 -1.93 24.71 -8.83
C ALA B 727 -3.15 25.12 -7.99
N ALA B 728 -3.04 26.22 -7.24
CA ALA B 728 -4.04 26.63 -6.21
C ALA B 728 -5.36 27.06 -6.87
N ASP B 729 -5.34 27.40 -8.16
CA ASP B 729 -6.58 27.64 -8.95
C ASP B 729 -7.14 26.27 -9.39
N PHE B 730 -6.29 25.47 -10.01
CA PHE B 730 -6.59 24.08 -10.47
C PHE B 730 -7.24 23.31 -9.32
N TYR B 731 -6.60 23.30 -8.14
CA TYR B 731 -7.13 22.72 -6.88
C TYR B 731 -8.59 23.13 -6.70
N SER B 732 -8.87 24.43 -6.79
CA SER B 732 -10.23 25.01 -6.56
C SER B 732 -11.14 24.57 -7.71
N HIS B 733 -10.74 24.85 -8.95
CA HIS B 733 -11.53 24.57 -10.18
C HIS B 733 -12.05 23.13 -10.13
N LEU B 734 -11.16 22.18 -9.80
CA LEU B 734 -11.53 20.75 -9.67
C LEU B 734 -12.68 20.62 -8.67
N LYS B 735 -12.46 21.07 -7.43
CA LYS B 735 -13.42 20.91 -6.31
C LYS B 735 -14.78 21.51 -6.69
N SER B 736 -14.79 22.70 -7.31
CA SER B 736 -16.01 23.40 -7.77
C SER B 736 -16.65 22.62 -8.93
N ALA B 737 -15.85 22.06 -9.83
CA ALA B 737 -16.30 21.19 -10.93
C ALA B 737 -16.83 19.87 -10.36
N GLY B 738 -16.20 19.38 -9.28
CA GLY B 738 -16.60 18.16 -8.56
C GLY B 738 -18.07 18.21 -8.15
N VAL B 739 -18.55 19.39 -7.71
CA VAL B 739 -20.00 19.62 -7.40
C VAL B 739 -20.77 19.43 -8.72
N GLU B 740 -20.38 20.18 -9.75
CA GLU B 740 -21.08 20.22 -11.07
C GLU B 740 -21.18 18.82 -11.67
N PHE B 741 -20.18 17.95 -11.42
CA PHE B 741 -20.19 16.53 -11.85
C PHE B 741 -21.37 15.82 -11.19
N GLU B 742 -21.49 15.96 -9.87
CA GLU B 742 -22.50 15.22 -9.05
C GLU B 742 -23.91 15.68 -9.47
N ASN B 743 -24.05 16.91 -9.99
CA ASN B 743 -25.34 17.43 -10.52
C ASN B 743 -25.72 16.62 -11.76
N TYR B 744 -24.79 16.48 -12.72
CA TYR B 744 -25.03 15.72 -13.98
C TYR B 744 -25.41 14.27 -13.64
N SER B 745 -24.89 13.73 -12.54
CA SER B 745 -25.21 12.36 -12.05
C SER B 745 -26.67 12.33 -11.60
N LYS B 746 -27.09 13.31 -10.80
CA LYS B 746 -28.50 13.48 -10.34
C LYS B 746 -29.39 13.85 -11.54
N GLY B 747 -28.87 14.64 -12.49
CA GLY B 747 -29.60 15.26 -13.59
C GLY B 747 -30.07 14.27 -14.64
N GLN B 748 -29.58 13.01 -14.58
CA GLN B 748 -30.04 11.90 -15.46
C GLN B 748 -31.50 11.62 -15.15
N THR B 749 -32.28 11.15 -16.13
CA THR B 749 -33.72 10.79 -15.97
C THR B 749 -33.88 9.80 -14.81
N ALA B 750 -35.11 9.65 -14.30
CA ALA B 750 -35.45 8.74 -13.18
C ALA B 750 -34.66 7.43 -13.29
N GLY B 751 -33.99 7.04 -12.21
CA GLY B 751 -33.47 5.68 -11.99
C GLY B 751 -32.19 5.37 -12.73
N THR B 752 -31.74 6.27 -13.62
CA THR B 752 -30.52 6.06 -14.46
C THR B 752 -29.30 6.08 -13.54
N VAL B 753 -28.53 4.98 -13.52
CA VAL B 753 -27.43 4.72 -12.55
C VAL B 753 -26.44 5.90 -12.56
N GLU B 754 -25.89 6.21 -11.38
CA GLU B 754 -24.97 7.35 -11.12
C GLU B 754 -23.75 7.25 -12.05
N TYR B 755 -23.12 8.40 -12.34
CA TYR B 755 -21.76 8.48 -12.94
C TYR B 755 -20.88 9.22 -11.94
N PRO B 756 -20.32 8.51 -10.94
CA PRO B 756 -19.59 9.14 -9.84
C PRO B 756 -18.07 9.18 -10.05
N VAL B 757 -17.63 8.97 -11.29
CA VAL B 757 -16.30 8.39 -11.62
C VAL B 757 -15.18 9.44 -11.45
N LEU B 758 -15.44 10.70 -11.82
CA LEU B 758 -14.41 11.77 -11.81
C LEU B 758 -14.49 12.56 -10.50
N GLN B 759 -15.01 11.94 -9.44
CA GLN B 759 -15.16 12.59 -8.11
C GLN B 759 -13.82 12.55 -7.39
N PRO B 760 -13.31 13.71 -6.94
CA PRO B 760 -12.18 13.76 -6.00
C PRO B 760 -12.39 12.93 -4.73
FE FE2 C . 10.10 -2.03 14.18
FE FE2 D . -5.36 0.35 -16.86
#